data_4M49
#
_entry.id   4M49
#
_cell.length_a   168.379
_cell.length_b   81.821
_cell.length_c   120.665
_cell.angle_alpha   90.00
_cell.angle_beta   117.65
_cell.angle_gamma   90.00
#
_symmetry.space_group_name_H-M   'C 1 2 1'
#
loop_
_entity.id
_entity.type
_entity.pdbx_description
1 polymer 'L-lactate dehydrogenase A chain'
2 non-polymer '1,4-DIHYDRONICOTINAMIDE ADENINE DINUCLEOTIDE'
3 non-polymer '4-(2-HYDROXYETHYL)-1-PIPERAZINE ETHANESULFONIC ACID'
4 non-polymer '3-(5-amino-6-{[(1R)-1-phenylethyl]amino}pyrazin-2-yl)-4-chlorobenzoic acid'
5 non-polymer 'SULFATE ION'
6 non-polymer 'LACTIC ACID'
7 water water
#
_entity_poly.entity_id   1
_entity_poly.type   'polypeptide(L)'
_entity_poly.pdbx_seq_one_letter_code
;ATLKDQLIYNLLKEEQTPQNKITVVGVGAVGMACAISILMKDLADELALVDVIEDKLKGEMMDLQHGSLFLRTPKIVSGK
DYNVTANSKLVIITAGARQQEGESRLNLVQRNVNIFKFIIPNVVKYSPNCKLLIVSNPVDILTYVAWKISGFPKNRVIGS
GCNLDSARFRYLMGERLGVHPLSCHGWVLGEHGDSSVPVWSGMNVAGVSLKTLHPDLGTDKDKEQWKEVHKQVVESAYEV
IKLKGYTSWAIGLSVADLAESIMKNLRRVHPVSTMIKGLYGIKDDVFLSVPCILGQNGISDLVKVTLTSEEEARLKKSAD
TLWGIQKELQF
;
_entity_poly.pdbx_strand_id   A,B,C,D
#
loop_
_chem_comp.id
_chem_comp.type
_chem_comp.name
_chem_comp.formula
22Y non-polymer '3-(5-amino-6-{[(1R)-1-phenylethyl]amino}pyrazin-2-yl)-4-chlorobenzoic acid' 'C19 H17 Cl N4 O2'
EPE non-polymer '4-(2-HYDROXYETHYL)-1-PIPERAZINE ETHANESULFONIC ACID' 'C8 H18 N2 O4 S'
LAC non-polymer 'LACTIC ACID' 'C3 H6 O3'
NAI non-polymer '1,4-DIHYDRONICOTINAMIDE ADENINE DINUCLEOTIDE' 'C21 H29 N7 O14 P2'
SO4 non-polymer 'SULFATE ION' 'O4 S -2'
#
# COMPACT_ATOMS: atom_id res chain seq x y z
N ALA A 1 9.85 40.87 2.07
CA ALA A 1 10.77 39.76 2.28
C ALA A 1 10.70 38.77 1.12
N THR A 2 11.26 37.59 1.31
CA THR A 2 11.24 36.55 0.27
C THR A 2 9.82 36.09 -0.04
N LEU A 3 9.66 35.46 -1.20
CA LEU A 3 8.38 34.87 -1.54
C LEU A 3 8.01 33.84 -0.46
N LYS A 4 8.95 32.99 -0.09
CA LYS A 4 8.75 32.05 1.02
C LYS A 4 8.19 32.71 2.29
N ASP A 5 8.80 33.80 2.74
CA ASP A 5 8.33 34.46 3.96
C ASP A 5 6.96 35.12 3.80
N GLN A 6 6.68 35.62 2.59
CA GLN A 6 5.36 36.19 2.31
CA GLN A 6 5.38 36.19 2.25
C GLN A 6 4.31 35.11 2.35
N LEU A 7 4.68 33.92 1.88
CA LEU A 7 3.76 32.78 1.80
C LEU A 7 3.59 32.03 3.11
N ILE A 8 4.68 31.86 3.85
CA ILE A 8 4.68 30.93 4.96
C ILE A 8 5.15 31.60 6.25
N TYR A 9 4.35 31.46 7.31
CA TYR A 9 4.78 31.83 8.65
C TYR A 9 5.33 30.59 9.40
N ASN A 10 6.49 30.76 10.01
CA ASN A 10 7.18 29.67 10.71
C ASN A 10 6.89 29.68 12.21
N LEU A 11 6.49 28.53 12.76
CA LEU A 11 6.28 28.38 14.19
C LEU A 11 7.52 27.95 14.96
N LEU A 12 8.31 27.06 14.37
CA LEU A 12 9.52 26.57 15.03
C LEU A 12 10.47 26.02 13.99
N LYS A 13 11.77 26.05 14.30
CA LYS A 13 12.76 25.69 13.31
C LYS A 13 13.39 24.33 13.60
N GLU A 14 12.56 23.33 13.86
CA GLU A 14 13.03 21.97 14.04
C GLU A 14 14.29 21.96 14.90
N GLU A 15 15.19 20.98 14.71
CA GLU A 15 14.94 19.84 13.84
C GLU A 15 15.29 18.55 14.58
N GLN A 16 14.47 17.52 14.34
CA GLN A 16 14.63 16.27 15.08
C GLN A 16 15.74 15.39 14.53
N THR A 17 16.34 14.63 15.44
CA THR A 17 17.18 13.52 15.05
C THR A 17 16.29 12.63 14.17
N PRO A 18 16.91 11.94 13.19
CA PRO A 18 16.13 11.03 12.33
C PRO A 18 15.39 9.98 13.15
N GLN A 19 14.13 9.69 12.78
CA GLN A 19 13.29 8.77 13.56
C GLN A 19 13.17 7.35 13.00
N ASN A 20 13.11 7.25 11.67
CA ASN A 20 12.99 5.95 11.02
C ASN A 20 13.91 5.86 9.82
N LYS A 21 15.20 6.02 10.07
CA LYS A 21 16.19 6.15 9.01
C LYS A 21 16.85 4.82 8.63
N ILE A 22 17.02 4.62 7.32
CA ILE A 22 17.72 3.47 6.78
C ILE A 22 18.89 3.96 5.94
N THR A 23 20.02 3.28 6.02
CA THR A 23 21.15 3.58 5.16
C THR A 23 21.46 2.39 4.26
N VAL A 24 21.69 2.65 2.98
CA VAL A 24 22.21 1.61 2.08
C VAL A 24 23.65 1.94 1.69
N VAL A 25 24.55 1.01 1.97
CA VAL A 25 25.95 1.22 1.68
C VAL A 25 26.31 0.45 0.42
N GLY A 26 26.70 1.18 -0.62
CA GLY A 26 26.96 0.59 -1.92
C GLY A 26 25.76 0.80 -2.83
N VAL A 27 25.94 1.60 -3.88
CA VAL A 27 24.86 1.85 -4.84
C VAL A 27 25.03 1.12 -6.19
N GLY A 28 25.61 -0.08 -6.15
CA GLY A 28 25.64 -0.94 -7.32
C GLY A 28 24.22 -1.39 -7.66
N ALA A 29 24.10 -2.40 -8.52
CA ALA A 29 22.78 -2.93 -8.88
C ALA A 29 21.94 -3.40 -7.68
N VAL A 30 22.59 -4.09 -6.74
CA VAL A 30 21.88 -4.62 -5.57
C VAL A 30 21.50 -3.49 -4.59
N GLY A 31 22.43 -2.57 -4.36
CA GLY A 31 22.14 -1.44 -3.49
C GLY A 31 20.91 -0.65 -3.95
N MET A 32 20.87 -0.32 -5.24
CA MET A 32 19.78 0.52 -5.73
C MET A 32 18.47 -0.24 -5.80
N ALA A 33 18.52 -1.56 -5.93
CA ALA A 33 17.28 -2.33 -5.96
C ALA A 33 16.71 -2.39 -4.53
N CYS A 34 17.58 -2.57 -3.54
CA CYS A 34 17.17 -2.43 -2.15
C CYS A 34 16.53 -1.05 -1.91
N ALA A 35 17.21 -0.02 -2.38
CA ALA A 35 16.75 1.35 -2.18
C ALA A 35 15.35 1.56 -2.75
N ILE A 36 15.15 1.17 -4.01
CA ILE A 36 13.86 1.48 -4.65
C ILE A 36 12.75 0.65 -3.98
N SER A 37 13.07 -0.57 -3.58
CA SER A 37 12.08 -1.42 -2.94
C SER A 37 11.71 -0.85 -1.57
N ILE A 38 12.70 -0.35 -0.85
CA ILE A 38 12.44 0.27 0.44
C ILE A 38 11.62 1.54 0.27
N LEU A 39 11.98 2.35 -0.71
CA LEU A 39 11.21 3.58 -0.98
C LEU A 39 9.76 3.28 -1.33
N MET A 40 9.55 2.24 -2.12
CA MET A 40 8.22 1.85 -2.60
CA MET A 40 8.19 1.97 -2.56
C MET A 40 7.35 1.27 -1.51
N LYS A 41 7.97 0.79 -0.44
CA LYS A 41 7.21 0.17 0.64
C LYS A 41 7.03 1.11 1.83
N ASP A 42 7.48 2.35 1.70
CA ASP A 42 7.29 3.38 2.73
C ASP A 42 7.84 2.94 4.09
N LEU A 43 9.06 2.39 4.11
CA LEU A 43 9.64 1.87 5.34
C LEU A 43 10.44 2.91 6.13
N ALA A 44 10.77 4.03 5.50
CA ALA A 44 11.69 4.98 6.11
C ALA A 44 11.23 6.42 5.98
N ASP A 45 11.58 7.25 6.96
CA ASP A 45 11.30 8.68 6.80
C ASP A 45 12.54 9.40 6.27
N GLU A 46 13.66 8.67 6.22
CA GLU A 46 14.89 9.21 5.67
C GLU A 46 15.72 8.07 5.11
N LEU A 47 16.21 8.23 3.89
CA LEU A 47 17.08 7.23 3.26
C LEU A 47 18.44 7.82 2.96
N ALA A 48 19.50 7.15 3.41
CA ALA A 48 20.86 7.60 3.10
C ALA A 48 21.58 6.61 2.20
N LEU A 49 22.34 7.13 1.24
CA LEU A 49 23.14 6.28 0.36
C LEU A 49 24.61 6.62 0.50
N VAL A 50 25.44 5.60 0.58
CA VAL A 50 26.89 5.76 0.59
C VAL A 50 27.56 4.89 -0.46
N ASP A 51 28.55 5.47 -1.14
CA ASP A 51 29.41 4.69 -2.02
C ASP A 51 30.77 5.40 -2.08
N VAL A 52 31.71 4.79 -2.79
CA VAL A 52 33.01 5.41 -2.97
C VAL A 52 33.14 6.07 -4.36
N ILE A 53 32.22 5.74 -5.27
CA ILE A 53 32.22 6.36 -6.59
C ILE A 53 31.29 7.57 -6.57
N GLU A 54 31.88 8.75 -6.51
CA GLU A 54 31.15 9.96 -6.18
C GLU A 54 30.15 10.45 -7.22
N ASP A 55 30.53 10.45 -8.50
CA ASP A 55 29.60 10.89 -9.54
CA ASP A 55 29.61 10.88 -9.55
C ASP A 55 28.39 9.96 -9.61
N LYS A 56 28.67 8.66 -9.66
CA LYS A 56 27.64 7.62 -9.65
C LYS A 56 26.67 7.77 -8.46
N LEU A 57 27.22 8.00 -7.28
CA LEU A 57 26.44 8.14 -6.07
C LEU A 57 25.51 9.34 -6.17
N LYS A 58 26.06 10.47 -6.59
CA LYS A 58 25.27 11.70 -6.68
C LYS A 58 24.12 11.52 -7.68
N GLY A 59 24.41 10.91 -8.83
CA GLY A 59 23.44 10.69 -9.88
C GLY A 59 22.27 9.81 -9.48
N GLU A 60 22.57 8.74 -8.76
CA GLU A 60 21.53 7.86 -8.22
C GLU A 60 20.62 8.62 -7.25
N MET A 61 21.24 9.36 -6.33
CA MET A 61 20.50 10.16 -5.39
C MET A 61 19.55 11.12 -6.11
N MET A 62 20.08 11.86 -7.07
CA MET A 62 19.28 12.82 -7.82
C MET A 62 18.11 12.17 -8.53
N ASP A 63 18.35 10.99 -9.11
CA ASP A 63 17.33 10.32 -9.92
C ASP A 63 16.15 9.99 -9.01
N LEU A 64 16.47 9.43 -7.84
CA LEU A 64 15.49 9.11 -6.83
C LEU A 64 14.73 10.36 -6.36
N GLN A 65 15.47 11.41 -6.06
CA GLN A 65 14.87 12.65 -5.61
C GLN A 65 13.87 13.19 -6.63
N HIS A 66 14.15 13.01 -7.91
CA HIS A 66 13.25 13.51 -8.94
C HIS A 66 11.91 12.79 -8.91
N GLY A 67 11.88 11.62 -8.27
CA GLY A 67 10.64 10.85 -8.13
C GLY A 67 9.89 11.11 -6.82
N SER A 68 10.35 12.09 -6.04
CA SER A 68 9.80 12.41 -4.71
C SER A 68 8.29 12.63 -4.68
N LEU A 69 7.76 13.29 -5.71
CA LEU A 69 6.32 13.47 -5.84
C LEU A 69 5.57 12.14 -5.74
N PHE A 70 6.20 11.04 -6.14
CA PHE A 70 5.50 9.77 -6.18
C PHE A 70 5.81 8.90 -4.96
N LEU A 71 6.55 9.46 -4.00
CA LEU A 71 7.02 8.71 -2.83
C LEU A 71 6.55 9.35 -1.53
N ARG A 72 6.71 8.64 -0.42
CA ARG A 72 6.36 9.18 0.90
C ARG A 72 7.56 9.06 1.82
N THR A 73 8.74 9.34 1.25
CA THR A 73 9.99 9.31 2.01
C THR A 73 10.59 10.66 1.76
N PRO A 74 10.44 11.58 2.73
CA PRO A 74 10.59 13.00 2.40
C PRO A 74 12.05 13.44 2.29
N LYS A 75 12.99 12.61 2.73
CA LYS A 75 14.40 13.01 2.74
C LYS A 75 15.31 11.90 2.25
N ILE A 76 16.02 12.18 1.16
CA ILE A 76 16.96 11.24 0.56
C ILE A 76 18.28 11.97 0.46
N VAL A 77 19.33 11.39 1.05
CA VAL A 77 20.64 12.01 1.09
C VAL A 77 21.72 10.99 0.74
N SER A 78 22.89 11.48 0.33
CA SER A 78 23.99 10.61 -0.02
C SER A 78 25.33 11.27 0.27
N GLY A 79 26.38 10.47 0.34
CA GLY A 79 27.71 11.00 0.54
C GLY A 79 28.74 9.91 0.72
N LYS A 80 29.99 10.26 0.43
CA LYS A 80 31.12 9.36 0.66
C LYS A 80 31.38 9.32 2.16
N ASP A 81 31.17 10.45 2.82
CA ASP A 81 31.37 10.59 4.26
C ASP A 81 30.19 9.99 5.01
N TYR A 82 30.48 9.23 6.06
CA TYR A 82 29.44 8.52 6.80
C TYR A 82 28.59 9.40 7.73
N ASN A 83 28.89 10.68 7.78
CA ASN A 83 28.07 11.56 8.60
C ASN A 83 26.63 11.64 8.07
N VAL A 84 26.43 11.34 6.79
CA VAL A 84 25.06 11.34 6.23
C VAL A 84 24.26 10.17 6.77
N THR A 85 24.97 9.18 7.33
CA THR A 85 24.33 7.98 7.85
C THR A 85 23.94 8.06 9.35
N ALA A 86 24.23 9.18 9.99
CA ALA A 86 24.00 9.29 11.45
C ALA A 86 22.57 8.93 11.88
N ASN A 87 22.48 8.22 13.00
CA ASN A 87 21.19 7.86 13.59
C ASN A 87 20.31 6.96 12.73
N SER A 88 20.94 6.08 11.95
CA SER A 88 20.17 5.10 11.20
C SER A 88 19.71 3.98 12.12
N LYS A 89 18.45 3.56 11.98
CA LYS A 89 17.95 2.40 12.70
C LYS A 89 18.49 1.12 12.07
N LEU A 90 18.59 1.15 10.74
CA LEU A 90 19.00 -0.02 9.97
C LEU A 90 20.01 0.37 8.90
N VAL A 91 21.18 -0.27 8.93
CA VAL A 91 22.20 -0.04 7.91
C VAL A 91 22.45 -1.30 7.07
N ILE A 92 22.20 -1.18 5.77
CA ILE A 92 22.30 -2.32 4.86
C ILE A 92 23.59 -2.26 4.05
N ILE A 93 24.41 -3.31 4.20
CA ILE A 93 25.70 -3.36 3.51
C ILE A 93 25.60 -4.23 2.25
N THR A 94 25.77 -3.61 1.09
CA THR A 94 25.84 -4.34 -0.17
C THR A 94 27.18 -4.07 -0.84
N ALA A 95 28.05 -3.30 -0.18
CA ALA A 95 29.34 -3.01 -0.77
C ALA A 95 30.26 -4.23 -0.75
N GLY A 96 31.16 -4.30 -1.71
CA GLY A 96 32.16 -5.37 -1.74
C GLY A 96 32.91 -5.40 -3.04
N ALA A 97 33.90 -6.29 -3.12
CA ALA A 97 34.68 -6.46 -4.34
C ALA A 97 34.30 -7.75 -5.04
N ARG A 98 33.99 -7.69 -6.33
CA ARG A 98 33.59 -8.88 -7.08
C ARG A 98 34.78 -9.82 -7.27
N GLN A 99 34.52 -11.12 -7.19
CA GLN A 99 35.58 -12.12 -7.24
C GLN A 99 36.30 -12.13 -8.59
N GLN A 100 37.63 -12.18 -8.53
CA GLN A 100 38.45 -12.20 -9.73
C GLN A 100 38.54 -13.60 -10.29
N GLU A 101 38.84 -13.69 -11.59
CA GLU A 101 39.06 -14.97 -12.23
C GLU A 101 40.24 -15.70 -11.59
N GLY A 102 40.05 -16.98 -11.32
CA GLY A 102 41.10 -17.80 -10.74
C GLY A 102 41.61 -17.25 -9.43
N GLU A 103 40.67 -16.89 -8.55
CA GLU A 103 41.01 -16.42 -7.21
C GLU A 103 40.44 -17.36 -6.16
N SER A 104 41.24 -17.66 -5.15
CA SER A 104 40.81 -18.56 -4.08
C SER A 104 39.76 -17.92 -3.18
N ARG A 105 38.93 -18.77 -2.58
CA ARG A 105 37.94 -18.32 -1.62
C ARG A 105 38.57 -17.35 -0.64
N LEU A 106 39.66 -17.80 -0.02
CA LEU A 106 40.30 -17.05 1.05
C LEU A 106 40.70 -15.64 0.62
N ASN A 107 41.32 -15.53 -0.55
CA ASN A 107 41.80 -14.25 -1.03
C ASN A 107 40.69 -13.27 -1.38
N LEU A 108 39.59 -13.79 -1.89
CA LEU A 108 38.42 -12.96 -2.20
C LEU A 108 37.86 -12.39 -0.91
N VAL A 109 37.56 -13.28 0.02
CA VAL A 109 37.07 -12.89 1.32
C VAL A 109 37.98 -11.84 1.95
N GLN A 110 39.28 -12.12 1.96
CA GLN A 110 40.24 -11.21 2.57
C GLN A 110 40.16 -9.82 1.94
N ARG A 111 39.83 -9.78 0.64
CA ARG A 111 39.68 -8.50 -0.05
C ARG A 111 38.44 -7.75 0.44
N ASN A 112 37.37 -8.48 0.70
CA ASN A 112 36.17 -7.88 1.26
C ASN A 112 36.36 -7.48 2.72
N VAL A 113 37.20 -8.22 3.43
CA VAL A 113 37.53 -7.91 4.80
C VAL A 113 38.26 -6.57 4.87
N ASN A 114 39.09 -6.30 3.87
CA ASN A 114 39.82 -5.04 3.85
C ASN A 114 38.87 -3.88 3.62
N ILE A 115 37.78 -4.15 2.91
CA ILE A 115 36.75 -3.13 2.67
C ILE A 115 35.94 -2.90 3.93
N PHE A 116 35.58 -3.99 4.61
CA PHE A 116 34.78 -3.91 5.82
C PHE A 116 35.53 -3.23 6.96
N LYS A 117 36.84 -3.41 7.02
CA LYS A 117 37.65 -2.77 8.06
C LYS A 117 37.47 -1.26 8.02
N PHE A 118 37.08 -0.74 6.87
CA PHE A 118 36.86 0.69 6.72
C PHE A 118 35.38 1.05 6.89
N ILE A 119 34.52 0.27 6.25
CA ILE A 119 33.09 0.55 6.29
C ILE A 119 32.49 0.42 7.69
N ILE A 120 32.74 -0.71 8.34
CA ILE A 120 32.02 -1.03 9.57
C ILE A 120 32.28 -0.02 10.70
N PRO A 121 33.56 0.28 10.95
CA PRO A 121 33.85 1.26 12.00
C PRO A 121 33.18 2.61 11.70
N ASN A 122 33.13 3.01 10.43
CA ASN A 122 32.44 4.25 10.09
C ASN A 122 30.95 4.18 10.39
N VAL A 123 30.33 3.05 10.06
CA VAL A 123 28.93 2.85 10.36
C VAL A 123 28.69 2.93 11.86
N VAL A 124 29.48 2.19 12.62
CA VAL A 124 29.34 2.13 14.07
C VAL A 124 29.50 3.49 14.71
N LYS A 125 30.46 4.26 14.21
CA LYS A 125 30.70 5.61 14.71
C LYS A 125 29.45 6.51 14.65
N TYR A 126 28.70 6.45 13.56
CA TYR A 126 27.56 7.36 13.38
C TYR A 126 26.19 6.82 13.81
N SER A 127 26.08 5.50 13.88
CA SER A 127 24.86 4.85 14.33
C SER A 127 25.26 3.69 15.22
N PRO A 128 25.79 3.99 16.42
CA PRO A 128 26.30 2.96 17.33
C PRO A 128 25.24 1.95 17.74
N ASN A 129 23.97 2.32 17.59
CA ASN A 129 22.90 1.43 18.01
C ASN A 129 22.03 0.82 16.91
N CYS A 130 22.49 0.90 15.67
CA CYS A 130 21.71 0.39 14.53
C CYS A 130 21.73 -1.13 14.48
N LYS A 131 20.85 -1.70 13.65
CA LYS A 131 20.98 -3.09 13.20
C LYS A 131 21.75 -3.10 11.89
N LEU A 132 22.68 -4.04 11.76
CA LEU A 132 23.41 -4.24 10.52
C LEU A 132 22.78 -5.38 9.74
N LEU A 133 22.52 -5.15 8.46
CA LEU A 133 22.06 -6.22 7.59
C LEU A 133 23.06 -6.37 6.46
N ILE A 134 23.75 -7.51 6.44
CA ILE A 134 24.83 -7.77 5.51
C ILE A 134 24.34 -8.55 4.28
N VAL A 135 24.62 -8.00 3.11
CA VAL A 135 24.13 -8.56 1.86
C VAL A 135 25.29 -9.03 0.98
N SER A 136 26.42 -8.32 1.08
CA SER A 136 27.61 -8.67 0.30
C SER A 136 28.00 -10.14 0.45
N ASN A 137 28.42 -10.76 -0.66
CA ASN A 137 28.89 -12.15 -0.66
C ASN A 137 30.41 -12.28 -0.47
N PRO A 138 30.86 -13.40 0.09
CA PRO A 138 30.03 -14.50 0.61
C PRO A 138 29.38 -14.13 1.94
N VAL A 139 28.06 -14.13 1.96
CA VAL A 139 27.31 -13.42 2.99
C VAL A 139 27.51 -13.97 4.42
N ASP A 140 27.56 -15.29 4.55
CA ASP A 140 27.71 -15.88 5.88
C ASP A 140 29.04 -15.47 6.52
N ILE A 141 30.12 -15.52 5.73
CA ILE A 141 31.42 -15.12 6.22
C ILE A 141 31.49 -13.62 6.51
N LEU A 142 30.98 -12.80 5.60
CA LEU A 142 31.04 -11.35 5.77
C LEU A 142 30.16 -10.89 6.92
N THR A 143 29.10 -11.62 7.20
CA THR A 143 28.28 -11.32 8.37
C THR A 143 29.12 -11.54 9.66
N TYR A 144 29.88 -12.63 9.70
CA TYR A 144 30.81 -12.88 10.79
C TYR A 144 31.82 -11.73 10.91
N VAL A 145 32.37 -11.33 9.77
CA VAL A 145 33.31 -10.22 9.75
C VAL A 145 32.71 -8.91 10.27
N ALA A 146 31.49 -8.59 9.85
CA ALA A 146 30.84 -7.37 10.34
C ALA A 146 30.62 -7.49 11.85
N TRP A 147 30.28 -8.69 12.28
CA TRP A 147 30.02 -8.93 13.68
C TRP A 147 31.28 -8.70 14.51
N LYS A 148 32.40 -9.28 14.05
CA LYS A 148 33.66 -9.16 14.78
C LYS A 148 34.18 -7.73 14.78
N ILE A 149 34.09 -7.06 13.64
CA ILE A 149 34.60 -5.70 13.55
C ILE A 149 33.74 -4.74 14.36
N SER A 150 32.43 -4.85 14.20
CA SER A 150 31.51 -3.92 14.85
C SER A 150 31.57 -4.01 16.37
N GLY A 151 31.73 -5.23 16.88
CA GLY A 151 31.68 -5.45 18.32
C GLY A 151 30.23 -5.45 18.82
N PHE A 152 29.28 -5.49 17.88
CA PHE A 152 27.86 -5.52 18.24
C PHE A 152 27.49 -6.84 18.90
N PRO A 153 26.40 -6.85 19.70
CA PRO A 153 25.85 -8.13 20.15
C PRO A 153 25.24 -8.85 18.95
N LYS A 154 25.14 -10.18 19.03
CA LYS A 154 24.77 -10.96 17.85
C LYS A 154 23.36 -10.66 17.33
N ASN A 155 22.45 -10.21 18.20
CA ASN A 155 21.09 -9.91 17.77
C ASN A 155 21.02 -8.78 16.73
N ARG A 156 22.02 -7.91 16.73
CA ARG A 156 22.03 -6.76 15.82
C ARG A 156 22.87 -6.92 14.56
N VAL A 157 23.38 -8.13 14.33
CA VAL A 157 24.12 -8.37 13.09
C VAL A 157 23.45 -9.50 12.30
N ILE A 158 22.89 -9.15 11.16
CA ILE A 158 22.03 -10.06 10.41
C ILE A 158 22.53 -10.20 8.98
N GLY A 159 22.61 -11.43 8.50
CA GLY A 159 22.93 -11.69 7.11
C GLY A 159 21.68 -12.09 6.34
N SER A 160 21.53 -11.59 5.10
CA SER A 160 20.38 -11.96 4.29
C SER A 160 20.32 -13.49 4.07
N GLY A 161 21.49 -14.13 4.12
CA GLY A 161 21.59 -15.58 4.15
C GLY A 161 20.72 -16.30 3.14
N CYS A 162 19.88 -17.21 3.61
CA CYS A 162 19.05 -18.03 2.72
C CYS A 162 17.66 -17.44 2.48
N ASN A 163 17.50 -16.16 2.75
CA ASN A 163 16.19 -15.53 2.57
C ASN A 163 15.80 -15.62 1.09
N LEU A 164 16.73 -15.22 0.23
CA LEU A 164 16.45 -15.23 -1.21
C LEU A 164 16.40 -16.66 -1.76
N ASP A 165 17.27 -17.53 -1.24
CA ASP A 165 17.26 -18.95 -1.61
C ASP A 165 15.87 -19.53 -1.35
N SER A 166 15.32 -19.23 -0.17
CA SER A 166 13.99 -19.73 0.20
C SER A 166 12.86 -19.15 -0.66
N ALA A 167 12.96 -17.87 -1.03
CA ALA A 167 11.97 -17.24 -1.90
C ALA A 167 11.97 -17.89 -3.29
N ARG A 168 13.16 -18.19 -3.79
CA ARG A 168 13.28 -18.85 -5.08
C ARG A 168 12.67 -20.25 -4.98
N PHE A 169 12.96 -20.94 -3.90
CA PHE A 169 12.48 -22.31 -3.72
C PHE A 169 10.96 -22.32 -3.74
N ARG A 170 10.38 -21.33 -3.07
CA ARG A 170 8.92 -21.23 -2.98
C ARG A 170 8.30 -20.79 -4.31
N TYR A 171 9.01 -19.95 -5.05
CA TYR A 171 8.57 -19.64 -6.41
C TYR A 171 8.55 -20.90 -7.28
N LEU A 172 9.57 -21.74 -7.14
CA LEU A 172 9.66 -22.94 -7.95
C LEU A 172 8.59 -23.97 -7.54
N MET A 173 8.39 -24.11 -6.23
CA MET A 173 7.34 -24.97 -5.72
CA MET A 173 7.32 -24.94 -5.68
C MET A 173 5.97 -24.51 -6.23
N GLY A 174 5.72 -23.19 -6.21
CA GLY A 174 4.46 -22.64 -6.66
C GLY A 174 4.19 -22.90 -8.13
N GLU A 175 5.26 -22.86 -8.93
CA GLU A 175 5.16 -23.19 -10.35
C GLU A 175 4.77 -24.65 -10.56
N ARG A 176 5.38 -25.55 -9.79
CA ARG A 176 5.06 -26.97 -9.94
C ARG A 176 3.64 -27.29 -9.53
N LEU A 177 3.14 -26.60 -8.51
CA LEU A 177 1.85 -26.96 -7.93
C LEU A 177 0.68 -26.10 -8.41
N GLY A 178 0.96 -25.08 -9.21
CA GLY A 178 -0.07 -24.14 -9.61
C GLY A 178 -0.68 -23.38 -8.44
N VAL A 179 0.17 -22.96 -7.51
CA VAL A 179 -0.26 -22.23 -6.31
C VAL A 179 0.64 -21.01 -6.07
N HIS A 180 0.09 -19.93 -5.54
CA HIS A 180 0.91 -18.76 -5.26
C HIS A 180 1.98 -19.12 -4.23
N PRO A 181 3.21 -18.62 -4.43
CA PRO A 181 4.35 -18.82 -3.52
C PRO A 181 3.99 -18.53 -2.07
N LEU A 182 3.15 -17.52 -1.85
CA LEU A 182 2.72 -17.18 -0.50
C LEU A 182 2.10 -18.38 0.22
N SER A 183 1.47 -19.27 -0.55
CA SER A 183 0.78 -20.39 0.06
C SER A 183 1.62 -21.66 -0.03
N CYS A 184 2.80 -21.55 -0.64
CA CYS A 184 3.76 -22.66 -0.72
C CYS A 184 4.87 -22.47 0.30
N HIS A 185 4.87 -23.30 1.34
CA HIS A 185 5.84 -23.11 2.42
C HIS A 185 6.97 -24.12 2.31
N GLY A 186 8.18 -23.63 2.54
CA GLY A 186 9.35 -24.46 2.46
C GLY A 186 10.58 -23.64 2.79
N TRP A 187 11.56 -24.28 3.40
CA TRP A 187 12.71 -23.60 3.97
C TRP A 187 14.05 -24.11 3.43
N VAL A 188 14.85 -23.18 2.93
CA VAL A 188 16.25 -23.48 2.58
C VAL A 188 17.14 -22.85 3.65
N LEU A 189 17.96 -23.67 4.31
CA LEU A 189 18.73 -23.20 5.47
C LEU A 189 20.23 -23.50 5.34
N GLY A 190 20.99 -23.13 6.35
CA GLY A 190 22.41 -23.40 6.36
C GLY A 190 23.22 -22.35 5.63
N GLU A 191 24.21 -22.78 4.89
CA GLU A 191 25.11 -21.87 4.19
C GLU A 191 24.44 -21.41 2.90
N HIS A 192 24.45 -20.10 2.67
CA HIS A 192 23.90 -19.56 1.43
C HIS A 192 24.66 -20.07 0.22
N GLY A 193 23.91 -20.49 -0.81
CA GLY A 193 24.54 -20.91 -2.05
C GLY A 193 24.72 -22.41 -2.22
N ASP A 194 25.87 -22.81 -2.75
CA ASP A 194 26.07 -24.20 -3.17
C ASP A 194 25.74 -25.25 -2.12
N SER A 195 25.99 -24.93 -0.85
CA SER A 195 25.87 -25.94 0.21
C SER A 195 24.59 -25.78 1.03
N SER A 196 23.63 -25.02 0.54
CA SER A 196 22.42 -24.78 1.32
C SER A 196 21.64 -26.08 1.47
N VAL A 197 20.72 -26.12 2.43
CA VAL A 197 19.98 -27.34 2.72
C VAL A 197 18.46 -27.17 2.60
N PRO A 198 17.82 -27.90 1.68
CA PRO A 198 16.36 -27.88 1.58
C PRO A 198 15.72 -28.77 2.66
N VAL A 199 14.93 -28.18 3.55
CA VAL A 199 14.34 -28.96 4.63
C VAL A 199 13.01 -29.61 4.18
N TRP A 200 13.13 -30.82 3.63
CA TRP A 200 12.00 -31.50 2.98
C TRP A 200 10.81 -31.71 3.91
N SER A 201 11.10 -32.01 5.17
CA SER A 201 10.07 -32.27 6.16
C SER A 201 9.19 -31.05 6.44
N GLY A 202 9.64 -29.87 6.01
CA GLY A 202 8.91 -28.66 6.30
C GLY A 202 8.07 -28.16 5.13
N MET A 203 8.32 -28.72 3.94
CA MET A 203 7.60 -28.31 2.74
C MET A 203 6.14 -28.71 2.81
N ASN A 204 5.24 -27.74 2.69
CA ASN A 204 3.83 -28.05 2.81
C ASN A 204 2.92 -27.03 2.16
N VAL A 205 1.73 -27.49 1.77
CA VAL A 205 0.65 -26.57 1.47
C VAL A 205 -0.49 -26.78 2.45
N ALA A 206 -0.97 -25.67 3.01
CA ALA A 206 -2.02 -25.70 4.03
C ALA A 206 -1.75 -26.69 5.15
N GLY A 207 -0.51 -26.79 5.60
CA GLY A 207 -0.16 -27.66 6.70
C GLY A 207 -0.12 -29.14 6.29
N VAL A 208 -0.28 -29.40 5.00
CA VAL A 208 -0.22 -30.77 4.49
C VAL A 208 1.20 -31.13 4.05
N SER A 209 1.87 -31.97 4.83
CA SER A 209 3.27 -32.31 4.56
C SER A 209 3.43 -33.09 3.26
N LEU A 210 4.22 -32.54 2.35
CA LEU A 210 4.50 -33.20 1.08
C LEU A 210 5.30 -34.47 1.30
N LYS A 211 6.17 -34.44 2.30
CA LYS A 211 7.02 -35.58 2.62
C LYS A 211 6.17 -36.74 3.11
N THR A 212 5.08 -36.42 3.80
CA THR A 212 4.19 -37.44 4.33
C THR A 212 3.32 -38.06 3.25
N LEU A 213 2.87 -37.23 2.30
CA LEU A 213 2.15 -37.75 1.14
C LEU A 213 3.09 -38.50 0.23
N HIS A 214 4.33 -38.04 0.17
CA HIS A 214 5.26 -38.52 -0.85
C HIS A 214 6.61 -38.76 -0.19
N PRO A 215 6.75 -39.91 0.47
CA PRO A 215 7.91 -40.27 1.30
C PRO A 215 9.24 -40.12 0.57
N ASP A 216 9.21 -40.24 -0.75
CA ASP A 216 10.42 -40.17 -1.55
C ASP A 216 10.85 -38.74 -1.83
N LEU A 217 10.09 -37.79 -1.32
CA LEU A 217 10.36 -36.38 -1.59
C LEU A 217 11.82 -36.03 -1.31
N GLY A 218 12.51 -35.57 -2.36
CA GLY A 218 13.85 -35.06 -2.24
C GLY A 218 14.92 -36.13 -2.12
N THR A 219 14.53 -37.38 -2.29
CA THR A 219 15.48 -38.48 -2.27
C THR A 219 15.88 -38.80 -3.69
N ASP A 220 16.87 -39.69 -3.83
CA ASP A 220 17.35 -40.10 -5.14
C ASP A 220 16.31 -40.88 -5.92
N LYS A 221 15.47 -41.64 -5.22
CA LYS A 221 14.47 -42.51 -5.87
C LYS A 221 13.17 -41.78 -6.14
N ASP A 222 13.13 -40.48 -5.81
CA ASP A 222 11.96 -39.67 -6.07
C ASP A 222 11.59 -39.68 -7.56
N LYS A 223 10.44 -40.28 -7.89
CA LYS A 223 10.02 -40.34 -9.28
C LYS A 223 9.82 -38.96 -9.88
N GLU A 224 9.55 -37.98 -9.03
CA GLU A 224 9.33 -36.62 -9.51
C GLU A 224 10.55 -35.72 -9.37
N GLN A 225 11.65 -36.31 -8.89
CA GLN A 225 12.92 -35.59 -8.82
C GLN A 225 12.76 -34.20 -8.23
N TRP A 226 12.20 -34.12 -7.03
CA TRP A 226 12.04 -32.83 -6.39
C TRP A 226 13.36 -32.21 -5.96
N LYS A 227 14.41 -33.02 -5.87
CA LYS A 227 15.74 -32.49 -5.58
C LYS A 227 16.16 -31.45 -6.61
N GLU A 228 15.69 -31.62 -7.85
CA GLU A 228 16.07 -30.73 -8.94
C GLU A 228 15.60 -29.31 -8.67
N VAL A 229 14.56 -29.19 -7.85
CA VAL A 229 14.08 -27.88 -7.43
C VAL A 229 15.14 -27.15 -6.61
N HIS A 230 15.74 -27.86 -5.66
CA HIS A 230 16.78 -27.24 -4.84
C HIS A 230 18.02 -26.99 -5.70
N LYS A 231 18.25 -27.89 -6.65
CA LYS A 231 19.35 -27.71 -7.58
C LYS A 231 19.13 -26.44 -8.43
N GLN A 232 17.88 -26.17 -8.79
CA GLN A 232 17.56 -24.96 -9.53
C GLN A 232 17.84 -23.74 -8.65
N VAL A 233 17.46 -23.83 -7.40
CA VAL A 233 17.69 -22.74 -6.47
C VAL A 233 19.18 -22.37 -6.41
N VAL A 234 20.04 -23.38 -6.33
CA VAL A 234 21.48 -23.15 -6.25
C VAL A 234 22.05 -22.62 -7.57
N GLU A 235 21.49 -23.07 -8.68
CA GLU A 235 21.97 -22.67 -10.00
C GLU A 235 21.38 -21.35 -10.48
N SER A 236 20.28 -20.94 -9.84
CA SER A 236 19.55 -19.73 -10.23
C SER A 236 20.43 -18.51 -10.38
N ALA A 237 21.22 -18.24 -9.35
CA ALA A 237 22.08 -17.07 -9.31
C ALA A 237 23.00 -17.04 -10.52
N TYR A 238 23.62 -18.19 -10.80
CA TYR A 238 24.56 -18.29 -11.90
C TYR A 238 23.85 -18.10 -13.23
N GLU A 239 22.67 -18.69 -13.35
CA GLU A 239 21.96 -18.64 -14.62
C GLU A 239 21.55 -17.20 -14.95
N VAL A 240 21.06 -16.48 -13.95
CA VAL A 240 20.65 -15.09 -14.14
C VAL A 240 21.85 -14.21 -14.49
N ILE A 241 22.92 -14.34 -13.72
CA ILE A 241 24.15 -13.62 -14.01
C ILE A 241 24.62 -13.87 -15.43
N LYS A 242 24.62 -15.13 -15.83
CA LYS A 242 25.01 -15.52 -17.18
C LYS A 242 24.17 -14.77 -18.22
N LEU A 243 22.88 -14.59 -17.92
CA LEU A 243 21.96 -13.98 -18.88
C LEU A 243 21.99 -12.45 -18.90
N LYS A 244 21.91 -11.82 -17.74
CA LYS A 244 21.85 -10.35 -17.72
C LYS A 244 23.10 -9.72 -17.11
N GLY A 245 24.03 -10.55 -16.64
CA GLY A 245 25.30 -10.05 -16.13
C GLY A 245 25.37 -9.86 -14.62
N TYR A 246 24.22 -9.93 -13.96
CA TYR A 246 24.16 -9.75 -12.50
C TYR A 246 22.74 -10.04 -12.04
N THR A 247 22.50 -9.92 -10.74
CA THR A 247 21.14 -10.03 -10.21
C THR A 247 20.86 -8.84 -9.30
N SER A 248 19.60 -8.41 -9.24
CA SER A 248 19.25 -7.22 -8.48
C SER A 248 17.82 -7.24 -7.95
N TRP A 249 16.84 -7.37 -8.84
CA TRP A 249 15.46 -7.20 -8.42
C TRP A 249 15.02 -8.10 -7.26
N ALA A 250 15.30 -9.40 -7.37
CA ALA A 250 14.86 -10.36 -6.36
C ALA A 250 15.52 -10.13 -4.99
N ILE A 251 16.82 -9.93 -4.98
CA ILE A 251 17.50 -9.63 -3.72
C ILE A 251 16.96 -8.34 -3.14
N GLY A 252 16.76 -7.34 -4.00
CA GLY A 252 16.21 -6.07 -3.60
C GLY A 252 14.88 -6.22 -2.87
N LEU A 253 14.00 -7.03 -3.43
CA LEU A 253 12.70 -7.28 -2.83
C LEU A 253 12.82 -8.06 -1.51
N SER A 254 13.71 -9.05 -1.50
CA SER A 254 13.89 -9.87 -0.31
CA SER A 254 13.94 -9.88 -0.31
C SER A 254 14.44 -9.05 0.86
N VAL A 255 15.36 -8.15 0.58
CA VAL A 255 15.90 -7.27 1.60
C VAL A 255 14.83 -6.32 2.17
N ALA A 256 13.94 -5.83 1.31
CA ALA A 256 12.91 -4.88 1.78
C ALA A 256 11.91 -5.58 2.69
N ASP A 257 11.70 -6.87 2.42
CA ASP A 257 10.85 -7.69 3.27
C ASP A 257 11.45 -7.83 4.66
N LEU A 258 12.76 -7.99 4.73
CA LEU A 258 13.42 -8.09 6.03
C LEU A 258 13.35 -6.74 6.71
N ALA A 259 13.65 -5.67 5.96
CA ALA A 259 13.62 -4.33 6.56
C ALA A 259 12.24 -4.05 7.12
N GLU A 260 11.22 -4.51 6.42
CA GLU A 260 9.86 -4.29 6.88
C GLU A 260 9.65 -4.88 8.29
N SER A 261 10.02 -6.14 8.48
CA SER A 261 9.85 -6.76 9.79
C SER A 261 10.64 -6.04 10.86
N ILE A 262 11.84 -5.59 10.50
CA ILE A 262 12.70 -4.92 11.46
C ILE A 262 12.17 -3.52 11.82
N MET A 263 11.85 -2.73 10.79
CA MET A 263 11.40 -1.36 11.00
C MET A 263 10.04 -1.31 11.67
N LYS A 264 9.22 -2.34 11.45
CA LYS A 264 7.85 -2.33 11.94
C LYS A 264 7.68 -3.24 13.15
N ASN A 265 8.80 -3.81 13.61
CA ASN A 265 8.79 -4.73 14.75
C ASN A 265 7.72 -5.80 14.60
N LEU A 266 7.64 -6.41 13.43
CA LEU A 266 6.57 -7.37 13.15
C LEU A 266 6.74 -8.74 13.88
N ARG A 267 7.99 -9.15 14.10
CA ARG A 267 8.25 -10.48 14.67
C ARG A 267 7.74 -11.60 13.77
N ARG A 268 7.97 -11.45 12.46
CA ARG A 268 7.77 -12.55 11.54
C ARG A 268 9.03 -13.40 11.56
N VAL A 269 8.93 -14.57 10.98
CA VAL A 269 10.06 -15.49 10.91
C VAL A 269 10.64 -15.53 9.50
N HIS A 270 11.95 -15.30 9.41
CA HIS A 270 12.64 -15.29 8.12
C HIS A 270 13.85 -16.21 8.19
N PRO A 271 14.21 -16.82 7.07
CA PRO A 271 15.47 -17.58 7.08
C PRO A 271 16.63 -16.63 6.82
N VAL A 272 17.31 -16.22 7.88
CA VAL A 272 18.42 -15.28 7.75
C VAL A 272 19.63 -15.86 8.47
N SER A 273 20.82 -15.35 8.15
CA SER A 273 22.04 -15.87 8.76
CA SER A 273 22.06 -15.83 8.74
C SER A 273 22.27 -15.26 10.14
N THR A 274 22.51 -16.14 11.11
CA THR A 274 22.73 -15.72 12.48
C THR A 274 23.84 -16.54 13.14
N MET A 275 24.43 -15.99 14.18
CA MET A 275 25.52 -16.67 14.88
C MET A 275 24.97 -17.92 15.54
N ILE A 276 25.40 -19.07 15.04
CA ILE A 276 24.75 -20.34 15.34
C ILE A 276 25.54 -21.23 16.30
N LYS A 277 26.56 -20.68 16.94
CA LYS A 277 27.38 -21.48 17.87
C LYS A 277 26.53 -21.94 19.03
N GLY A 278 26.54 -23.25 19.29
CA GLY A 278 25.68 -23.82 20.29
C GLY A 278 24.57 -24.68 19.70
N LEU A 279 24.56 -24.83 18.38
CA LEU A 279 23.53 -25.63 17.71
C LEU A 279 24.07 -26.70 16.75
N TYR A 280 23.35 -27.81 16.68
CA TYR A 280 23.65 -28.88 15.74
C TYR A 280 25.09 -29.37 15.84
N GLY A 281 25.65 -29.27 17.04
CA GLY A 281 27.00 -29.72 17.28
C GLY A 281 28.01 -28.70 16.80
N ILE A 282 27.52 -27.50 16.50
CA ILE A 282 28.39 -26.41 16.06
C ILE A 282 28.99 -25.69 17.27
N LYS A 283 30.32 -25.59 17.27
CA LYS A 283 31.05 -25.07 18.42
C LYS A 283 31.96 -23.91 18.04
N ASP A 284 31.86 -23.47 16.79
CA ASP A 284 32.64 -22.33 16.32
C ASP A 284 31.75 -21.12 16.06
N ASP A 285 32.34 -19.94 16.14
CA ASP A 285 31.67 -18.69 15.80
C ASP A 285 31.40 -18.62 14.30
N VAL A 286 30.30 -19.21 13.86
CA VAL A 286 29.90 -19.07 12.46
C VAL A 286 28.45 -18.64 12.33
N PHE A 287 28.15 -18.01 11.20
CA PHE A 287 26.80 -17.59 10.88
C PHE A 287 26.20 -18.49 9.81
N LEU A 288 25.00 -19.00 10.08
CA LEU A 288 24.28 -19.87 9.17
C LEU A 288 22.80 -19.53 9.27
N SER A 289 22.08 -19.76 8.19
CA SER A 289 20.66 -19.42 8.19
C SER A 289 19.82 -20.47 8.90
N VAL A 290 18.99 -19.99 9.81
CA VAL A 290 17.86 -20.74 10.37
C VAL A 290 16.70 -19.74 10.42
N PRO A 291 15.49 -20.23 10.75
CA PRO A 291 14.38 -19.27 10.82
C PRO A 291 14.50 -18.38 12.06
N CYS A 292 14.61 -17.07 11.85
CA CYS A 292 14.76 -16.13 12.95
C CYS A 292 13.56 -15.20 13.05
N ILE A 293 13.26 -14.78 14.27
CA ILE A 293 12.22 -13.79 14.53
C ILE A 293 12.85 -12.41 14.45
N LEU A 294 12.35 -11.59 13.55
CA LEU A 294 12.93 -10.28 13.30
C LEU A 294 12.01 -9.19 13.79
N GLY A 295 12.59 -8.22 14.49
CA GLY A 295 11.84 -7.09 15.01
C GLY A 295 12.77 -5.92 15.27
N GLN A 296 12.33 -5.01 16.12
CA GLN A 296 13.01 -3.73 16.33
C GLN A 296 14.41 -3.90 16.92
N ASN A 297 14.65 -5.06 17.53
CA ASN A 297 15.94 -5.34 18.14
C ASN A 297 16.74 -6.35 17.35
N GLY A 298 16.35 -6.53 16.08
CA GLY A 298 17.01 -7.47 15.21
C GLY A 298 16.49 -8.88 15.41
N ILE A 299 17.42 -9.82 15.59
CA ILE A 299 17.03 -11.20 15.87
C ILE A 299 16.88 -11.40 17.36
N SER A 300 15.64 -11.57 17.80
CA SER A 300 15.39 -11.71 19.24
C SER A 300 15.26 -13.19 19.64
N ASP A 301 14.87 -14.01 18.68
CA ASP A 301 14.63 -15.42 18.90
C ASP A 301 14.91 -16.16 17.62
N LEU A 302 15.22 -17.45 17.74
CA LEU A 302 15.27 -18.29 16.55
C LEU A 302 14.50 -19.60 16.78
N VAL A 303 14.02 -20.16 15.68
CA VAL A 303 13.26 -21.39 15.72
C VAL A 303 14.21 -22.57 15.64
N LYS A 304 14.02 -23.54 16.52
CA LYS A 304 14.86 -24.74 16.50
C LYS A 304 14.24 -25.79 15.60
N VAL A 305 14.61 -25.75 14.33
CA VAL A 305 14.12 -26.70 13.34
C VAL A 305 14.64 -28.10 13.65
N THR A 306 13.75 -29.09 13.67
CA THR A 306 14.20 -30.47 13.84
C THR A 306 14.82 -30.96 12.52
N LEU A 307 16.11 -31.26 12.56
CA LEU A 307 16.82 -31.71 11.37
C LEU A 307 17.13 -33.22 11.41
N THR A 308 17.19 -33.85 10.26
CA THR A 308 17.63 -35.25 10.18
C THR A 308 19.13 -35.32 10.41
N SER A 309 19.65 -36.54 10.50
CA SER A 309 21.08 -36.74 10.67
C SER A 309 21.89 -36.11 9.53
N GLU A 310 21.49 -36.41 8.30
CA GLU A 310 22.19 -35.85 7.14
C GLU A 310 22.04 -34.32 7.08
N GLU A 311 20.85 -33.84 7.34
CA GLU A 311 20.66 -32.39 7.40
C GLU A 311 21.65 -31.78 8.41
N GLU A 312 21.74 -32.36 9.59
CA GLU A 312 22.62 -31.88 10.64
CA GLU A 312 22.63 -31.88 10.65
C GLU A 312 24.09 -31.84 10.21
N ALA A 313 24.55 -32.95 9.62
CA ALA A 313 25.93 -33.04 9.17
C ALA A 313 26.23 -32.05 8.04
N ARG A 314 25.23 -31.76 7.20
CA ARG A 314 25.46 -30.77 6.15
C ARG A 314 25.78 -29.41 6.76
N LEU A 315 24.97 -28.98 7.73
CA LEU A 315 25.23 -27.73 8.44
C LEU A 315 26.62 -27.74 9.10
N LYS A 316 26.93 -28.82 9.80
CA LYS A 316 28.20 -28.93 10.49
C LYS A 316 29.38 -28.85 9.52
N LYS A 317 29.24 -29.47 8.36
CA LYS A 317 30.31 -29.44 7.36
C LYS A 317 30.52 -28.01 6.86
N SER A 318 29.42 -27.29 6.67
CA SER A 318 29.50 -25.89 6.28
C SER A 318 30.18 -25.04 7.36
N ALA A 319 29.83 -25.29 8.62
CA ALA A 319 30.43 -24.54 9.73
C ALA A 319 31.95 -24.79 9.81
N ASP A 320 32.36 -26.03 9.58
CA ASP A 320 33.79 -26.37 9.58
C ASP A 320 34.54 -25.62 8.50
N THR A 321 33.99 -25.66 7.29
CA THR A 321 34.57 -24.97 6.14
C THR A 321 34.63 -23.46 6.40
N LEU A 322 33.53 -22.90 6.87
CA LEU A 322 33.49 -21.46 7.15
C LEU A 322 34.55 -21.08 8.20
N TRP A 323 34.60 -21.81 9.31
CA TRP A 323 35.56 -21.46 10.36
C TRP A 323 36.97 -21.65 9.83
N GLY A 324 37.16 -22.67 9.00
CA GLY A 324 38.45 -22.92 8.38
C GLY A 324 38.96 -21.67 7.68
N ILE A 325 38.07 -20.98 6.98
CA ILE A 325 38.41 -19.72 6.33
C ILE A 325 38.55 -18.59 7.34
N GLN A 326 37.57 -18.46 8.23
CA GLN A 326 37.57 -17.38 9.19
C GLN A 326 38.83 -17.35 10.07
N LYS A 327 39.27 -18.52 10.53
CA LYS A 327 40.42 -18.58 11.44
C LYS A 327 41.71 -18.14 10.75
N GLU A 328 41.64 -17.91 9.45
CA GLU A 328 42.82 -17.49 8.68
C GLU A 328 42.78 -16.01 8.33
N LEU A 329 41.69 -15.33 8.67
CA LEU A 329 41.51 -13.94 8.26
C LEU A 329 42.36 -12.97 9.08
N GLN A 330 42.91 -11.96 8.41
CA GLN A 330 43.63 -10.90 9.08
C GLN A 330 42.74 -9.67 9.27
N PHE A 331 42.42 -9.36 10.53
CA PHE A 331 41.56 -8.23 10.85
C PHE A 331 42.37 -6.96 11.16
N ALA B 1 -0.93 -41.81 -9.36
CA ALA B 1 -1.19 -40.40 -9.15
C ALA B 1 0.10 -39.65 -8.78
N THR B 2 0.22 -38.43 -9.28
CA THR B 2 1.34 -37.57 -8.95
C THR B 2 1.16 -36.94 -7.58
N LEU B 3 2.22 -36.31 -7.05
CA LEU B 3 2.12 -35.59 -5.80
C LEU B 3 1.07 -34.49 -5.90
N LYS B 4 1.17 -33.67 -6.94
CA LYS B 4 0.21 -32.59 -7.14
C LYS B 4 -1.22 -33.12 -7.07
N ASP B 5 -1.46 -34.30 -7.66
CA ASP B 5 -2.81 -34.86 -7.69
C ASP B 5 -3.27 -35.43 -6.34
N GLN B 6 -2.32 -35.95 -5.55
CA GLN B 6 -2.65 -36.41 -4.21
C GLN B 6 -3.02 -35.23 -3.36
N LEU B 7 -2.29 -34.13 -3.54
CA LEU B 7 -2.44 -32.95 -2.71
C LEU B 7 -3.61 -32.08 -3.13
N ILE B 8 -3.87 -32.01 -4.43
CA ILE B 8 -4.85 -31.07 -4.96
C ILE B 8 -5.93 -31.70 -5.85
N TYR B 9 -7.20 -31.49 -5.48
CA TYR B 9 -8.29 -31.91 -6.34
C TYR B 9 -8.74 -30.74 -7.21
N ASN B 10 -8.70 -30.95 -8.51
CA ASN B 10 -9.09 -29.91 -9.44
C ASN B 10 -10.59 -29.90 -9.70
N LEU B 11 -11.20 -28.72 -9.60
CA LEU B 11 -12.60 -28.55 -9.92
C LEU B 11 -12.80 -28.29 -11.41
N LEU B 12 -11.91 -27.50 -11.99
CA LEU B 12 -11.97 -27.21 -13.41
C LEU B 12 -10.66 -26.60 -13.91
N LYS B 13 -10.36 -26.85 -15.18
CA LYS B 13 -9.16 -26.34 -15.81
C LYS B 13 -9.50 -25.22 -16.76
N GLU B 14 -9.08 -25.38 -18.02
CA GLU B 14 -9.23 -24.33 -19.02
C GLU B 14 -8.71 -22.99 -18.53
N GLU B 15 -7.53 -22.62 -19.02
CA GLU B 15 -6.94 -21.34 -18.70
C GLU B 15 -7.92 -20.23 -18.97
N GLN B 16 -7.89 -19.21 -18.13
CA GLN B 16 -8.60 -17.99 -18.46
C GLN B 16 -7.58 -16.99 -18.95
N THR B 17 -8.02 -15.76 -19.17
CA THR B 17 -7.14 -14.72 -19.65
C THR B 17 -6.96 -13.69 -18.54
N PRO B 18 -5.84 -12.96 -18.58
CA PRO B 18 -5.58 -11.92 -17.59
C PRO B 18 -6.60 -10.80 -17.70
N GLN B 19 -6.96 -10.23 -16.55
CA GLN B 19 -7.93 -9.15 -16.51
C GLN B 19 -7.24 -7.79 -16.62
N ASN B 20 -5.97 -7.77 -16.26
CA ASN B 20 -5.25 -6.50 -16.10
C ASN B 20 -3.81 -6.62 -16.51
N LYS B 21 -3.62 -7.05 -17.76
CA LYS B 21 -2.30 -7.33 -18.30
C LYS B 21 -1.60 -6.06 -18.76
N ILE B 22 -0.35 -5.92 -18.37
CA ILE B 22 0.47 -4.82 -18.81
C ILE B 22 1.70 -5.38 -19.51
N THR B 23 2.09 -4.75 -20.62
CA THR B 23 3.28 -5.13 -21.36
C THR B 23 4.30 -4.02 -21.33
N VAL B 24 5.56 -4.39 -21.14
CA VAL B 24 6.65 -3.43 -21.25
C VAL B 24 7.58 -3.85 -22.39
N VAL B 25 7.69 -3.01 -23.41
CA VAL B 25 8.59 -3.29 -24.54
C VAL B 25 9.91 -2.56 -24.31
N GLY B 26 10.99 -3.33 -24.24
CA GLY B 26 12.30 -2.79 -23.89
C GLY B 26 12.59 -3.04 -22.41
N VAL B 27 13.57 -3.89 -22.13
CA VAL B 27 13.91 -4.25 -20.75
C VAL B 27 15.25 -3.60 -20.38
N GLY B 28 15.50 -2.42 -20.93
CA GLY B 28 16.65 -1.65 -20.53
C GLY B 28 16.45 -0.98 -19.17
N ALA B 29 17.28 0.01 -18.88
CA ALA B 29 17.22 0.71 -17.60
C ALA B 29 15.83 1.30 -17.34
N VAL B 30 15.23 1.91 -18.36
CA VAL B 30 13.91 2.52 -18.20
C VAL B 30 12.81 1.45 -18.13
N GLY B 31 12.83 0.50 -19.06
CA GLY B 31 11.84 -0.57 -19.05
C GLY B 31 11.76 -1.30 -17.70
N MET B 32 12.89 -1.67 -17.12
CA MET B 32 12.90 -2.38 -15.84
C MET B 32 12.51 -1.50 -14.64
N ALA B 33 12.87 -0.22 -14.68
CA ALA B 33 12.39 0.72 -13.66
C ALA B 33 10.88 0.84 -13.72
N CYS B 34 10.33 0.90 -14.92
CA CYS B 34 8.88 0.90 -15.09
C CYS B 34 8.28 -0.39 -14.55
N ALA B 35 8.88 -1.51 -14.91
CA ALA B 35 8.39 -2.82 -14.46
C ALA B 35 8.33 -2.95 -12.93
N ILE B 36 9.42 -2.67 -12.25
CA ILE B 36 9.44 -2.83 -10.79
C ILE B 36 8.45 -1.87 -10.12
N SER B 37 8.33 -0.65 -10.66
CA SER B 37 7.41 0.33 -10.08
C SER B 37 5.97 -0.16 -10.22
N ILE B 38 5.63 -0.66 -11.40
CA ILE B 38 4.29 -1.18 -11.65
C ILE B 38 3.99 -2.44 -10.82
N LEU B 39 4.97 -3.34 -10.71
CA LEU B 39 4.83 -4.50 -9.82
C LEU B 39 4.58 -4.12 -8.35
N MET B 40 5.33 -3.15 -7.85
CA MET B 40 5.22 -2.82 -6.43
C MET B 40 3.99 -2.00 -6.14
N LYS B 41 3.35 -1.53 -7.21
CA LYS B 41 2.09 -0.80 -7.05
C LYS B 41 0.89 -1.71 -7.30
N ASP B 42 1.15 -2.99 -7.57
CA ASP B 42 0.06 -3.96 -7.73
C ASP B 42 -0.95 -3.57 -8.82
N LEU B 43 -0.47 -3.06 -9.95
CA LEU B 43 -1.38 -2.63 -11.01
C LEU B 43 -1.79 -3.73 -11.98
N ALA B 44 -1.02 -4.81 -12.03
CA ALA B 44 -1.25 -5.84 -13.05
C ALA B 44 -1.40 -7.25 -12.50
N ASP B 45 -2.26 -8.04 -13.14
CA ASP B 45 -2.31 -9.47 -12.82
C ASP B 45 -1.41 -10.29 -13.74
N GLU B 46 -0.98 -9.68 -14.85
CA GLU B 46 0.03 -10.27 -15.73
C GLU B 46 0.96 -9.21 -16.30
N LEU B 47 2.26 -9.50 -16.24
CA LEU B 47 3.26 -8.60 -16.81
C LEU B 47 4.05 -9.29 -17.92
N ALA B 48 4.06 -8.70 -19.11
CA ALA B 48 4.83 -9.27 -20.22
C ALA B 48 5.98 -8.35 -20.62
N LEU B 49 7.13 -8.95 -20.89
CA LEU B 49 8.33 -8.22 -21.27
C LEU B 49 8.79 -8.61 -22.68
N VAL B 50 9.16 -7.60 -23.46
CA VAL B 50 9.66 -7.84 -24.81
C VAL B 50 10.94 -7.05 -25.07
N ASP B 51 11.89 -7.68 -25.75
CA ASP B 51 13.12 -7.01 -26.15
C ASP B 51 13.72 -7.79 -27.32
N VAL B 52 14.76 -7.25 -27.93
CA VAL B 52 15.43 -7.99 -29.01
C VAL B 52 16.67 -8.73 -28.52
N ILE B 53 17.23 -8.32 -27.37
CA ILE B 53 18.34 -9.06 -26.77
C ILE B 53 17.77 -10.20 -25.94
N GLU B 54 17.87 -11.42 -26.46
CA GLU B 54 17.13 -12.55 -25.88
C GLU B 54 17.61 -13.03 -24.50
N ASP B 55 18.92 -13.06 -24.28
CA ASP B 55 19.48 -13.51 -23.01
CA ASP B 55 19.45 -13.51 -23.00
C ASP B 55 19.18 -12.50 -21.89
N LYS B 56 19.41 -11.22 -22.19
CA LYS B 56 19.11 -10.15 -21.24
C LYS B 56 17.63 -10.19 -20.87
N LEU B 57 16.78 -10.39 -21.86
CA LEU B 57 15.33 -10.48 -21.65
C LEU B 57 14.95 -11.60 -20.70
N LYS B 58 15.46 -12.80 -20.97
CA LYS B 58 15.18 -13.94 -20.13
C LYS B 58 15.66 -13.70 -18.69
N GLY B 59 16.85 -13.12 -18.55
CA GLY B 59 17.42 -12.85 -17.25
C GLY B 59 16.62 -11.84 -16.43
N GLU B 60 16.12 -10.80 -17.08
CA GLU B 60 15.31 -9.82 -16.37
C GLU B 60 14.00 -10.48 -15.93
N MET B 61 13.38 -11.22 -16.83
CA MET B 61 12.17 -11.95 -16.49
C MET B 61 12.38 -12.85 -15.26
N MET B 62 13.44 -13.65 -15.29
CA MET B 62 13.73 -14.56 -14.19
C MET B 62 14.00 -13.80 -12.88
N ASP B 63 14.78 -12.73 -12.97
CA ASP B 63 15.11 -11.94 -11.78
C ASP B 63 13.80 -11.46 -11.12
N LEU B 64 12.87 -10.96 -11.95
CA LEU B 64 11.57 -10.54 -11.42
C LEU B 64 10.82 -11.73 -10.83
N GLN B 65 10.80 -12.85 -11.57
CA GLN B 65 10.06 -14.01 -11.11
C GLN B 65 10.56 -14.50 -9.75
N HIS B 66 11.86 -14.43 -9.55
CA HIS B 66 12.44 -14.87 -8.27
C HIS B 66 11.91 -14.07 -7.07
N GLY B 67 11.39 -12.87 -7.33
CA GLY B 67 10.84 -12.04 -6.26
C GLY B 67 9.32 -12.12 -6.07
N SER B 68 8.71 -13.15 -6.65
CA SER B 68 7.26 -13.31 -6.68
C SER B 68 6.58 -13.44 -5.31
N LEU B 69 7.25 -14.14 -4.40
CA LEU B 69 6.76 -14.25 -3.03
C LEU B 69 6.45 -12.89 -2.44
N PHE B 70 7.17 -11.88 -2.92
CA PHE B 70 7.07 -10.54 -2.36
C PHE B 70 6.22 -9.61 -3.22
N LEU B 71 5.60 -10.16 -4.25
CA LEU B 71 4.75 -9.37 -5.13
C LEU B 71 3.33 -9.91 -5.16
N ARG B 72 2.44 -9.17 -5.83
CA ARG B 72 1.03 -9.59 -5.97
CA ARG B 72 1.04 -9.59 -5.98
C ARG B 72 0.64 -9.67 -7.45
N THR B 73 1.60 -10.05 -8.29
CA THR B 73 1.36 -10.21 -9.72
C THR B 73 1.73 -11.64 -10.08
N PRO B 74 0.72 -12.51 -10.22
CA PRO B 74 0.96 -13.96 -10.24
C PRO B 74 1.63 -14.50 -11.52
N LYS B 75 1.66 -13.74 -12.61
CA LYS B 75 2.30 -14.24 -13.81
C LYS B 75 3.16 -13.21 -14.55
N ILE B 76 4.41 -13.57 -14.77
CA ILE B 76 5.35 -12.74 -15.50
C ILE B 76 5.98 -13.54 -16.64
N VAL B 77 5.85 -13.03 -17.86
CA VAL B 77 6.35 -13.72 -19.05
C VAL B 77 7.24 -12.80 -19.89
N SER B 78 8.00 -13.41 -20.79
CA SER B 78 8.80 -12.65 -21.73
C SER B 78 9.00 -13.42 -23.03
N GLY B 79 9.38 -12.69 -24.07
CA GLY B 79 9.59 -13.29 -25.37
C GLY B 79 9.90 -12.22 -26.39
N LYS B 80 10.74 -12.56 -27.36
CA LYS B 80 11.04 -11.71 -28.49
C LYS B 80 9.81 -11.62 -29.39
N ASP B 81 8.97 -12.65 -29.33
CA ASP B 81 7.76 -12.75 -30.14
C ASP B 81 6.59 -12.08 -29.44
N TYR B 82 5.80 -11.31 -30.19
CA TYR B 82 4.79 -10.44 -29.59
C TYR B 82 3.55 -11.18 -29.11
N ASN B 83 3.48 -12.48 -29.38
CA ASN B 83 2.37 -13.28 -28.87
C ASN B 83 2.31 -13.27 -27.34
N VAL B 84 3.46 -13.09 -26.69
CA VAL B 84 3.47 -13.04 -25.23
C VAL B 84 2.70 -11.83 -24.70
N THR B 85 2.43 -10.85 -25.57
CA THR B 85 1.81 -9.59 -25.16
C THR B 85 0.32 -9.53 -25.47
N ALA B 86 -0.20 -10.61 -26.02
CA ALA B 86 -1.60 -10.62 -26.44
C ALA B 86 -2.53 -10.28 -25.28
N ASN B 87 -3.55 -9.48 -25.56
CA ASN B 87 -4.59 -9.15 -24.60
C ASN B 87 -4.22 -8.11 -23.55
N SER B 88 -3.20 -7.29 -23.82
CA SER B 88 -2.75 -6.28 -22.86
C SER B 88 -3.71 -5.09 -22.78
N LYS B 89 -3.99 -4.62 -21.56
CA LYS B 89 -4.79 -3.41 -21.36
C LYS B 89 -3.92 -2.19 -21.65
N LEU B 90 -2.65 -2.31 -21.30
CA LEU B 90 -1.72 -1.21 -21.42
C LEU B 90 -0.40 -1.73 -21.96
N VAL B 91 0.14 -1.06 -22.96
CA VAL B 91 1.43 -1.42 -23.54
C VAL B 91 2.36 -0.23 -23.45
N ILE B 92 3.46 -0.39 -22.73
CA ILE B 92 4.39 0.69 -22.45
C ILE B 92 5.64 0.48 -23.30
N ILE B 93 5.99 1.47 -24.11
CA ILE B 93 7.11 1.36 -25.06
CA ILE B 93 7.12 1.32 -25.02
C ILE B 93 8.31 2.15 -24.55
N THR B 94 9.40 1.45 -24.23
CA THR B 94 10.58 2.10 -23.69
C THR B 94 11.84 1.74 -24.51
N ALA B 95 11.63 1.05 -25.62
CA ALA B 95 12.72 0.56 -26.46
C ALA B 95 13.44 1.69 -27.21
N GLY B 96 14.73 1.50 -27.47
CA GLY B 96 15.42 2.38 -28.39
C GLY B 96 16.61 3.14 -27.83
N ALA B 97 17.27 3.89 -28.70
CA ALA B 97 18.47 4.62 -28.30
C ALA B 97 18.15 5.75 -27.31
N ARG B 98 19.04 5.96 -26.36
CA ARG B 98 18.91 7.05 -25.38
C ARG B 98 20.00 8.07 -25.66
N GLN B 99 19.79 9.31 -25.21
CA GLN B 99 20.78 10.34 -25.52
C GLN B 99 22.01 10.23 -24.60
N GLN B 100 23.17 10.57 -25.16
CA GLN B 100 24.42 10.51 -24.41
C GLN B 100 24.71 11.89 -23.88
N GLU B 101 25.75 11.96 -23.06
CA GLU B 101 26.14 13.20 -22.42
C GLU B 101 26.17 14.36 -23.41
N GLY B 102 25.33 15.36 -23.18
CA GLY B 102 25.28 16.54 -24.03
C GLY B 102 24.53 16.37 -25.36
N GLU B 103 23.93 15.21 -25.58
CA GLU B 103 23.23 14.96 -26.84
C GLU B 103 21.76 15.29 -26.68
N SER B 104 21.19 15.94 -27.68
CA SER B 104 19.79 16.29 -27.62
C SER B 104 18.91 15.06 -27.87
N ARG B 105 17.81 14.96 -27.15
CA ARG B 105 16.83 13.92 -27.44
C ARG B 105 16.40 13.99 -28.90
N LEU B 106 16.39 15.19 -29.47
CA LEU B 106 16.00 15.33 -30.86
C LEU B 106 16.97 14.61 -31.85
N ASN B 107 18.19 14.31 -31.39
CA ASN B 107 19.19 13.59 -32.22
C ASN B 107 18.89 12.10 -32.35
N LEU B 108 17.81 11.65 -31.72
CA LEU B 108 17.48 10.24 -31.69
C LEU B 108 16.40 9.85 -32.68
N VAL B 109 15.87 10.83 -33.40
CA VAL B 109 14.68 10.61 -34.22
C VAL B 109 14.82 9.46 -35.24
N GLN B 110 15.84 9.53 -36.09
CA GLN B 110 15.94 8.55 -37.16
C GLN B 110 15.99 7.13 -36.60
N ARG B 111 16.88 6.90 -35.64
CA ARG B 111 17.06 5.58 -35.03
CA ARG B 111 17.05 5.57 -35.05
C ARG B 111 15.74 5.07 -34.45
N ASN B 112 15.11 5.91 -33.65
CA ASN B 112 13.94 5.45 -32.90
C ASN B 112 12.66 5.34 -33.72
N VAL B 113 12.49 6.24 -34.69
CA VAL B 113 11.39 6.09 -35.63
C VAL B 113 11.51 4.75 -36.38
N ASN B 114 12.70 4.43 -36.87
CA ASN B 114 12.91 3.16 -37.56
C ASN B 114 12.57 1.94 -36.70
N ILE B 115 12.95 1.99 -35.43
CA ILE B 115 12.56 0.96 -34.48
C ILE B 115 11.03 0.90 -34.27
N PHE B 116 10.37 2.06 -34.22
CA PHE B 116 8.91 2.06 -33.99
C PHE B 116 8.14 1.43 -35.15
N LYS B 117 8.69 1.57 -36.34
CA LYS B 117 8.08 1.00 -37.54
C LYS B 117 7.93 -0.52 -37.42
N PHE B 118 8.82 -1.16 -36.68
CA PHE B 118 8.74 -2.61 -36.40
CA PHE B 118 8.70 -2.60 -36.44
C PHE B 118 7.88 -2.90 -35.17
N ILE B 119 8.13 -2.17 -34.09
CA ILE B 119 7.43 -2.40 -32.83
C ILE B 119 5.92 -2.19 -32.89
N ILE B 120 5.50 -1.02 -33.38
CA ILE B 120 4.10 -0.62 -33.26
C ILE B 120 3.12 -1.57 -33.97
N PRO B 121 3.39 -1.93 -35.23
CA PRO B 121 2.49 -2.88 -35.88
C PRO B 121 2.35 -4.19 -35.09
N ASN B 122 3.46 -4.69 -34.54
CA ASN B 122 3.41 -5.90 -33.73
C ASN B 122 2.54 -5.76 -32.47
N VAL B 123 2.65 -4.62 -31.81
CA VAL B 123 1.85 -4.39 -30.62
C VAL B 123 0.37 -4.39 -30.96
N VAL B 124 0.01 -3.65 -32.00
CA VAL B 124 -1.39 -3.49 -32.40
C VAL B 124 -1.99 -4.82 -32.86
N LYS B 125 -1.15 -5.64 -33.50
CA LYS B 125 -1.55 -6.96 -33.93
C LYS B 125 -2.09 -7.81 -32.78
N TYR B 126 -1.39 -7.78 -31.64
CA TYR B 126 -1.72 -8.67 -30.52
C TYR B 126 -2.59 -8.04 -29.40
N SER B 127 -2.66 -6.72 -29.36
CA SER B 127 -3.48 -6.02 -28.37
C SER B 127 -4.19 -4.87 -29.05
N PRO B 128 -5.18 -5.17 -29.90
CA PRO B 128 -5.79 -4.13 -30.72
C PRO B 128 -6.62 -3.14 -29.91
N ASN B 129 -6.91 -3.47 -28.65
CA ASN B 129 -7.70 -2.58 -27.81
C ASN B 129 -6.92 -1.92 -26.66
N CYS B 130 -5.61 -2.09 -26.66
CA CYS B 130 -4.81 -1.53 -25.58
C CYS B 130 -4.75 0.01 -25.64
N LYS B 131 -4.33 0.60 -24.53
CA LYS B 131 -3.81 1.96 -24.52
C LYS B 131 -2.31 1.85 -24.75
N LEU B 132 -1.77 2.71 -25.61
CA LEU B 132 -0.34 2.81 -25.83
C LEU B 132 0.23 3.95 -24.99
N LEU B 133 1.26 3.64 -24.22
CA LEU B 133 1.94 4.67 -23.44
C LEU B 133 3.39 4.71 -23.89
N ILE B 134 3.76 5.83 -24.50
CA ILE B 134 5.07 5.96 -25.12
C ILE B 134 6.09 6.64 -24.20
N VAL B 135 7.27 6.06 -24.05
CA VAL B 135 8.29 6.63 -23.16
C VAL B 135 9.58 6.98 -23.90
N SER B 136 9.92 6.18 -24.91
CA SER B 136 11.13 6.35 -25.69
C SER B 136 11.27 7.78 -26.20
N ASN B 137 12.51 8.27 -26.31
CA ASN B 137 12.75 9.64 -26.75
C ASN B 137 13.08 9.76 -28.24
N PRO B 138 12.73 10.91 -28.84
CA PRO B 138 12.02 12.00 -28.15
C PRO B 138 10.52 11.70 -28.08
N VAL B 139 9.98 11.71 -26.87
CA VAL B 139 8.68 11.13 -26.58
C VAL B 139 7.47 11.79 -27.30
N ASP B 140 7.52 13.10 -27.50
CA ASP B 140 6.42 13.79 -28.19
C ASP B 140 6.39 13.38 -29.65
N ILE B 141 7.55 13.40 -30.30
CA ILE B 141 7.64 12.99 -31.69
CA ILE B 141 7.68 12.97 -31.68
C ILE B 141 7.27 11.52 -31.83
N LEU B 142 7.71 10.67 -30.91
CA LEU B 142 7.42 9.24 -31.02
C LEU B 142 5.97 8.91 -30.69
N THR B 143 5.32 9.77 -29.90
CA THR B 143 3.90 9.58 -29.66
C THR B 143 3.12 9.83 -30.96
N TYR B 144 3.47 10.91 -31.66
CA TYR B 144 2.89 11.18 -32.98
C TYR B 144 3.09 9.97 -33.91
N VAL B 145 4.32 9.48 -33.97
CA VAL B 145 4.64 8.32 -34.80
C VAL B 145 3.81 7.11 -34.40
N ALA B 146 3.81 6.78 -33.11
CA ALA B 146 3.03 5.64 -32.65
C ALA B 146 1.57 5.82 -33.06
N TRP B 147 1.07 7.04 -32.97
CA TRP B 147 -0.29 7.34 -33.35
C TRP B 147 -0.52 7.09 -34.85
N LYS B 148 0.30 7.69 -35.70
CA LYS B 148 0.18 7.49 -37.15
C LYS B 148 0.30 6.01 -37.54
N ILE B 149 1.22 5.27 -36.94
CA ILE B 149 1.43 3.88 -37.37
C ILE B 149 0.30 2.97 -36.89
N SER B 150 -0.10 3.15 -35.63
CA SER B 150 -1.07 2.26 -34.99
C SER B 150 -2.46 2.34 -35.64
N GLY B 151 -2.84 3.54 -36.07
CA GLY B 151 -4.21 3.78 -36.50
C GLY B 151 -5.20 3.85 -35.35
N PHE B 152 -4.69 3.97 -34.12
CA PHE B 152 -5.57 4.15 -32.96
C PHE B 152 -6.22 5.55 -32.95
N PRO B 153 -7.37 5.68 -32.28
CA PRO B 153 -7.87 7.02 -31.98
C PRO B 153 -6.94 7.65 -30.94
N LYS B 154 -6.68 8.95 -31.06
CA LYS B 154 -5.62 9.58 -30.29
C LYS B 154 -5.78 9.47 -28.77
N ASN B 155 -7.01 9.27 -28.30
CA ASN B 155 -7.20 9.06 -26.86
C ASN B 155 -6.40 7.88 -26.31
N ARG B 156 -6.15 6.88 -27.15
CA ARG B 156 -5.48 5.66 -26.71
C ARG B 156 -3.98 5.65 -26.98
N VAL B 157 -3.43 6.80 -27.32
CA VAL B 157 -1.99 6.91 -27.59
C VAL B 157 -1.42 8.06 -26.77
N ILE B 158 -0.69 7.70 -25.71
CA ILE B 158 -0.29 8.68 -24.70
C ILE B 158 1.22 8.72 -24.57
N GLY B 159 1.80 9.91 -24.57
CA GLY B 159 3.21 10.05 -24.30
C GLY B 159 3.47 10.46 -22.84
N SER B 160 4.46 9.82 -22.19
CA SER B 160 4.75 10.11 -20.79
C SER B 160 5.00 11.61 -20.60
N GLY B 161 5.55 12.26 -21.63
CA GLY B 161 5.54 13.71 -21.72
C GLY B 161 6.16 14.44 -20.54
N CYS B 162 5.48 15.51 -20.11
CA CYS B 162 5.99 16.37 -19.04
C CYS B 162 5.53 15.97 -17.64
N ASN B 163 4.95 14.79 -17.51
CA ASN B 163 4.61 14.32 -16.17
C ASN B 163 5.87 14.39 -15.29
N LEU B 164 6.98 13.94 -15.85
CA LEU B 164 8.27 13.91 -15.15
C LEU B 164 8.87 15.30 -14.98
N ASP B 165 8.75 16.15 -16.01
CA ASP B 165 9.26 17.52 -15.90
C ASP B 165 8.55 18.26 -14.75
N SER B 166 7.23 18.11 -14.70
CA SER B 166 6.44 18.74 -13.64
C SER B 166 6.79 18.17 -12.26
N ALA B 167 7.00 16.86 -12.20
CA ALA B 167 7.44 16.21 -10.96
C ALA B 167 8.76 16.80 -10.48
N ARG B 168 9.68 17.01 -11.41
CA ARG B 168 10.97 17.59 -11.09
C ARG B 168 10.81 19.04 -10.63
N PHE B 169 9.96 19.78 -11.34
CA PHE B 169 9.67 21.17 -10.99
C PHE B 169 9.13 21.24 -9.56
N ARG B 170 8.25 20.33 -9.22
CA ARG B 170 7.57 20.37 -7.92
C ARG B 170 8.51 19.95 -6.79
N TYR B 171 9.44 19.05 -7.11
CA TYR B 171 10.48 18.68 -6.18
C TYR B 171 11.37 19.90 -5.87
N LEU B 172 11.78 20.61 -6.92
CA LEU B 172 12.61 21.81 -6.74
C LEU B 172 11.87 22.94 -6.02
N MET B 173 10.60 23.11 -6.39
CA MET B 173 9.76 24.06 -5.69
CA MET B 173 9.74 24.06 -5.68
C MET B 173 9.66 23.73 -4.21
N GLY B 174 9.36 22.47 -3.89
CA GLY B 174 9.19 22.06 -2.52
C GLY B 174 10.45 22.29 -1.71
N GLU B 175 11.61 22.05 -2.33
CA GLU B 175 12.88 22.28 -1.67
C GLU B 175 13.07 23.75 -1.31
N ARG B 176 12.71 24.64 -2.23
CA ARG B 176 12.79 26.07 -1.95
C ARG B 176 11.81 26.55 -0.88
N LEU B 177 10.62 25.96 -0.84
CA LEU B 177 9.56 26.45 0.04
C LEU B 177 9.48 25.69 1.36
N GLY B 178 10.17 24.55 1.45
CA GLY B 178 10.14 23.71 2.64
C GLY B 178 8.82 22.98 2.76
N VAL B 179 8.28 22.54 1.63
CA VAL B 179 6.99 21.87 1.62
C VAL B 179 7.09 20.62 0.75
N HIS B 180 6.34 19.57 1.10
CA HIS B 180 6.33 18.36 0.27
C HIS B 180 5.82 18.68 -1.15
N PRO B 181 6.48 18.11 -2.18
CA PRO B 181 6.10 18.40 -3.57
C PRO B 181 4.63 18.11 -3.87
N LEU B 182 4.05 17.14 -3.18
CA LEU B 182 2.62 16.90 -3.26
C LEU B 182 1.81 18.17 -2.97
N SER B 183 2.34 19.05 -2.15
CA SER B 183 1.58 20.24 -1.75
C SER B 183 2.01 21.48 -2.52
N CYS B 184 3.02 21.33 -3.37
CA CYS B 184 3.49 22.42 -4.23
C CYS B 184 2.96 22.15 -5.62
N HIS B 185 2.23 23.10 -6.21
CA HIS B 185 1.61 22.86 -7.51
C HIS B 185 2.19 23.78 -8.58
N GLY B 186 2.45 23.22 -9.74
CA GLY B 186 3.08 23.97 -10.80
C GLY B 186 3.21 23.05 -12.00
N TRP B 187 3.00 23.61 -13.18
CA TRP B 187 2.93 22.79 -14.38
C TRP B 187 3.99 23.21 -15.39
N VAL B 188 4.67 22.20 -15.94
CA VAL B 188 5.58 22.37 -17.06
C VAL B 188 4.92 21.71 -18.28
N LEU B 189 4.75 22.47 -19.36
CA LEU B 189 4.04 21.97 -20.53
C LEU B 189 4.91 22.01 -21.80
N GLY B 190 4.37 21.46 -22.88
CA GLY B 190 5.03 21.53 -24.18
C GLY B 190 5.97 20.35 -24.38
N GLU B 191 7.12 20.59 -25.02
CA GLU B 191 8.07 19.52 -25.30
C GLU B 191 8.67 18.93 -24.03
N HIS B 192 8.74 17.61 -23.94
CA HIS B 192 9.60 16.98 -22.95
C HIS B 192 11.04 17.14 -23.42
N GLY B 193 11.65 18.28 -23.08
CA GLY B 193 12.92 18.65 -23.67
C GLY B 193 13.22 20.14 -23.49
N ASP B 194 14.12 20.65 -24.30
CA ASP B 194 14.65 22.00 -24.13
C ASP B 194 13.65 23.14 -24.24
N SER B 195 12.54 22.93 -24.96
CA SER B 195 11.59 24.02 -25.18
C SER B 195 10.33 23.94 -24.29
N SER B 196 10.37 23.15 -23.23
CA SER B 196 9.24 23.04 -22.32
C SER B 196 8.96 24.40 -21.68
N VAL B 197 7.73 24.58 -21.21
CA VAL B 197 7.25 25.88 -20.76
C VAL B 197 6.72 25.83 -19.33
N PRO B 198 7.34 26.58 -18.41
CA PRO B 198 6.84 26.64 -17.03
C PRO B 198 5.67 27.61 -16.96
N VAL B 199 4.56 27.19 -16.38
CA VAL B 199 3.39 28.06 -16.31
C VAL B 199 3.35 28.79 -14.97
N TRP B 200 4.05 29.91 -14.92
CA TRP B 200 4.17 30.69 -13.70
C TRP B 200 2.81 31.08 -13.14
N SER B 201 1.85 31.35 -14.01
CA SER B 201 0.56 31.85 -13.58
C SER B 201 -0.24 30.84 -12.76
N GLY B 202 0.11 29.57 -12.89
CA GLY B 202 -0.64 28.54 -12.18
C GLY B 202 0.04 28.01 -10.94
N MET B 203 1.27 28.43 -10.70
CA MET B 203 2.02 27.94 -9.54
C MET B 203 1.42 28.45 -8.22
N ASN B 204 1.27 27.54 -7.27
CA ASN B 204 0.58 27.88 -6.02
C ASN B 204 0.79 26.85 -4.93
N VAL B 205 0.61 27.28 -3.69
CA VAL B 205 0.50 26.38 -2.55
C VAL B 205 -0.83 26.69 -1.90
N ALA B 206 -1.61 25.66 -1.59
CA ALA B 206 -2.92 25.83 -0.95
C ALA B 206 -3.82 26.84 -1.67
N GLY B 207 -3.67 26.94 -2.99
CA GLY B 207 -4.53 27.83 -3.75
C GLY B 207 -4.02 29.26 -3.73
N VAL B 208 -2.89 29.49 -3.05
CA VAL B 208 -2.31 30.82 -3.03
C VAL B 208 -1.37 31.02 -4.20
N SER B 209 -1.69 31.98 -5.07
CA SER B 209 -0.93 32.20 -6.31
C SER B 209 0.40 32.91 -6.05
N LEU B 210 1.50 32.24 -6.38
CA LEU B 210 2.82 32.83 -6.16
C LEU B 210 3.04 34.05 -7.06
N LYS B 211 2.44 34.03 -8.24
CA LYS B 211 2.55 35.13 -9.18
C LYS B 211 1.86 36.39 -8.65
N THR B 212 0.72 36.21 -8.00
CA THR B 212 -0.03 37.34 -7.42
C THR B 212 0.77 37.89 -6.25
N LEU B 213 1.32 36.99 -5.45
CA LEU B 213 2.16 37.37 -4.32
CA LEU B 213 2.15 37.39 -4.32
C LEU B 213 3.45 38.02 -4.79
N HIS B 214 3.96 37.56 -5.93
CA HIS B 214 5.28 37.95 -6.40
C HIS B 214 5.26 38.16 -7.92
N PRO B 215 4.89 39.38 -8.36
CA PRO B 215 4.66 39.66 -9.78
C PRO B 215 5.84 39.42 -10.72
N ASP B 216 7.07 39.52 -10.23
CA ASP B 216 8.26 39.30 -11.07
C ASP B 216 8.52 37.80 -11.31
N LEU B 217 7.69 36.97 -10.70
CA LEU B 217 7.91 35.53 -10.70
C LEU B 217 8.15 35.02 -12.11
N GLY B 218 9.35 34.48 -12.33
CA GLY B 218 9.66 33.80 -13.58
C GLY B 218 10.31 34.70 -14.61
N THR B 219 10.26 36.01 -14.38
CA THR B 219 10.87 36.94 -15.33
C THR B 219 12.34 37.14 -15.00
N ASP B 220 13.03 37.88 -15.87
CA ASP B 220 14.47 38.08 -15.73
C ASP B 220 14.83 39.04 -14.60
N LYS B 221 13.89 39.90 -14.23
CA LYS B 221 14.11 40.85 -13.15
C LYS B 221 13.69 40.30 -11.78
N ASP B 222 13.23 39.05 -11.78
CA ASP B 222 12.86 38.37 -10.55
C ASP B 222 14.09 38.26 -9.64
N LYS B 223 14.08 38.96 -8.52
CA LYS B 223 15.27 39.01 -7.68
C LYS B 223 15.62 37.63 -7.10
N GLU B 224 14.61 36.78 -6.95
CA GLU B 224 14.85 35.40 -6.52
C GLU B 224 15.15 34.43 -7.68
N GLN B 225 15.17 34.93 -8.91
CA GLN B 225 15.52 34.12 -10.09
C GLN B 225 14.82 32.76 -10.16
N TRP B 226 13.50 32.76 -10.04
CA TRP B 226 12.74 31.51 -10.14
C TRP B 226 12.85 30.83 -11.49
N LYS B 227 13.16 31.61 -12.54
CA LYS B 227 13.39 31.01 -13.85
C LYS B 227 14.46 29.92 -13.79
N GLU B 228 15.42 30.07 -12.88
CA GLU B 228 16.50 29.09 -12.73
C GLU B 228 15.96 27.73 -12.34
N VAL B 229 14.80 27.72 -11.71
CA VAL B 229 14.20 26.48 -11.30
C VAL B 229 13.75 25.71 -12.56
N HIS B 230 13.13 26.42 -13.49
CA HIS B 230 12.78 25.77 -14.76
C HIS B 230 14.03 25.39 -15.53
N LYS B 231 15.03 26.27 -15.54
CA LYS B 231 16.27 25.94 -16.22
C LYS B 231 16.86 24.62 -15.65
N GLN B 232 16.73 24.42 -14.34
CA GLN B 232 17.22 23.19 -13.71
C GLN B 232 16.42 21.98 -14.15
N VAL B 233 15.14 22.19 -14.39
CA VAL B 233 14.27 21.11 -14.88
C VAL B 233 14.71 20.69 -16.27
N VAL B 234 14.93 21.67 -17.14
CA VAL B 234 15.45 21.41 -18.49
C VAL B 234 16.76 20.62 -18.48
N GLU B 235 17.70 21.03 -17.62
CA GLU B 235 19.03 20.43 -17.60
CA GLU B 235 19.03 20.45 -17.58
C GLU B 235 19.09 19.13 -16.79
N SER B 236 17.98 18.77 -16.18
CA SER B 236 17.91 17.62 -15.27
C SER B 236 18.45 16.30 -15.83
N ALA B 237 17.91 15.85 -16.96
CA ALA B 237 18.36 14.61 -17.58
C ALA B 237 19.85 14.67 -17.89
N TYR B 238 20.28 15.78 -18.48
CA TYR B 238 21.69 15.94 -18.81
CA TYR B 238 21.70 15.95 -18.79
C TYR B 238 22.58 15.79 -17.55
N GLU B 239 22.15 16.35 -16.43
CA GLU B 239 22.94 16.29 -15.20
C GLU B 239 23.04 14.86 -14.72
N VAL B 240 21.89 14.20 -14.64
CA VAL B 240 21.83 12.81 -14.22
C VAL B 240 22.63 11.90 -15.16
N ILE B 241 22.46 12.12 -16.46
CA ILE B 241 23.20 11.34 -17.46
C ILE B 241 24.71 11.50 -17.30
N LYS B 242 25.19 12.72 -17.15
CA LYS B 242 26.61 12.92 -16.95
C LYS B 242 27.11 12.17 -15.69
N LEU B 243 26.29 12.12 -14.64
CA LEU B 243 26.71 11.52 -13.39
C LEU B 243 26.72 9.99 -13.38
N LYS B 244 25.61 9.39 -13.83
CA LYS B 244 25.43 7.95 -13.70
C LYS B 244 25.17 7.29 -15.05
N GLY B 245 25.18 8.10 -16.11
CA GLY B 245 25.13 7.57 -17.47
C GLY B 245 23.76 7.49 -18.13
N TYR B 246 22.69 7.68 -17.35
CA TYR B 246 21.33 7.53 -17.86
C TYR B 246 20.35 7.87 -16.75
N THR B 247 19.06 8.02 -17.08
CA THR B 247 18.04 8.18 -16.03
C THR B 247 17.08 7.00 -16.06
N SER B 248 16.57 6.62 -14.89
CA SER B 248 15.72 5.43 -14.80
C SER B 248 14.66 5.49 -13.70
N TRP B 249 15.06 5.80 -12.46
CA TRP B 249 14.12 5.66 -11.34
C TRP B 249 12.94 6.64 -11.43
N ALA B 250 13.24 7.92 -11.69
CA ALA B 250 12.19 8.93 -11.72
C ALA B 250 11.18 8.69 -12.85
N ILE B 251 11.66 8.31 -14.03
CA ILE B 251 10.74 8.03 -15.13
C ILE B 251 9.92 6.78 -14.80
N GLY B 252 10.56 5.80 -14.16
CA GLY B 252 9.87 4.60 -13.73
C GLY B 252 8.68 4.89 -12.84
N LEU B 253 8.91 5.73 -11.83
CA LEU B 253 7.85 6.23 -10.94
C LEU B 253 6.80 7.08 -11.67
N SER B 254 7.26 7.96 -12.57
CA SER B 254 6.33 8.76 -13.35
C SER B 254 5.41 7.90 -14.22
N VAL B 255 6.01 6.96 -14.93
CA VAL B 255 5.23 6.02 -15.74
C VAL B 255 4.22 5.23 -14.90
N ALA B 256 4.64 4.80 -13.72
CA ALA B 256 3.75 4.00 -12.86
C ALA B 256 2.59 4.85 -12.34
N ASP B 257 2.87 6.12 -12.07
CA ASP B 257 1.82 7.07 -11.66
C ASP B 257 0.80 7.18 -12.80
N LEU B 258 1.29 7.31 -14.03
CA LEU B 258 0.39 7.36 -15.18
C LEU B 258 -0.40 6.04 -15.31
N ALA B 259 0.30 4.91 -15.19
CA ALA B 259 -0.35 3.60 -15.36
C ALA B 259 -1.47 3.42 -14.33
N GLU B 260 -1.29 3.98 -13.14
CA GLU B 260 -2.27 3.80 -12.09
C GLU B 260 -3.57 4.53 -12.41
N SER B 261 -3.45 5.72 -13.01
CA SER B 261 -4.64 6.47 -13.37
C SER B 261 -5.40 5.72 -14.44
N ILE B 262 -4.67 5.24 -15.43
CA ILE B 262 -5.28 4.49 -16.54
C ILE B 262 -5.88 3.19 -16.06
N MET B 263 -5.09 2.35 -15.38
CA MET B 263 -5.56 1.03 -14.97
C MET B 263 -6.71 1.10 -13.97
N LYS B 264 -6.70 2.09 -13.08
CA LYS B 264 -7.76 2.18 -12.07
C LYS B 264 -8.87 3.20 -12.46
N ASN B 265 -8.78 3.75 -13.67
CA ASN B 265 -9.76 4.71 -14.15
C ASN B 265 -10.00 5.90 -13.19
N LEU B 266 -8.91 6.49 -12.72
CA LEU B 266 -9.01 7.51 -11.67
C LEU B 266 -9.56 8.85 -12.17
N ARG B 267 -9.31 9.15 -13.44
CA ARG B 267 -9.62 10.47 -13.97
C ARG B 267 -8.86 11.57 -13.21
N ARG B 268 -7.58 11.31 -12.92
CA ARG B 268 -6.67 12.35 -12.43
C ARG B 268 -6.09 13.14 -13.59
N VAL B 269 -5.63 14.36 -13.33
CA VAL B 269 -5.06 15.22 -14.37
C VAL B 269 -3.54 15.13 -14.39
N HIS B 270 -2.96 14.80 -15.55
CA HIS B 270 -1.50 14.74 -15.70
C HIS B 270 -1.08 15.46 -16.98
N PRO B 271 0.12 16.06 -16.98
CA PRO B 271 0.58 16.62 -18.25
C PRO B 271 1.24 15.51 -19.09
N VAL B 272 0.54 15.08 -20.14
CA VAL B 272 1.03 14.01 -21.03
C VAL B 272 1.02 14.45 -22.50
N SER B 273 1.78 13.73 -23.34
CA SER B 273 1.93 14.07 -24.75
C SER B 273 0.65 13.70 -25.47
N THR B 274 0.05 14.68 -26.14
CA THR B 274 -1.16 14.43 -26.91
C THR B 274 -1.29 15.46 -28.04
N MET B 275 -2.24 15.25 -28.94
CA MET B 275 -2.38 16.17 -30.06
C MET B 275 -3.07 17.45 -29.62
N ILE B 276 -2.41 18.58 -29.82
CA ILE B 276 -2.98 19.82 -29.33
C ILE B 276 -3.59 20.67 -30.43
N LYS B 277 -3.86 20.08 -31.59
CA LYS B 277 -4.52 20.81 -32.66
C LYS B 277 -5.83 21.42 -32.14
N GLY B 278 -6.06 22.70 -32.43
CA GLY B 278 -7.27 23.37 -32.03
C GLY B 278 -7.11 24.20 -30.77
N LEU B 279 -5.95 24.11 -30.13
CA LEU B 279 -5.66 24.93 -28.96
C LEU B 279 -4.66 26.02 -29.34
N TYR B 280 -4.85 27.21 -28.77
CA TYR B 280 -3.90 28.30 -28.96
C TYR B 280 -3.63 28.54 -30.44
N GLY B 281 -4.66 28.46 -31.25
CA GLY B 281 -4.55 28.69 -32.69
C GLY B 281 -3.61 27.76 -33.45
N ILE B 282 -3.35 26.57 -32.92
CA ILE B 282 -2.48 25.60 -33.58
C ILE B 282 -3.30 24.73 -34.54
N LYS B 283 -2.85 24.65 -35.79
CA LYS B 283 -3.59 23.95 -36.85
C LYS B 283 -2.97 22.60 -37.22
N ASP B 284 -1.73 22.38 -36.81
CA ASP B 284 -1.02 21.17 -37.21
C ASP B 284 -1.27 20.02 -36.24
N ASP B 285 -1.01 18.80 -36.69
CA ASP B 285 -1.23 17.61 -35.88
C ASP B 285 -0.05 17.38 -34.94
N VAL B 286 0.36 18.41 -34.23
CA VAL B 286 1.53 18.31 -33.36
C VAL B 286 1.17 17.74 -31.98
N PHE B 287 2.07 16.93 -31.43
CA PHE B 287 1.88 16.30 -30.14
C PHE B 287 2.82 16.97 -29.14
N LEU B 288 2.32 17.22 -27.95
CA LEU B 288 3.16 17.72 -26.86
C LEU B 288 2.27 17.79 -25.63
N SER B 289 2.88 18.05 -24.46
CA SER B 289 2.15 17.95 -23.19
C SER B 289 1.23 19.14 -22.83
N VAL B 290 -0.02 18.80 -22.51
CA VAL B 290 -0.92 19.69 -21.79
C VAL B 290 -1.60 18.83 -20.74
N PRO B 291 -2.27 19.45 -19.76
CA PRO B 291 -2.90 18.62 -18.73
C PRO B 291 -4.06 17.83 -19.32
N CYS B 292 -4.11 16.54 -19.00
CA CYS B 292 -5.14 15.66 -19.53
C CYS B 292 -5.76 14.87 -18.40
N ILE B 293 -7.03 14.53 -18.56
CA ILE B 293 -7.74 13.63 -17.66
C ILE B 293 -7.48 12.20 -18.14
N LEU B 294 -6.84 11.38 -17.30
CA LEU B 294 -6.49 10.00 -17.67
C LEU B 294 -7.39 8.96 -17.00
N GLY B 295 -7.83 7.98 -17.76
CA GLY B 295 -8.69 6.92 -17.23
C GLY B 295 -8.60 5.65 -18.06
N GLN B 296 -9.59 4.77 -17.92
CA GLN B 296 -9.57 3.48 -18.61
C GLN B 296 -9.62 3.59 -20.14
N ASN B 297 -9.99 4.76 -20.65
CA ASN B 297 -9.98 4.97 -22.10
C ASN B 297 -8.82 5.85 -22.52
N GLY B 298 -7.84 5.98 -21.64
CA GLY B 298 -6.69 6.81 -21.93
C GLY B 298 -7.07 8.26 -21.71
N ILE B 299 -6.75 9.12 -22.66
CA ILE B 299 -7.03 10.56 -22.53
C ILE B 299 -8.46 10.89 -22.95
N SER B 300 -9.34 11.12 -21.98
CA SER B 300 -10.74 11.41 -22.30
C SER B 300 -11.01 12.89 -22.47
N ASP B 301 -10.18 13.72 -21.85
CA ASP B 301 -10.37 15.17 -21.88
C ASP B 301 -9.05 15.89 -21.75
N LEU B 302 -9.00 17.12 -22.29
CA LEU B 302 -7.86 18.02 -22.12
C LEU B 302 -8.31 19.19 -21.27
N VAL B 303 -7.44 19.66 -20.38
CA VAL B 303 -7.71 20.88 -19.60
C VAL B 303 -7.17 22.06 -20.38
N LYS B 304 -8.01 23.06 -20.59
CA LYS B 304 -7.62 24.24 -21.37
C LYS B 304 -6.99 25.26 -20.43
N VAL B 305 -5.66 25.29 -20.40
CA VAL B 305 -4.97 26.20 -19.52
C VAL B 305 -4.90 27.61 -20.08
N THR B 306 -5.17 28.57 -19.23
CA THR B 306 -5.09 29.98 -19.61
C THR B 306 -3.65 30.45 -19.53
N LEU B 307 -3.00 30.56 -20.68
CA LEU B 307 -1.62 31.01 -20.71
C LEU B 307 -1.56 32.51 -20.90
N THR B 308 -0.57 33.16 -20.28
CA THR B 308 -0.30 34.56 -20.59
C THR B 308 0.18 34.63 -22.03
N SER B 309 0.19 35.84 -22.58
CA SER B 309 0.70 36.04 -23.93
C SER B 309 2.11 35.48 -24.11
N GLU B 310 2.96 35.62 -23.09
CA GLU B 310 4.35 35.18 -23.17
C GLU B 310 4.46 33.65 -23.04
N GLU B 311 3.65 33.08 -22.16
CA GLU B 311 3.58 31.65 -22.00
C GLU B 311 3.06 30.99 -23.27
N GLU B 312 2.01 31.58 -23.85
CA GLU B 312 1.41 31.03 -25.06
C GLU B 312 2.39 31.10 -26.23
N ALA B 313 3.13 32.20 -26.34
CA ALA B 313 4.13 32.31 -27.40
C ALA B 313 5.23 31.25 -27.23
N ARG B 314 5.65 31.02 -25.99
CA ARG B 314 6.66 30.02 -25.70
C ARG B 314 6.15 28.63 -26.04
N LEU B 315 4.88 28.38 -25.71
CA LEU B 315 4.28 27.10 -26.06
C LEU B 315 4.20 26.91 -27.58
N LYS B 316 3.79 27.95 -28.30
CA LYS B 316 3.71 27.86 -29.76
C LYS B 316 5.10 27.70 -30.41
N LYS B 317 6.12 28.22 -29.75
CA LYS B 317 7.49 28.04 -30.22
C LYS B 317 7.83 26.54 -30.20
N SER B 318 7.64 25.94 -29.03
CA SER B 318 7.81 24.51 -28.83
C SER B 318 7.07 23.72 -29.91
N ALA B 319 5.81 24.07 -30.14
CA ALA B 319 5.00 23.40 -31.17
C ALA B 319 5.57 23.54 -32.59
N ASP B 320 6.02 24.75 -32.94
CA ASP B 320 6.62 24.98 -34.24
C ASP B 320 7.80 24.04 -34.42
N THR B 321 8.70 24.06 -33.45
CA THR B 321 9.88 23.21 -33.47
C THR B 321 9.51 21.75 -33.69
N LEU B 322 8.62 21.24 -32.85
CA LEU B 322 8.26 19.83 -32.89
C LEU B 322 7.56 19.46 -34.21
N TRP B 323 6.69 20.33 -34.70
CA TRP B 323 6.00 20.03 -35.95
C TRP B 323 6.95 20.06 -37.14
N GLY B 324 7.95 20.93 -37.07
CA GLY B 324 8.96 20.98 -38.10
C GLY B 324 9.62 19.62 -38.25
N ILE B 325 9.80 18.92 -37.14
CA ILE B 325 10.39 17.59 -37.18
C ILE B 325 9.36 16.53 -37.60
N GLN B 326 8.23 16.52 -36.91
CA GLN B 326 7.16 15.55 -37.18
C GLN B 326 6.76 15.55 -38.66
N LYS B 327 6.56 16.74 -39.22
CA LYS B 327 6.08 16.85 -40.60
C LYS B 327 7.00 16.19 -41.65
N GLU B 328 8.29 16.09 -41.33
CA GLU B 328 9.24 15.55 -42.32
C GLU B 328 9.35 14.03 -42.29
N LEU B 329 8.70 13.39 -41.32
CA LEU B 329 8.77 11.94 -41.18
C LEU B 329 8.05 11.19 -42.30
N GLN B 330 8.64 10.11 -42.75
CA GLN B 330 8.12 9.34 -43.87
C GLN B 330 7.61 7.97 -43.42
N PHE B 331 6.31 7.73 -43.62
CA PHE B 331 5.70 6.47 -43.22
C PHE B 331 5.31 5.62 -44.43
N ALA C 1 -19.45 29.31 -22.41
CA ALA C 1 -20.48 28.39 -21.96
C ALA C 1 -20.35 28.10 -20.46
N THR C 2 -20.69 26.87 -20.11
CA THR C 2 -20.58 26.41 -18.72
C THR C 2 -19.13 26.47 -18.27
N LEU C 3 -18.91 26.65 -16.97
CA LEU C 3 -17.57 26.63 -16.44
C LEU C 3 -16.85 25.34 -16.84
N LYS C 4 -17.56 24.22 -16.75
CA LYS C 4 -16.98 22.93 -17.11
C LYS C 4 -16.51 22.93 -18.56
N ASP C 5 -17.29 23.56 -19.44
CA ASP C 5 -16.92 23.66 -20.85
C ASP C 5 -15.76 24.61 -21.12
N GLN C 6 -15.69 25.70 -20.36
CA GLN C 6 -14.55 26.63 -20.48
C GLN C 6 -13.25 25.98 -20.00
N LEU C 7 -13.38 25.09 -19.03
CA LEU C 7 -12.21 24.45 -18.41
C LEU C 7 -11.75 23.21 -19.16
N ILE C 8 -12.69 22.42 -19.64
CA ILE C 8 -12.37 21.08 -20.12
C ILE C 8 -12.86 20.84 -21.54
N TYR C 9 -11.94 20.40 -22.40
CA TYR C 9 -12.29 19.98 -23.75
C TYR C 9 -12.39 18.45 -23.86
N ASN C 10 -13.59 17.98 -24.18
CA ASN C 10 -13.87 16.55 -24.20
C ASN C 10 -13.54 15.86 -25.54
N LEU C 11 -12.84 14.73 -25.46
CA LEU C 11 -12.58 13.89 -26.65
C LEU C 11 -13.58 12.74 -26.76
N LEU C 12 -14.01 12.20 -25.62
CA LEU C 12 -14.81 10.98 -25.59
C LEU C 12 -16.01 11.10 -24.67
N LYS C 13 -17.18 10.80 -25.20
CA LYS C 13 -18.37 10.74 -24.36
C LYS C 13 -18.59 9.30 -23.93
N GLU C 14 -18.46 8.39 -24.89
CA GLU C 14 -18.68 6.96 -24.66
C GLU C 14 -17.96 6.44 -23.43
N GLU C 15 -18.72 6.25 -22.36
CA GLU C 15 -18.16 5.66 -21.15
C GLU C 15 -18.06 4.15 -21.34
N GLN C 16 -17.66 3.45 -20.28
CA GLN C 16 -17.41 2.02 -20.36
C GLN C 16 -17.87 1.32 -19.09
N THR C 17 -18.19 0.03 -19.21
CA THR C 17 -18.57 -0.76 -18.05
C THR C 17 -17.45 -0.71 -17.01
N PRO C 18 -17.80 -0.80 -15.73
CA PRO C 18 -16.69 -0.96 -14.78
C PRO C 18 -16.06 -2.34 -14.99
N GLN C 19 -14.75 -2.41 -14.86
CA GLN C 19 -14.02 -3.63 -15.18
C GLN C 19 -13.66 -4.47 -13.94
N ASN C 20 -13.73 -3.85 -12.77
CA ASN C 20 -13.37 -4.53 -11.53
C ASN C 20 -14.34 -4.16 -10.42
N LYS C 21 -15.62 -4.44 -10.67
CA LYS C 21 -16.69 -4.01 -9.79
C LYS C 21 -16.99 -5.03 -8.71
N ILE C 22 -17.19 -4.55 -7.48
CA ILE C 22 -17.61 -5.38 -6.36
C ILE C 22 -18.89 -4.84 -5.73
N THR C 23 -19.82 -5.74 -5.42
CA THR C 23 -21.04 -5.36 -4.71
C THR C 23 -21.10 -5.98 -3.32
N VAL C 24 -21.53 -5.20 -2.33
CA VAL C 24 -21.84 -5.75 -1.02
C VAL C 24 -23.33 -5.66 -0.72
N VAL C 25 -23.94 -6.78 -0.33
CA VAL C 25 -25.36 -6.80 -0.03
C VAL C 25 -25.57 -6.95 1.47
N GLY C 26 -26.23 -5.95 2.06
CA GLY C 26 -26.38 -5.86 3.50
C GLY C 26 -25.38 -4.85 4.04
N VAL C 27 -25.85 -3.66 4.39
CA VAL C 27 -24.98 -2.61 4.93
C VAL C 27 -25.08 -2.46 6.45
N GLY C 28 -25.22 -3.59 7.13
CA GLY C 28 -25.13 -3.62 8.58
C GLY C 28 -23.67 -3.53 8.98
N ALA C 29 -23.35 -3.86 10.22
CA ALA C 29 -22.00 -3.66 10.72
C ALA C 29 -20.98 -4.49 9.95
N VAL C 30 -21.38 -5.69 9.51
CA VAL C 30 -20.50 -6.60 8.78
C VAL C 30 -20.28 -6.13 7.34
N GLY C 31 -21.37 -5.95 6.60
CA GLY C 31 -21.31 -5.36 5.27
C GLY C 31 -20.41 -4.13 5.19
N MET C 32 -20.59 -3.17 6.10
CA MET C 32 -19.82 -1.93 6.05
C MET C 32 -18.35 -2.14 6.38
N ALA C 33 -18.04 -3.12 7.21
CA ALA C 33 -16.64 -3.42 7.51
C ALA C 33 -15.96 -4.02 6.28
N CYS C 34 -16.70 -4.85 5.54
CA CYS C 34 -16.18 -5.40 4.29
C CYS C 34 -15.95 -4.26 3.31
N ALA C 35 -16.92 -3.35 3.24
CA ALA C 35 -16.83 -2.21 2.35
C ALA C 35 -15.60 -1.34 2.62
N ILE C 36 -15.39 -0.97 3.88
CA ILE C 36 -14.28 -0.07 4.16
C ILE C 36 -12.94 -0.77 3.88
N SER C 37 -12.87 -2.05 4.21
CA SER C 37 -11.64 -2.80 4.05
C SER C 37 -11.32 -2.98 2.58
N ILE C 38 -12.36 -3.27 1.79
CA ILE C 38 -12.20 -3.37 0.35
C ILE C 38 -11.69 -2.04 -0.24
N LEU C 39 -12.33 -0.93 0.15
CA LEU C 39 -11.93 0.38 -0.39
C LEU C 39 -10.48 0.71 -0.04
N MET C 40 -10.09 0.44 1.20
CA MET C 40 -8.74 0.78 1.63
C MET C 40 -7.69 -0.17 1.09
N LYS C 41 -8.13 -1.24 0.43
CA LYS C 41 -7.20 -2.12 -0.23
C LYS C 41 -7.19 -1.93 -1.77
N ASP C 42 -7.99 -1.00 -2.27
CA ASP C 42 -7.96 -0.65 -3.70
C ASP C 42 -8.24 -1.87 -4.58
N LEU C 43 -9.29 -2.61 -4.26
CA LEU C 43 -9.58 -3.84 -5.00
C LEU C 43 -10.62 -3.63 -6.10
N ALA C 44 -11.31 -2.49 -6.07
CA ALA C 44 -12.43 -2.27 -6.97
C ALA C 44 -12.38 -0.89 -7.63
N ASP C 45 -12.84 -0.81 -8.88
CA ASP C 45 -12.96 0.49 -9.51
C ASP C 45 -14.37 1.03 -9.33
N GLU C 46 -15.26 0.14 -8.90
CA GLU C 46 -16.60 0.55 -8.55
C GLU C 46 -17.13 -0.38 -7.47
N LEU C 47 -17.66 0.23 -6.42
CA LEU C 47 -18.31 -0.49 -5.34
C LEU C 47 -19.81 -0.13 -5.32
N ALA C 48 -20.67 -1.14 -5.25
CA ALA C 48 -22.10 -0.93 -5.06
C ALA C 48 -22.54 -1.51 -3.73
N LEU C 49 -23.50 -0.84 -3.09
CA LEU C 49 -24.09 -1.32 -1.84
C LEU C 49 -25.58 -1.53 -2.08
N VAL C 50 -26.13 -2.61 -1.54
CA VAL C 50 -27.56 -2.86 -1.61
C VAL C 50 -28.09 -3.17 -0.21
N ASP C 51 -29.31 -2.74 0.06
CA ASP C 51 -29.98 -3.09 1.32
C ASP C 51 -31.45 -2.77 1.15
N VAL C 52 -32.27 -3.11 2.15
CA VAL C 52 -33.69 -2.79 2.10
C VAL C 52 -34.04 -1.54 2.94
N ILE C 53 -33.15 -1.16 3.85
CA ILE C 53 -33.34 0.05 4.63
C ILE C 53 -32.73 1.24 3.89
N GLU C 54 -33.60 2.03 3.27
CA GLU C 54 -33.18 3.02 2.28
C GLU C 54 -32.38 4.20 2.83
N ASP C 55 -32.83 4.79 3.93
CA ASP C 55 -32.10 5.90 4.55
CA ASP C 55 -32.09 5.91 4.52
C ASP C 55 -30.70 5.48 4.97
N LYS C 56 -30.63 4.37 5.71
CA LYS C 56 -29.35 3.82 6.15
C LYS C 56 -28.39 3.62 4.97
N LEU C 57 -28.90 2.99 3.92
CA LEU C 57 -28.10 2.68 2.74
C LEU C 57 -27.52 3.95 2.11
N LYS C 58 -28.36 4.96 1.95
CA LYS C 58 -27.91 6.20 1.34
C LYS C 58 -26.88 6.91 2.22
N GLY C 59 -27.09 6.88 3.53
CA GLY C 59 -26.18 7.51 4.47
C GLY C 59 -24.81 6.86 4.49
N GLU C 60 -24.78 5.53 4.39
CA GLU C 60 -23.51 4.82 4.33
C GLU C 60 -22.76 5.15 3.03
N MET C 61 -23.51 5.13 1.92
CA MET C 61 -22.93 5.49 0.63
C MET C 61 -22.28 6.89 0.67
N MET C 62 -23.05 7.89 1.10
CA MET C 62 -22.56 9.27 1.22
C MET C 62 -21.34 9.41 2.13
N ASP C 63 -21.37 8.72 3.27
CA ASP C 63 -20.29 8.82 4.24
C ASP C 63 -18.99 8.33 3.57
N LEU C 64 -19.08 7.23 2.83
CA LEU C 64 -17.94 6.70 2.07
C LEU C 64 -17.50 7.64 0.95
N GLN C 65 -18.46 8.14 0.18
CA GLN C 65 -18.17 9.09 -0.90
C GLN C 65 -17.37 10.29 -0.38
N HIS C 66 -17.81 10.84 0.74
CA HIS C 66 -17.14 12.00 1.32
C HIS C 66 -15.67 11.71 1.64
N GLY C 67 -15.31 10.43 1.71
CA GLY C 67 -13.92 10.05 1.92
C GLY C 67 -13.10 9.89 0.63
N SER C 68 -13.74 10.11 -0.51
CA SER C 68 -13.15 9.82 -1.83
C SER C 68 -11.76 10.39 -2.09
N LEU C 69 -11.50 11.58 -1.58
CA LEU C 69 -10.19 12.21 -1.74
C LEU C 69 -9.06 11.30 -1.22
N PHE C 70 -9.40 10.42 -0.27
CA PHE C 70 -8.39 9.60 0.39
C PHE C 70 -8.41 8.15 -0.16
N LEU C 71 -9.27 7.92 -1.15
CA LEU C 71 -9.43 6.59 -1.75
C LEU C 71 -9.02 6.54 -3.23
N ARG C 72 -8.89 5.34 -3.79
CA ARG C 72 -8.57 5.16 -5.20
CA ARG C 72 -8.59 5.21 -5.21
C ARG C 72 -9.65 4.34 -5.90
N THR C 73 -10.90 4.56 -5.49
CA THR C 73 -12.04 3.83 -6.02
C THR C 73 -13.04 4.88 -6.47
N PRO C 74 -13.04 5.19 -7.76
CA PRO C 74 -13.60 6.47 -8.21
C PRO C 74 -15.12 6.53 -8.25
N LYS C 75 -15.77 5.40 -8.02
CA LYS C 75 -17.23 5.38 -8.09
C LYS C 75 -17.85 4.46 -7.06
N ILE C 76 -18.70 5.04 -6.21
CA ILE C 76 -19.44 4.33 -5.19
C ILE C 76 -20.92 4.61 -5.43
N VAL C 77 -21.71 3.56 -5.56
CA VAL C 77 -23.15 3.71 -5.80
C VAL C 77 -23.92 2.81 -4.85
N SER C 78 -25.23 3.03 -4.75
CA SER C 78 -26.07 2.23 -3.87
C SER C 78 -27.54 2.27 -4.30
N GLY C 79 -28.34 1.35 -3.79
CA GLY C 79 -29.76 1.36 -4.09
C GLY C 79 -30.52 0.14 -3.62
N LYS C 80 -31.85 0.25 -3.65
CA LYS C 80 -32.73 -0.86 -3.32
C LYS C 80 -32.82 -1.78 -4.53
N ASP C 81 -32.79 -1.18 -5.72
CA ASP C 81 -32.85 -1.95 -6.96
C ASP C 81 -31.47 -2.50 -7.29
N TYR C 82 -31.43 -3.68 -7.89
CA TYR C 82 -30.18 -4.37 -8.18
C TYR C 82 -29.51 -3.95 -9.49
N ASN C 83 -30.15 -3.06 -10.24
CA ASN C 83 -29.52 -2.55 -11.45
C ASN C 83 -28.21 -1.83 -11.12
N VAL C 84 -28.05 -1.40 -9.88
CA VAL C 84 -26.80 -0.74 -9.49
C VAL C 84 -25.65 -1.72 -9.33
N THR C 85 -25.97 -3.01 -9.28
CA THR C 85 -24.95 -4.04 -9.11
C THR C 85 -24.50 -4.65 -10.44
N ALA C 86 -25.11 -4.20 -11.53
CA ALA C 86 -24.80 -4.73 -12.86
C ALA C 86 -23.29 -4.92 -13.10
N ASN C 87 -22.93 -6.11 -13.58
CA ASN C 87 -21.56 -6.43 -14.03
C ASN C 87 -20.51 -6.46 -12.90
N SER C 88 -20.93 -6.89 -11.72
CA SER C 88 -19.98 -7.11 -10.63
C SER C 88 -19.21 -8.40 -10.88
N LYS C 89 -17.91 -8.37 -10.59
CA LYS C 89 -17.09 -9.57 -10.68
C LYS C 89 -17.34 -10.43 -9.45
N LEU C 90 -17.70 -9.75 -8.35
CA LEU C 90 -17.83 -10.39 -7.04
C LEU C 90 -18.95 -9.74 -6.26
N VAL C 91 -19.81 -10.58 -5.68
CA VAL C 91 -20.94 -10.08 -4.91
C VAL C 91 -20.96 -10.73 -3.55
N ILE C 92 -20.70 -9.94 -2.53
CA ILE C 92 -20.60 -10.42 -1.16
C ILE C 92 -21.95 -10.25 -0.46
N ILE C 93 -22.46 -11.34 0.10
CA ILE C 93 -23.77 -11.31 0.73
C ILE C 93 -23.64 -11.40 2.24
N THR C 94 -24.00 -10.33 2.94
CA THR C 94 -24.01 -10.33 4.40
C THR C 94 -25.41 -10.12 4.94
N ALA C 95 -26.39 -10.03 4.05
CA ALA C 95 -27.77 -9.82 4.46
C ALA C 95 -28.35 -11.07 5.11
N GLY C 96 -29.35 -10.89 5.96
CA GLY C 96 -30.02 -12.01 6.58
C GLY C 96 -30.86 -11.59 7.77
N ALA C 97 -31.50 -12.56 8.40
CA ALA C 97 -32.33 -12.32 9.58
C ALA C 97 -31.65 -12.79 10.86
N ARG C 98 -31.61 -11.93 11.87
CA ARG C 98 -31.01 -12.28 13.16
C ARG C 98 -31.95 -13.21 13.93
N GLN C 99 -31.41 -14.31 14.46
CA GLN C 99 -32.24 -15.25 15.20
C GLN C 99 -32.98 -14.52 16.30
N GLN C 100 -34.25 -14.89 16.49
CA GLN C 100 -35.12 -14.18 17.44
C GLN C 100 -35.36 -14.97 18.72
N GLU C 101 -35.89 -14.26 19.72
CA GLU C 101 -36.22 -14.84 21.01
C GLU C 101 -37.21 -16.01 20.86
N GLY C 102 -36.73 -17.23 21.13
CA GLY C 102 -37.58 -18.40 21.11
C GLY C 102 -37.64 -19.13 19.77
N GLU C 103 -36.94 -18.59 18.77
CA GLU C 103 -37.01 -19.16 17.43
C GLU C 103 -36.13 -20.40 17.29
N SER C 104 -36.63 -21.40 16.57
CA SER C 104 -35.88 -22.62 16.34
C SER C 104 -34.87 -22.42 15.20
N ARG C 105 -33.96 -23.38 15.07
CA ARG C 105 -32.92 -23.31 14.06
C ARG C 105 -33.47 -23.54 12.65
N LEU C 106 -34.45 -24.43 12.54
CA LEU C 106 -35.07 -24.68 11.24
C LEU C 106 -35.84 -23.46 10.74
N ASN C 107 -36.63 -22.84 11.62
CA ASN C 107 -37.35 -21.62 11.25
C ASN C 107 -36.43 -20.46 10.95
N LEU C 108 -35.36 -20.32 11.74
CA LEU C 108 -34.35 -19.30 11.49
C LEU C 108 -33.76 -19.47 10.09
N VAL C 109 -33.38 -20.70 9.76
CA VAL C 109 -32.80 -20.97 8.46
C VAL C 109 -33.79 -20.71 7.33
N GLN C 110 -35.02 -21.19 7.49
CA GLN C 110 -36.06 -20.94 6.48
C GLN C 110 -36.25 -19.44 6.21
N ARG C 111 -36.30 -18.64 7.28
CA ARG C 111 -36.47 -17.19 7.11
C ARG C 111 -35.35 -16.63 6.25
N ASN C 112 -34.13 -17.12 6.48
CA ASN C 112 -33.00 -16.73 5.65
C ASN C 112 -33.09 -17.25 4.21
N VAL C 113 -33.61 -18.46 4.04
CA VAL C 113 -33.90 -18.96 2.70
C VAL C 113 -34.83 -18.00 1.98
N ASN C 114 -35.93 -17.64 2.65
CA ASN C 114 -36.94 -16.76 2.09
C ASN C 114 -36.38 -15.39 1.71
N ILE C 115 -35.27 -15.01 2.33
CA ILE C 115 -34.59 -13.77 2.00
C ILE C 115 -33.66 -13.97 0.82
N PHE C 116 -33.00 -15.13 0.78
CA PHE C 116 -32.13 -15.46 -0.34
C PHE C 116 -32.91 -15.73 -1.63
N LYS C 117 -34.17 -16.11 -1.48
CA LYS C 117 -35.03 -16.39 -2.63
C LYS C 117 -35.35 -15.12 -3.39
N PHE C 118 -35.16 -13.98 -2.74
CA PHE C 118 -35.36 -12.70 -3.39
C PHE C 118 -34.02 -12.10 -3.82
N ILE C 119 -33.02 -12.25 -2.96
CA ILE C 119 -31.72 -11.64 -3.20
C ILE C 119 -30.96 -12.30 -4.36
N ILE C 120 -30.87 -13.62 -4.32
CA ILE C 120 -30.04 -14.34 -5.27
C ILE C 120 -30.48 -14.11 -6.72
N PRO C 121 -31.76 -14.37 -7.03
CA PRO C 121 -32.22 -14.17 -8.42
C PRO C 121 -31.92 -12.76 -8.93
N ASN C 122 -32.05 -11.76 -8.07
CA ASN C 122 -31.75 -10.40 -8.49
C ASN C 122 -30.27 -10.20 -8.79
N VAL C 123 -29.41 -10.76 -7.95
CA VAL C 123 -27.97 -10.68 -8.18
C VAL C 123 -27.63 -11.33 -9.53
N VAL C 124 -28.09 -12.56 -9.69
CA VAL C 124 -27.82 -13.34 -10.90
C VAL C 124 -28.31 -12.62 -12.17
N LYS C 125 -29.45 -11.97 -12.07
CA LYS C 125 -30.05 -11.27 -13.21
C LYS C 125 -29.12 -10.18 -13.74
N TYR C 126 -28.48 -9.46 -12.83
CA TYR C 126 -27.63 -8.34 -13.22
C TYR C 126 -26.12 -8.66 -13.32
N SER C 127 -25.69 -9.69 -12.62
CA SER C 127 -24.29 -10.13 -12.74
C SER C 127 -24.24 -11.64 -12.95
N PRO C 128 -24.72 -12.11 -14.12
CA PRO C 128 -24.84 -13.56 -14.32
C PRO C 128 -23.51 -14.30 -14.24
N ASN C 129 -22.40 -13.59 -14.40
CA ASN C 129 -21.07 -14.23 -14.38
C ASN C 129 -20.20 -13.91 -13.16
N CYS C 130 -20.78 -13.30 -12.14
CA CYS C 130 -20.03 -12.98 -10.92
C CYS C 130 -19.67 -14.23 -10.11
N LYS C 131 -18.73 -14.08 -9.19
CA LYS C 131 -18.58 -15.03 -8.09
C LYS C 131 -19.44 -14.59 -6.90
N LEU C 132 -20.09 -15.55 -6.26
CA LEU C 132 -20.84 -15.29 -5.02
C LEU C 132 -20.03 -15.68 -3.78
N LEU C 133 -19.84 -14.71 -2.88
CA LEU C 133 -19.22 -14.95 -1.57
C LEU C 133 -20.24 -14.75 -0.47
N ILE C 134 -20.60 -15.84 0.20
CA ILE C 134 -21.64 -15.82 1.23
C ILE C 134 -21.01 -15.66 2.62
N VAL C 135 -21.45 -14.63 3.36
CA VAL C 135 -20.96 -14.37 4.72
C VAL C 135 -22.05 -14.64 5.75
N SER C 136 -23.30 -14.35 5.38
CA SER C 136 -24.48 -14.56 6.25
C SER C 136 -24.50 -15.93 6.96
N ASN C 137 -24.87 -15.96 8.23
CA ASN C 137 -24.95 -17.21 8.97
C ASN C 137 -26.36 -17.78 9.03
N PRO C 138 -26.49 -19.11 9.18
CA PRO C 138 -25.38 -20.07 9.21
C PRO C 138 -24.75 -20.24 7.83
N VAL C 139 -23.47 -19.90 7.71
CA VAL C 139 -22.82 -19.71 6.40
C VAL C 139 -22.80 -20.95 5.51
N ASP C 140 -22.50 -22.10 6.11
CA ASP C 140 -22.42 -23.33 5.35
C ASP C 140 -23.76 -23.68 4.71
N ILE C 141 -24.83 -23.58 5.49
CA ILE C 141 -26.16 -23.86 4.96
C ILE C 141 -26.55 -22.82 3.90
N LEU C 142 -26.32 -21.55 4.20
CA LEU C 142 -26.71 -20.48 3.29
C LEU C 142 -25.88 -20.46 2.00
N THR C 143 -24.66 -20.96 2.06
CA THR C 143 -23.86 -21.06 0.84
C THR C 143 -24.50 -22.12 -0.06
N TYR C 144 -24.91 -23.23 0.55
CA TYR C 144 -25.62 -24.26 -0.18
C TYR C 144 -26.86 -23.68 -0.83
N VAL C 145 -27.63 -22.93 -0.05
CA VAL C 145 -28.86 -22.31 -0.53
C VAL C 145 -28.60 -21.42 -1.74
N ALA C 146 -27.57 -20.59 -1.66
CA ALA C 146 -27.27 -19.68 -2.77
C ALA C 146 -26.83 -20.44 -4.02
N TRP C 147 -26.15 -21.56 -3.82
CA TRP C 147 -25.72 -22.39 -4.96
C TRP C 147 -26.95 -23.01 -5.62
N LYS C 148 -27.85 -23.52 -4.78
CA LYS C 148 -29.08 -24.16 -5.24
C LYS C 148 -29.96 -23.17 -6.00
N ILE C 149 -30.12 -21.97 -5.43
CA ILE C 149 -30.98 -20.97 -6.05
C ILE C 149 -30.35 -20.34 -7.28
N SER C 150 -29.07 -20.00 -7.20
CA SER C 150 -28.40 -19.32 -8.30
C SER C 150 -28.28 -20.22 -9.51
N GLY C 151 -28.03 -21.49 -9.27
CA GLY C 151 -27.78 -22.42 -10.36
C GLY C 151 -26.38 -22.20 -10.91
N PHE C 152 -25.55 -21.50 -10.15
CA PHE C 152 -24.14 -21.35 -10.52
C PHE C 152 -23.38 -22.66 -10.35
N PRO C 153 -22.32 -22.84 -11.16
CA PRO C 153 -21.38 -23.95 -10.95
C PRO C 153 -20.69 -23.78 -9.59
N LYS C 154 -20.19 -24.88 -9.03
CA LYS C 154 -19.69 -24.83 -7.66
CA LYS C 154 -19.61 -24.91 -7.68
C LYS C 154 -18.48 -23.90 -7.46
N ASN C 155 -17.71 -23.64 -8.52
CA ASN C 155 -16.54 -22.80 -8.36
C ASN C 155 -16.89 -21.33 -8.12
N ARG C 156 -18.10 -20.94 -8.51
CA ARG C 156 -18.51 -19.55 -8.38
C ARG C 156 -19.40 -19.28 -7.15
N VAL C 157 -19.60 -20.29 -6.31
CA VAL C 157 -20.29 -20.10 -5.04
C VAL C 157 -19.39 -20.45 -3.84
N ILE C 158 -19.08 -19.43 -3.06
CA ILE C 158 -18.05 -19.54 -2.02
C ILE C 158 -18.57 -19.03 -0.69
N GLY C 159 -18.37 -19.82 0.37
CA GLY C 159 -18.79 -19.44 1.69
C GLY C 159 -17.62 -19.01 2.53
N SER C 160 -17.79 -17.91 3.28
CA SER C 160 -16.75 -17.39 4.16
C SER C 160 -16.25 -18.47 5.12
N GLY C 161 -17.15 -19.40 5.47
CA GLY C 161 -16.76 -20.61 6.17
C GLY C 161 -15.83 -20.40 7.36
N CYS C 162 -14.73 -21.14 7.40
CA CYS C 162 -13.82 -21.07 8.53
C CYS C 162 -12.63 -20.13 8.31
N ASN C 163 -12.78 -19.22 7.36
CA ASN C 163 -11.72 -18.26 7.05
C ASN C 163 -11.33 -17.44 8.29
N LEU C 164 -12.32 -16.85 8.94
CA LEU C 164 -12.05 -16.03 10.14
C LEU C 164 -11.70 -16.89 11.35
N ASP C 165 -12.31 -18.07 11.47
CA ASP C 165 -11.96 -18.98 12.56
C ASP C 165 -10.46 -19.22 12.51
N SER C 166 -9.96 -19.52 11.33
CA SER C 166 -8.55 -19.79 11.15
C SER C 166 -7.67 -18.58 11.50
N ALA C 167 -8.11 -17.40 11.08
CA ALA C 167 -7.38 -16.17 11.40
C ALA C 167 -7.30 -15.96 12.92
N ARG C 168 -8.42 -16.21 13.59
CA ARG C 168 -8.48 -16.08 15.04
C ARG C 168 -7.51 -17.06 15.69
N PHE C 169 -7.52 -18.29 15.18
CA PHE C 169 -6.69 -19.34 15.72
C PHE C 169 -5.22 -18.97 15.59
N ARG C 170 -4.86 -18.37 14.45
CA ARG C 170 -3.48 -17.97 14.22
C ARG C 170 -3.08 -16.78 15.09
N TYR C 171 -4.01 -15.86 15.32
CA TYR C 171 -3.77 -14.79 16.28
C TYR C 171 -3.52 -15.32 17.70
N LEU C 172 -4.36 -16.25 18.15
CA LEU C 172 -4.17 -16.86 19.47
C LEU C 172 -2.85 -17.63 19.54
N MET C 173 -2.56 -18.39 18.49
CA MET C 173 -1.29 -19.10 18.39
CA MET C 173 -1.29 -19.10 18.38
C MET C 173 -0.12 -18.12 18.48
N GLY C 174 -0.23 -17.02 17.74
CA GLY C 174 0.80 -16.00 17.73
C GLY C 174 1.07 -15.40 19.11
N GLU C 175 0.00 -15.13 19.86
CA GLU C 175 0.15 -14.59 21.20
C GLU C 175 0.83 -15.59 22.14
N ARG C 176 0.40 -16.85 22.07
CA ARG C 176 1.04 -17.89 22.87
C ARG C 176 2.53 -18.05 22.58
N LEU C 177 2.91 -17.97 21.31
CA LEU C 177 4.31 -18.21 20.91
C LEU C 177 5.20 -16.96 20.80
N GLY C 178 4.61 -15.77 20.84
CA GLY C 178 5.38 -14.54 20.63
C GLY C 178 5.84 -14.39 19.18
N VAL C 179 4.98 -14.76 18.25
CA VAL C 179 5.32 -14.69 16.83
C VAL C 179 4.16 -14.07 16.07
N HIS C 180 4.45 -13.32 15.01
CA HIS C 180 3.39 -12.69 14.25
C HIS C 180 2.49 -13.77 13.66
N PRO C 181 1.17 -13.54 13.65
CA PRO C 181 0.22 -14.55 13.15
C PRO C 181 0.52 -14.96 11.70
N LEU C 182 1.10 -14.04 10.96
CA LEU C 182 1.50 -14.32 9.58
C LEU C 182 2.47 -15.50 9.53
N SER C 183 3.28 -15.65 10.57
CA SER C 183 4.26 -16.73 10.63
C SER C 183 3.78 -17.95 11.41
N CYS C 184 2.55 -17.87 11.94
CA CYS C 184 1.95 -19.01 12.63
C CYS C 184 0.93 -19.68 11.72
N HIS C 185 1.14 -20.96 11.42
CA HIS C 185 0.25 -21.64 10.48
C HIS C 185 -0.55 -22.71 11.20
N GLY C 186 -1.85 -22.74 10.89
CA GLY C 186 -2.75 -23.68 11.49
C GLY C 186 -4.11 -23.49 10.89
N TRP C 187 -4.83 -24.60 10.75
CA TRP C 187 -6.08 -24.61 9.99
C TRP C 187 -7.26 -25.11 10.80
N VAL C 188 -8.35 -24.35 10.75
CA VAL C 188 -9.63 -24.77 11.29
C VAL C 188 -10.56 -25.06 10.12
N LEU C 189 -11.01 -26.29 9.99
CA LEU C 189 -11.81 -26.69 8.84
C LEU C 189 -13.16 -27.25 9.26
N GLY C 190 -13.94 -27.68 8.27
CA GLY C 190 -15.22 -28.29 8.53
C GLY C 190 -16.37 -27.31 8.62
N GLU C 191 -17.34 -27.61 9.48
CA GLU C 191 -18.50 -26.75 9.67
C GLU C 191 -18.16 -25.53 10.51
N HIS C 192 -18.44 -24.35 9.99
CA HIS C 192 -18.20 -23.11 10.74
C HIS C 192 -18.98 -23.09 12.05
N GLY C 193 -18.26 -22.86 13.15
CA GLY C 193 -18.91 -22.75 14.44
C GLY C 193 -18.50 -23.83 15.43
N ASP C 194 -19.47 -24.28 16.23
CA ASP C 194 -19.19 -25.18 17.34
C ASP C 194 -18.51 -26.49 16.93
N SER C 195 -18.80 -26.99 15.73
CA SER C 195 -18.34 -28.31 15.34
C SER C 195 -17.13 -28.28 14.42
N SER C 196 -16.51 -27.11 14.29
CA SER C 196 -15.34 -26.97 13.42
C SER C 196 -14.18 -27.79 13.94
N VAL C 197 -13.23 -28.09 13.05
CA VAL C 197 -12.13 -28.99 13.40
C VAL C 197 -10.77 -28.31 13.32
N PRO C 198 -10.05 -28.27 14.44
CA PRO C 198 -8.68 -27.76 14.40
C PRO C 198 -7.74 -28.87 13.95
N VAL C 199 -7.08 -28.69 12.81
CA VAL C 199 -6.25 -29.75 12.25
C VAL C 199 -4.87 -29.75 12.89
N TRP C 200 -4.74 -30.46 14.00
CA TRP C 200 -3.56 -30.38 14.85
C TRP C 200 -2.29 -30.73 14.09
N SER C 201 -2.40 -31.63 13.11
CA SER C 201 -1.25 -32.13 12.36
C SER C 201 -0.60 -31.08 11.44
N GLY C 202 -1.36 -30.05 11.07
CA GLY C 202 -0.84 -29.02 10.18
C GLY C 202 -0.39 -27.75 10.88
N MET C 203 -0.56 -27.70 12.20
CA MET C 203 -0.10 -26.55 12.97
C MET C 203 1.43 -26.51 13.03
N ASN C 204 2.00 -25.39 12.60
CA ASN C 204 3.45 -25.28 12.52
C ASN C 204 3.98 -23.85 12.49
N VAL C 205 5.26 -23.71 12.82
CA VAL C 205 5.98 -22.47 12.55
C VAL C 205 7.23 -22.86 11.76
N ALA C 206 7.46 -22.17 10.65
CA ALA C 206 8.65 -22.43 9.85
C ALA C 206 8.73 -23.89 9.36
N GLY C 207 7.58 -24.54 9.22
CA GLY C 207 7.55 -25.89 8.69
C GLY C 207 7.76 -26.93 9.77
N VAL C 208 8.01 -26.48 10.99
CA VAL C 208 8.24 -27.35 12.13
C VAL C 208 6.94 -27.79 12.77
N SER C 209 6.62 -29.07 12.64
CA SER C 209 5.34 -29.60 13.10
C SER C 209 5.23 -29.55 14.61
N LEU C 210 4.25 -28.79 15.11
CA LEU C 210 4.04 -28.67 16.54
C LEU C 210 3.58 -29.99 17.15
N LYS C 211 2.86 -30.78 16.38
CA LYS C 211 2.34 -32.06 16.85
C LYS C 211 3.46 -33.10 16.94
N THR C 212 4.44 -32.99 16.05
CA THR C 212 5.61 -33.85 16.12
C THR C 212 6.39 -33.53 17.39
N LEU C 213 6.59 -32.24 17.66
CA LEU C 213 7.31 -31.80 18.84
C LEU C 213 6.59 -32.16 20.14
N HIS C 214 5.28 -31.92 20.16
CA HIS C 214 4.46 -32.14 21.35
C HIS C 214 3.30 -33.06 20.99
N PRO C 215 3.54 -34.38 20.98
CA PRO C 215 2.57 -35.38 20.53
C PRO C 215 1.22 -35.33 21.25
N ASP C 216 1.18 -34.74 22.43
CA ASP C 216 -0.07 -34.59 23.18
C ASP C 216 -0.91 -33.43 22.66
N LEU C 217 -0.33 -32.64 21.75
CA LEU C 217 -0.99 -31.47 21.20
C LEU C 217 -2.42 -31.79 20.75
N GLY C 218 -3.39 -31.07 21.29
CA GLY C 218 -4.77 -31.19 20.85
C GLY C 218 -5.63 -32.15 21.66
N THR C 219 -5.01 -32.93 22.53
CA THR C 219 -5.74 -33.92 23.32
C THR C 219 -6.00 -33.41 24.73
N ASP C 220 -6.69 -34.21 25.53
CA ASP C 220 -7.00 -33.83 26.91
C ASP C 220 -5.78 -33.99 27.80
N LYS C 221 -4.90 -34.92 27.43
CA LYS C 221 -3.65 -35.12 28.15
C LYS C 221 -2.63 -34.07 27.72
N ASP C 222 -3.07 -33.16 26.85
CA ASP C 222 -2.23 -32.04 26.42
C ASP C 222 -1.88 -31.21 27.63
N LYS C 223 -0.62 -31.29 28.04
CA LYS C 223 -0.18 -30.56 29.23
C LYS C 223 -0.46 -29.06 29.09
N GLU C 224 -0.46 -28.58 27.85
CA GLU C 224 -0.65 -27.16 27.60
C GLU C 224 -2.10 -26.80 27.22
N GLN C 225 -2.93 -27.83 27.01
CA GLN C 225 -4.35 -27.62 26.76
C GLN C 225 -4.63 -26.70 25.58
N TRP C 226 -3.89 -26.89 24.51
CA TRP C 226 -4.14 -26.16 23.28
C TRP C 226 -5.57 -26.34 22.79
N LYS C 227 -6.23 -27.38 23.27
CA LYS C 227 -7.63 -27.58 22.95
C LYS C 227 -8.41 -26.30 23.21
N GLU C 228 -8.04 -25.62 24.29
CA GLU C 228 -8.72 -24.41 24.72
C GLU C 228 -8.62 -23.30 23.69
N VAL C 229 -7.53 -23.32 22.93
CA VAL C 229 -7.35 -22.35 21.87
C VAL C 229 -8.48 -22.48 20.85
N HIS C 230 -8.74 -23.70 20.39
CA HIS C 230 -9.88 -23.92 19.50
C HIS C 230 -11.18 -23.53 20.21
N LYS C 231 -11.23 -23.75 21.52
CA LYS C 231 -12.39 -23.37 22.33
C LYS C 231 -12.64 -21.85 22.30
N GLN C 232 -11.59 -21.06 22.56
CA GLN C 232 -11.72 -19.61 22.50
C GLN C 232 -12.16 -19.20 21.09
N VAL C 233 -11.69 -19.93 20.09
CA VAL C 233 -12.03 -19.60 18.71
C VAL C 233 -13.54 -19.74 18.46
N VAL C 234 -14.09 -20.89 18.86
CA VAL C 234 -15.51 -21.13 18.71
C VAL C 234 -16.38 -20.13 19.48
N GLU C 235 -15.85 -19.64 20.61
CA GLU C 235 -16.62 -18.78 21.51
C GLU C 235 -16.29 -17.30 21.34
N SER C 236 -15.52 -16.97 20.32
CA SER C 236 -15.07 -15.60 20.11
C SER C 236 -16.21 -14.68 19.72
N ALA C 237 -17.03 -15.12 18.77
CA ALA C 237 -18.14 -14.29 18.31
C ALA C 237 -19.02 -13.91 19.49
N TYR C 238 -19.30 -14.88 20.35
CA TYR C 238 -20.15 -14.66 21.51
C TYR C 238 -19.50 -13.70 22.50
N GLU C 239 -18.22 -13.93 22.79
CA GLU C 239 -17.50 -13.09 23.72
C GLU C 239 -17.50 -11.63 23.26
N VAL C 240 -17.23 -11.41 21.98
CA VAL C 240 -17.18 -10.06 21.43
C VAL C 240 -18.56 -9.40 21.39
N ILE C 241 -19.58 -10.17 21.05
CA ILE C 241 -20.93 -9.63 21.01
C ILE C 241 -21.39 -9.22 22.41
N LYS C 242 -21.01 -10.01 23.40
CA LYS C 242 -21.34 -9.73 24.80
C LYS C 242 -20.68 -8.42 25.26
N LEU C 243 -19.57 -8.06 24.63
CA LEU C 243 -18.83 -6.86 25.00
C LEU C 243 -19.23 -5.61 24.21
N LYS C 244 -19.41 -5.74 22.90
CA LYS C 244 -19.75 -4.58 22.07
C LYS C 244 -21.07 -4.71 21.32
N GLY C 245 -21.77 -5.83 21.52
CA GLY C 245 -23.09 -6.01 20.93
C GLY C 245 -23.10 -6.66 19.55
N TYR C 246 -21.94 -6.72 18.92
CA TYR C 246 -21.85 -7.29 17.57
C TYR C 246 -20.38 -7.43 17.19
N THR C 247 -20.11 -8.04 16.04
CA THR C 247 -18.75 -8.11 15.53
C THR C 247 -18.68 -7.45 14.14
N SER C 248 -17.55 -6.85 13.79
CA SER C 248 -17.43 -6.17 12.50
C SER C 248 -16.03 -6.21 11.87
N TRP C 249 -15.06 -5.64 12.58
CA TRP C 249 -13.73 -5.40 12.01
C TRP C 249 -13.01 -6.64 11.47
N ALA C 250 -12.95 -7.70 12.28
CA ALA C 250 -12.22 -8.90 11.88
C ALA C 250 -12.86 -9.58 10.67
N ILE C 251 -14.18 -9.67 10.67
CA ILE C 251 -14.84 -10.29 9.52
C ILE C 251 -14.60 -9.47 8.25
N GLY C 252 -14.69 -8.15 8.37
CA GLY C 252 -14.46 -7.26 7.24
C GLY C 252 -13.06 -7.43 6.65
N LEU C 253 -12.06 -7.46 7.52
CA LEU C 253 -10.69 -7.70 7.08
C LEU C 253 -10.55 -9.08 6.42
N SER C 254 -11.19 -10.09 7.00
CA SER C 254 -11.03 -11.44 6.48
CA SER C 254 -11.06 -11.46 6.50
C SER C 254 -11.72 -11.59 5.13
N VAL C 255 -12.86 -10.92 4.96
CA VAL C 255 -13.55 -10.98 3.69
C VAL C 255 -12.73 -10.25 2.62
N ALA C 256 -12.19 -9.08 2.99
CA ALA C 256 -11.34 -8.33 2.08
C ALA C 256 -10.14 -9.15 1.61
N ASP C 257 -9.61 -10.02 2.47
CA ASP C 257 -8.50 -10.86 2.08
C ASP C 257 -8.95 -11.85 1.00
N LEU C 258 -10.15 -12.40 1.16
CA LEU C 258 -10.70 -13.29 0.14
C LEU C 258 -10.86 -12.56 -1.19
N ALA C 259 -11.49 -11.38 -1.12
CA ALA C 259 -11.71 -10.55 -2.29
C ALA C 259 -10.40 -10.31 -3.05
N GLU C 260 -9.34 -10.03 -2.31
CA GLU C 260 -8.05 -9.74 -2.93
C GLU C 260 -7.54 -10.92 -3.78
N SER C 261 -7.58 -12.13 -3.23
CA SER C 261 -7.19 -13.31 -3.98
C SER C 261 -8.05 -13.45 -5.23
N ILE C 262 -9.35 -13.30 -5.08
CA ILE C 262 -10.25 -13.44 -6.21
C ILE C 262 -10.02 -12.37 -7.28
N MET C 263 -9.97 -11.10 -6.86
CA MET C 263 -9.94 -9.99 -7.80
C MET C 263 -8.61 -9.92 -8.51
N LYS C 264 -7.54 -10.29 -7.81
CA LYS C 264 -6.19 -10.24 -8.37
C LYS C 264 -5.73 -11.60 -8.90
N ASN C 265 -6.65 -12.56 -8.94
CA ASN C 265 -6.34 -13.91 -9.41
C ASN C 265 -5.05 -14.46 -8.81
N LEU C 266 -4.92 -14.38 -7.49
CA LEU C 266 -3.66 -14.75 -6.85
C LEU C 266 -3.42 -16.27 -6.76
N ARG C 267 -4.49 -17.04 -6.62
CA ARG C 267 -4.35 -18.49 -6.39
C ARG C 267 -3.65 -18.78 -5.05
N ARG C 268 -3.98 -17.99 -4.04
CA ARG C 268 -3.61 -18.31 -2.67
C ARG C 268 -4.60 -19.34 -2.16
N VAL C 269 -4.26 -19.99 -1.06
CA VAL C 269 -5.14 -20.97 -0.44
C VAL C 269 -5.81 -20.42 0.82
N HIS C 270 -7.13 -20.56 0.88
CA HIS C 270 -7.90 -20.05 2.01
C HIS C 270 -8.86 -21.13 2.50
N PRO C 271 -9.13 -21.15 3.81
CA PRO C 271 -10.16 -22.05 4.34
C PRO C 271 -11.54 -21.41 4.15
N VAL C 272 -12.28 -21.90 3.17
CA VAL C 272 -13.60 -21.36 2.85
C VAL C 272 -14.53 -22.54 2.60
N SER C 273 -15.83 -22.29 2.66
CA SER C 273 -16.81 -23.34 2.48
C SER C 273 -17.05 -23.64 0.99
N THR C 274 -17.03 -24.92 0.65
CA THR C 274 -17.20 -25.36 -0.73
C THR C 274 -17.93 -26.70 -0.74
N MET C 275 -18.58 -27.01 -1.84
CA MET C 275 -19.28 -28.29 -2.00
C MET C 275 -18.28 -29.43 -1.80
N ILE C 276 -18.49 -30.23 -0.75
CA ILE C 276 -17.54 -31.29 -0.42
C ILE C 276 -18.06 -32.70 -0.73
N LYS C 277 -19.20 -32.79 -1.41
CA LYS C 277 -19.74 -34.08 -1.78
C LYS C 277 -18.66 -34.94 -2.45
N GLY C 278 -18.44 -36.13 -1.91
CA GLY C 278 -17.47 -37.05 -2.50
C GLY C 278 -16.15 -37.11 -1.76
N LEU C 279 -16.08 -36.46 -0.61
CA LEU C 279 -14.89 -36.48 0.22
C LEU C 279 -15.18 -36.98 1.62
N TYR C 280 -14.22 -37.67 2.21
CA TYR C 280 -14.34 -38.14 3.59
C TYR C 280 -15.60 -38.98 3.79
N GLY C 281 -16.01 -39.69 2.74
CA GLY C 281 -17.18 -40.53 2.79
C GLY C 281 -18.49 -39.77 2.68
N ILE C 282 -18.41 -38.48 2.37
CA ILE C 282 -19.61 -37.65 2.23
C ILE C 282 -20.20 -37.75 0.83
N LYS C 283 -21.49 -38.04 0.75
CA LYS C 283 -22.17 -38.17 -0.54
C LYS C 283 -23.42 -37.30 -0.66
N ASP C 284 -23.57 -36.36 0.28
CA ASP C 284 -24.69 -35.41 0.24
C ASP C 284 -24.23 -34.07 -0.32
N ASP C 285 -25.17 -33.31 -0.86
CA ASP C 285 -24.86 -31.97 -1.37
C ASP C 285 -24.67 -30.98 -0.21
N VAL C 286 -23.48 -30.95 0.37
CA VAL C 286 -23.20 -30.06 1.49
CA VAL C 286 -23.21 -30.05 1.48
C VAL C 286 -21.90 -29.29 1.29
N PHE C 287 -21.82 -28.12 1.92
CA PHE C 287 -20.62 -27.28 1.86
C PHE C 287 -19.91 -27.26 3.20
N LEU C 288 -18.60 -27.46 3.18
CA LEU C 288 -17.78 -27.39 4.38
C LEU C 288 -16.48 -26.70 4.01
N SER C 289 -15.79 -26.16 5.02
CA SER C 289 -14.54 -25.49 4.75
C SER C 289 -13.37 -26.46 4.59
N VAL C 290 -12.65 -26.29 3.48
CA VAL C 290 -11.37 -26.93 3.29
C VAL C 290 -10.50 -25.87 2.65
N PRO C 291 -9.19 -26.07 2.67
CA PRO C 291 -8.32 -25.07 2.04
C PRO C 291 -8.58 -25.06 0.55
N CYS C 292 -8.93 -23.91 -0.03
CA CYS C 292 -9.24 -23.83 -1.44
C CYS C 292 -8.34 -22.82 -2.15
N ILE C 293 -8.01 -23.10 -3.40
CA ILE C 293 -7.28 -22.15 -4.22
C ILE C 293 -8.27 -21.14 -4.78
N LEU C 294 -8.01 -19.87 -4.50
CA LEU C 294 -8.92 -18.79 -4.90
C LEU C 294 -8.31 -17.95 -6.00
N GLY C 295 -9.13 -17.66 -7.02
CA GLY C 295 -8.68 -16.83 -8.11
C GLY C 295 -9.83 -16.27 -8.92
N GLN C 296 -9.50 -15.86 -10.13
CA GLN C 296 -10.41 -15.17 -11.04
C GLN C 296 -11.74 -15.89 -11.27
N ASN C 297 -11.72 -17.22 -11.21
CA ASN C 297 -12.96 -17.98 -11.37
C ASN C 297 -13.42 -18.64 -10.07
N GLY C 298 -13.04 -18.03 -8.95
CA GLY C 298 -13.44 -18.53 -7.66
C GLY C 298 -12.56 -19.68 -7.20
N ILE C 299 -13.19 -20.78 -6.83
CA ILE C 299 -12.49 -21.95 -6.32
C ILE C 299 -12.14 -22.90 -7.46
N SER C 300 -10.89 -22.85 -7.94
CA SER C 300 -10.48 -23.70 -9.07
C SER C 300 -10.06 -25.08 -8.58
N ASP C 301 -9.55 -25.13 -7.35
CA ASP C 301 -9.00 -26.35 -6.79
C ASP C 301 -9.20 -26.34 -5.29
N LEU C 302 -9.21 -27.52 -4.68
CA LEU C 302 -9.13 -27.60 -3.23
C LEU C 302 -8.02 -28.54 -2.79
N VAL C 303 -7.46 -28.25 -1.62
CA VAL C 303 -6.41 -29.06 -1.03
C VAL C 303 -7.04 -30.22 -0.27
N LYS C 304 -6.60 -31.44 -0.59
CA LYS C 304 -7.08 -32.61 0.14
C LYS C 304 -6.23 -32.82 1.36
N VAL C 305 -6.72 -32.33 2.50
CA VAL C 305 -5.99 -32.47 3.74
C VAL C 305 -6.12 -33.89 4.26
N THR C 306 -4.99 -34.48 4.64
CA THR C 306 -5.04 -35.78 5.32
C THR C 306 -5.60 -35.59 6.72
N LEU C 307 -6.71 -36.27 6.99
CA LEU C 307 -7.33 -36.19 8.30
C LEU C 307 -7.20 -37.51 9.03
N THR C 308 -7.30 -37.46 10.36
CA THR C 308 -7.35 -38.67 11.16
C THR C 308 -8.78 -39.17 11.19
N SER C 309 -8.97 -40.38 11.70
CA SER C 309 -10.29 -40.99 11.72
C SER C 309 -11.27 -40.16 12.52
N GLU C 310 -10.85 -39.69 13.68
CA GLU C 310 -11.71 -38.86 14.52
C GLU C 310 -12.09 -37.59 13.76
N GLU C 311 -11.13 -37.03 13.04
CA GLU C 311 -11.35 -35.78 12.33
C GLU C 311 -12.30 -35.97 11.15
N GLU C 312 -12.17 -37.10 10.45
CA GLU C 312 -13.04 -37.41 9.32
CA GLU C 312 -13.04 -37.40 9.32
C GLU C 312 -14.48 -37.62 9.78
N ALA C 313 -14.64 -38.34 10.89
CA ALA C 313 -15.96 -38.62 11.45
C ALA C 313 -16.69 -37.32 11.84
N ARG C 314 -15.97 -36.36 12.40
CA ARG C 314 -16.57 -35.09 12.78
C ARG C 314 -17.15 -34.35 11.56
N LEU C 315 -16.40 -34.31 10.47
CA LEU C 315 -16.90 -33.69 9.25
C LEU C 315 -18.11 -34.45 8.75
N LYS C 316 -18.04 -35.77 8.85
CA LYS C 316 -19.14 -36.62 8.40
C LYS C 316 -20.39 -36.31 9.19
N LYS C 317 -20.26 -36.25 10.50
CA LYS C 317 -21.39 -35.91 11.37
C LYS C 317 -21.93 -34.53 11.00
N SER C 318 -21.04 -33.57 10.81
CA SER C 318 -21.47 -32.23 10.39
C SER C 318 -22.25 -32.30 9.07
N ALA C 319 -21.71 -33.06 8.11
CA ALA C 319 -22.37 -33.18 6.82
C ALA C 319 -23.76 -33.78 6.99
N ASP C 320 -23.85 -34.89 7.72
CA ASP C 320 -25.15 -35.49 8.03
C ASP C 320 -26.11 -34.45 8.59
N THR C 321 -25.69 -33.75 9.63
CA THR C 321 -26.55 -32.76 10.29
C THR C 321 -27.04 -31.73 9.27
N LEU C 322 -26.09 -31.15 8.54
CA LEU C 322 -26.41 -30.14 7.53
C LEU C 322 -27.43 -30.65 6.52
N TRP C 323 -27.26 -31.88 6.05
CA TRP C 323 -28.17 -32.41 5.05
C TRP C 323 -29.58 -32.59 5.60
N GLY C 324 -29.67 -33.03 6.85
CA GLY C 324 -30.94 -33.29 7.50
C GLY C 324 -31.80 -32.03 7.60
N ILE C 325 -31.14 -30.88 7.70
CA ILE C 325 -31.83 -29.61 7.75
C ILE C 325 -32.23 -29.16 6.34
N GLN C 326 -31.33 -29.41 5.39
CA GLN C 326 -31.49 -28.92 4.03
C GLN C 326 -32.62 -29.61 3.27
N LYS C 327 -32.88 -30.88 3.60
CA LYS C 327 -33.94 -31.61 2.93
C LYS C 327 -35.31 -31.23 3.50
N GLU C 328 -35.30 -30.36 4.51
CA GLU C 328 -36.53 -29.84 5.09
C GLU C 328 -36.86 -28.45 4.58
N LEU C 329 -35.92 -27.84 3.85
CA LEU C 329 -36.07 -26.46 3.41
C LEU C 329 -37.01 -26.31 2.22
N GLN C 330 -37.79 -25.22 2.24
CA GLN C 330 -38.76 -24.94 1.18
C GLN C 330 -38.28 -23.81 0.28
N PHE C 331 -37.95 -24.14 -0.97
CA PHE C 331 -37.48 -23.16 -1.93
C PHE C 331 -38.61 -22.61 -2.80
N ALA D 1 10.77 -27.33 28.57
CA ALA D 1 9.90 -28.47 28.30
C ALA D 1 8.59 -28.02 27.67
N THR D 2 8.22 -26.77 27.92
CA THR D 2 7.02 -26.21 27.32
C THR D 2 7.19 -26.17 25.80
N LEU D 3 6.09 -26.34 25.08
CA LEU D 3 6.14 -26.36 23.62
C LEU D 3 6.88 -25.15 23.07
N LYS D 4 6.61 -23.98 23.64
CA LYS D 4 7.28 -22.76 23.20
C LYS D 4 8.80 -22.86 23.33
N ASP D 5 9.26 -23.43 24.44
CA ASP D 5 10.68 -23.59 24.68
C ASP D 5 11.34 -24.57 23.73
N GLN D 6 10.61 -25.63 23.37
CA GLN D 6 11.12 -26.63 22.44
C GLN D 6 11.28 -26.00 21.06
N LEU D 7 10.35 -25.13 20.71
CA LEU D 7 10.30 -24.56 19.38
C LEU D 7 11.23 -23.38 19.20
N ILE D 8 11.36 -22.56 20.22
CA ILE D 8 12.04 -21.27 20.09
C ILE D 8 13.16 -21.05 21.10
N TYR D 9 14.34 -20.69 20.59
CA TYR D 9 15.43 -20.25 21.46
C TYR D 9 15.48 -18.72 21.54
N ASN D 10 15.41 -18.20 22.76
CA ASN D 10 15.43 -16.76 22.99
C ASN D 10 16.86 -16.22 23.10
N LEU D 11 17.23 -15.33 22.18
CA LEU D 11 18.54 -14.70 22.23
C LEU D 11 18.60 -13.68 23.37
N LEU D 12 17.62 -12.79 23.43
CA LEU D 12 17.58 -11.77 24.48
C LEU D 12 16.17 -11.31 24.85
N LYS D 13 16.02 -10.85 26.09
CA LYS D 13 14.84 -10.13 26.50
C LYS D 13 15.30 -8.76 26.93
N GLU D 14 14.78 -7.72 26.29
CA GLU D 14 15.20 -6.37 26.62
C GLU D 14 14.25 -5.31 26.12
N GLU D 15 14.58 -4.06 26.45
CA GLU D 15 13.91 -2.88 25.91
C GLU D 15 12.43 -3.12 25.61
N GLN D 16 12.05 -2.87 24.38
CA GLN D 16 10.67 -2.97 23.95
C GLN D 16 9.88 -1.72 24.33
N THR D 17 10.20 -0.62 23.64
CA THR D 17 9.41 0.59 23.71
C THR D 17 8.93 0.91 22.30
N PRO D 18 7.62 1.17 22.14
CA PRO D 18 7.09 1.37 20.80
C PRO D 18 7.72 2.58 20.15
N GLN D 19 7.91 2.52 18.84
CA GLN D 19 8.60 3.57 18.12
C GLN D 19 7.63 4.49 17.40
N ASN D 20 6.45 3.98 17.11
CA ASN D 20 5.49 4.68 16.27
C ASN D 20 4.08 4.44 16.78
N LYS D 21 3.88 4.74 18.05
CA LYS D 21 2.63 4.42 18.71
C LYS D 21 1.57 5.52 18.61
N ILE D 22 0.34 5.10 18.36
CA ILE D 22 -0.77 6.02 18.29
C ILE D 22 -1.86 5.62 19.28
N THR D 23 -2.38 6.60 20.01
CA THR D 23 -3.52 6.36 20.89
C THR D 23 -4.76 7.02 20.33
N VAL D 24 -5.88 6.33 20.44
CA VAL D 24 -7.17 6.94 20.16
C VAL D 24 -7.99 6.95 21.44
N VAL D 25 -8.47 8.13 21.83
CA VAL D 25 -9.32 8.28 23.01
C VAL D 25 -10.79 8.43 22.60
N GLY D 26 -11.62 7.51 23.07
CA GLY D 26 -13.02 7.46 22.68
C GLY D 26 -13.19 6.46 21.54
N VAL D 27 -13.87 5.37 21.81
CA VAL D 27 -14.06 4.31 20.83
C VAL D 27 -15.50 4.23 20.33
N GLY D 28 -16.10 5.39 20.12
CA GLY D 28 -17.39 5.46 19.42
C GLY D 28 -17.19 5.33 17.93
N ALA D 29 -18.22 5.66 17.16
CA ALA D 29 -18.16 5.48 15.71
C ALA D 29 -16.96 6.20 15.10
N VAL D 30 -16.67 7.39 15.60
CA VAL D 30 -15.59 8.20 15.06
C VAL D 30 -14.22 7.67 15.45
N GLY D 31 -14.05 7.35 16.73
CA GLY D 31 -12.80 6.80 17.20
C GLY D 31 -12.43 5.51 16.47
N MET D 32 -13.38 4.59 16.37
CA MET D 32 -13.08 3.32 15.71
C MET D 32 -12.83 3.46 14.21
N ALA D 33 -13.53 4.38 13.56
CA ALA D 33 -13.26 4.61 12.13
C ALA D 33 -11.84 5.15 11.97
N CYS D 34 -11.42 6.01 12.90
CA CYS D 34 -10.04 6.49 12.89
C CYS D 34 -9.09 5.30 13.06
N ALA D 35 -9.40 4.45 14.04
CA ALA D 35 -8.58 3.29 14.33
C ALA D 35 -8.42 2.36 13.11
N ILE D 36 -9.53 2.02 12.47
CA ILE D 36 -9.43 1.05 11.38
C ILE D 36 -8.65 1.63 10.20
N SER D 37 -8.88 2.91 9.90
CA SER D 37 -8.18 3.55 8.80
C SER D 37 -6.68 3.65 9.07
N ILE D 38 -6.32 3.94 10.32
CA ILE D 38 -4.92 4.06 10.73
C ILE D 38 -4.23 2.70 10.65
N LEU D 39 -4.92 1.66 11.11
CA LEU D 39 -4.40 0.29 10.93
C LEU D 39 -4.18 -0.10 9.47
N MET D 40 -5.17 0.19 8.63
CA MET D 40 -5.06 -0.26 7.25
C MET D 40 -4.07 0.58 6.45
N LYS D 41 -3.56 1.64 7.06
CA LYS D 41 -2.54 2.44 6.41
C LYS D 41 -1.13 2.16 6.96
N ASP D 42 -1.02 1.19 7.88
CA ASP D 42 0.27 0.79 8.44
C ASP D 42 1.04 1.99 8.99
N LEU D 43 0.37 2.83 9.76
CA LEU D 43 0.98 4.05 10.28
C LEU D 43 1.68 3.84 11.64
N ALA D 44 1.27 2.80 12.37
CA ALA D 44 1.70 2.62 13.75
C ALA D 44 2.26 1.22 14.02
N ASP D 45 3.24 1.13 14.91
CA ASP D 45 3.69 -0.18 15.36
C ASP D 45 2.97 -0.60 16.64
N GLU D 46 2.19 0.34 17.21
CA GLU D 46 1.31 0.04 18.34
C GLU D 46 0.11 0.99 18.40
N LEU D 47 -1.07 0.42 18.59
CA LEU D 47 -2.28 1.22 18.72
C LEU D 47 -2.88 1.06 20.11
N ALA D 48 -3.14 2.18 20.79
CA ALA D 48 -3.82 2.11 22.08
C ALA D 48 -5.21 2.69 21.98
N LEU D 49 -6.18 2.04 22.64
CA LEU D 49 -7.53 2.59 22.73
C LEU D 49 -7.89 2.89 24.19
N VAL D 50 -8.50 4.06 24.40
CA VAL D 50 -9.03 4.42 25.72
C VAL D 50 -10.51 4.80 25.68
N ASP D 51 -11.25 4.44 26.72
CA ASP D 51 -12.65 4.89 26.85
C ASP D 51 -13.11 4.72 28.31
N VAL D 52 -14.27 5.26 28.68
CA VAL D 52 -14.79 5.04 30.03
C VAL D 52 -15.74 3.85 30.08
N ILE D 53 -16.25 3.43 28.93
CA ILE D 53 -17.14 2.26 28.89
C ILE D 53 -16.32 1.02 28.63
N GLU D 54 -16.09 0.24 29.67
CA GLU D 54 -15.09 -0.83 29.64
C GLU D 54 -15.49 -2.06 28.85
N ASP D 55 -16.78 -2.38 28.83
CA ASP D 55 -17.32 -3.47 28.00
C ASP D 55 -17.02 -3.20 26.53
N LYS D 56 -17.59 -2.11 26.05
CA LYS D 56 -17.41 -1.64 24.68
C LYS D 56 -15.92 -1.59 24.33
N LEU D 57 -15.15 -0.95 25.20
CA LEU D 57 -13.73 -0.78 24.96
C LEU D 57 -13.04 -2.12 24.69
N LYS D 58 -13.24 -3.08 25.59
CA LYS D 58 -12.64 -4.41 25.47
C LYS D 58 -13.08 -5.13 24.19
N GLY D 59 -14.36 -5.04 23.87
CA GLY D 59 -14.88 -5.66 22.67
C GLY D 59 -14.25 -5.10 21.40
N GLU D 60 -14.15 -3.77 21.31
CA GLU D 60 -13.53 -3.16 20.13
C GLU D 60 -12.07 -3.62 19.97
N MET D 61 -11.32 -3.62 21.07
CA MET D 61 -9.92 -4.06 21.02
C MET D 61 -9.79 -5.50 20.49
N MET D 62 -10.55 -6.42 21.08
CA MET D 62 -10.53 -7.81 20.66
C MET D 62 -10.94 -8.00 19.21
N ASP D 63 -11.96 -7.27 18.79
CA ASP D 63 -12.44 -7.35 17.41
C ASP D 63 -11.32 -6.97 16.44
N LEU D 64 -10.55 -5.94 16.77
CA LEU D 64 -9.42 -5.53 15.94
C LEU D 64 -8.29 -6.58 15.99
N GLN D 65 -8.02 -7.09 17.18
CA GLN D 65 -6.97 -8.10 17.36
C GLN D 65 -7.25 -9.34 16.53
N HIS D 66 -8.51 -9.73 16.44
CA HIS D 66 -8.85 -10.92 15.67
C HIS D 66 -8.53 -10.75 14.18
N GLY D 67 -8.33 -9.50 13.77
CA GLY D 67 -7.94 -9.23 12.40
C GLY D 67 -6.44 -9.05 12.20
N SER D 68 -5.65 -9.37 13.23
CA SER D 68 -4.20 -9.16 13.21
C SER D 68 -3.47 -9.86 12.04
N LEU D 69 -3.99 -11.01 11.62
CA LEU D 69 -3.39 -11.74 10.50
C LEU D 69 -3.32 -10.86 9.27
N PHE D 70 -4.29 -9.99 9.11
CA PHE D 70 -4.43 -9.17 7.90
C PHE D 70 -3.84 -7.77 8.05
N LEU D 71 -3.17 -7.51 9.17
CA LEU D 71 -2.59 -6.20 9.44
C LEU D 71 -1.09 -6.25 9.69
N ARG D 72 -0.47 -5.09 9.77
CA ARG D 72 0.98 -4.98 10.04
C ARG D 72 1.23 -4.10 11.27
N THR D 73 0.31 -4.19 12.24
CA THR D 73 0.44 -3.46 13.50
C THR D 73 0.40 -4.54 14.58
N PRO D 74 1.56 -4.87 15.15
CA PRO D 74 1.68 -6.13 15.90
C PRO D 74 1.08 -6.05 17.31
N LYS D 75 0.85 -4.85 17.83
CA LYS D 75 0.35 -4.71 19.18
C LYS D 75 -0.81 -3.75 19.31
N ILE D 76 -1.95 -4.28 19.75
CA ILE D 76 -3.12 -3.49 20.03
C ILE D 76 -3.53 -3.67 21.48
N VAL D 77 -3.67 -2.56 22.20
CA VAL D 77 -4.00 -2.59 23.62
C VAL D 77 -5.12 -1.60 23.93
N SER D 78 -5.73 -1.77 25.10
CA SER D 78 -6.77 -0.86 25.55
C SER D 78 -6.92 -0.82 27.07
N GLY D 79 -7.65 0.16 27.56
CA GLY D 79 -7.98 0.22 28.97
C GLY D 79 -8.45 1.59 29.37
N LYS D 80 -9.14 1.66 30.50
CA LYS D 80 -9.62 2.92 31.06
C LYS D 80 -8.47 3.73 31.64
N ASP D 81 -7.44 3.01 32.10
CA ASP D 81 -6.26 3.63 32.68
C ASP D 81 -5.29 4.08 31.57
N TYR D 82 -4.72 5.27 31.71
CA TYR D 82 -3.91 5.85 30.65
C TYR D 82 -2.49 5.29 30.55
N ASN D 83 -2.11 4.42 31.49
CA ASN D 83 -0.82 3.76 31.36
C ASN D 83 -0.66 2.97 30.05
N VAL D 84 -1.77 2.55 29.43
CA VAL D 84 -1.69 1.83 28.15
C VAL D 84 -1.24 2.72 26.99
N THR D 85 -1.33 4.04 27.19
CA THR D 85 -1.03 5.02 26.16
C THR D 85 0.40 5.55 26.25
N ALA D 86 1.19 5.03 27.17
CA ALA D 86 2.53 5.56 27.37
C ALA D 86 3.37 5.56 26.10
N ASN D 87 4.09 6.66 25.89
CA ASN D 87 5.06 6.77 24.81
C ASN D 87 4.41 6.87 23.43
N SER D 88 3.22 7.47 23.37
CA SER D 88 2.54 7.73 22.10
C SER D 88 3.17 8.92 21.37
N LYS D 89 3.36 8.77 20.06
CA LYS D 89 3.80 9.89 19.23
C LYS D 89 2.63 10.80 18.93
N LEU D 90 1.44 10.21 18.81
CA LEU D 90 0.26 10.93 18.39
C LEU D 90 -0.92 10.44 19.20
N VAL D 91 -1.64 11.35 19.82
CA VAL D 91 -2.83 10.99 20.60
C VAL D 91 -4.02 11.71 20.01
N ILE D 92 -5.03 10.94 19.62
CA ILE D 92 -6.18 11.48 18.91
C ILE D 92 -7.38 11.47 19.85
N ILE D 93 -7.98 12.64 20.09
CA ILE D 93 -9.10 12.74 21.03
C ILE D 93 -10.43 12.86 20.32
N THR D 94 -11.33 11.93 20.59
CA THR D 94 -12.67 11.96 20.01
C THR D 94 -13.72 11.95 21.10
N ALA D 95 -13.27 11.89 22.35
CA ALA D 95 -14.21 11.87 23.47
C ALA D 95 -14.74 13.26 23.79
N GLY D 96 -15.89 13.32 24.43
CA GLY D 96 -16.45 14.59 24.81
C GLY D 96 -17.90 14.45 25.19
N ALA D 97 -18.54 15.58 25.47
CA ALA D 97 -19.94 15.57 25.85
C ALA D 97 -20.83 15.83 24.65
N ARG D 98 -21.95 15.13 24.60
CA ARG D 98 -22.96 15.36 23.57
C ARG D 98 -23.92 16.47 24.00
N GLN D 99 -24.16 17.42 23.10
CA GLN D 99 -24.98 18.59 23.43
C GLN D 99 -26.45 18.23 23.60
N GLN D 100 -27.03 18.68 24.71
CA GLN D 100 -28.46 18.51 24.97
C GLN D 100 -29.26 19.49 24.13
N GLU D 101 -30.55 19.19 23.92
CA GLU D 101 -31.42 20.09 23.17
C GLU D 101 -31.92 21.20 24.09
N GLY D 102 -31.53 22.43 23.78
CA GLY D 102 -31.83 23.57 24.64
C GLY D 102 -30.70 23.81 25.62
N GLU D 103 -29.47 23.63 25.16
CA GLU D 103 -28.29 23.81 25.99
C GLU D 103 -27.37 24.87 25.37
N SER D 104 -27.00 25.87 26.15
CA SER D 104 -26.18 26.97 25.63
C SER D 104 -24.78 26.53 25.23
N ARG D 105 -24.24 27.16 24.20
CA ARG D 105 -22.89 26.87 23.73
C ARG D 105 -21.88 26.95 24.87
N LEU D 106 -21.98 28.01 25.68
CA LEU D 106 -21.04 28.17 26.79
C LEU D 106 -21.16 26.99 27.75
N ASN D 107 -22.39 26.60 28.04
CA ASN D 107 -22.65 25.48 28.95
C ASN D 107 -21.99 24.18 28.46
N LEU D 108 -22.09 23.92 27.17
CA LEU D 108 -21.54 22.70 26.60
C LEU D 108 -20.03 22.74 26.66
N VAL D 109 -19.45 23.86 26.20
CA VAL D 109 -18.02 23.99 26.20
C VAL D 109 -17.48 23.78 27.61
N GLN D 110 -18.18 24.31 28.60
CA GLN D 110 -17.77 24.14 29.99
C GLN D 110 -17.76 22.67 30.41
N ARG D 111 -18.78 21.92 30.02
CA ARG D 111 -18.83 20.51 30.36
C ARG D 111 -17.62 19.79 29.77
N ASN D 112 -17.34 20.08 28.50
CA ASN D 112 -16.17 19.54 27.82
C ASN D 112 -14.87 19.90 28.50
N VAL D 113 -14.74 21.15 28.93
CA VAL D 113 -13.56 21.58 29.67
C VAL D 113 -13.36 20.68 30.89
N ASN D 114 -14.45 20.45 31.62
CA ASN D 114 -14.37 19.60 32.80
C ASN D 114 -13.93 18.18 32.44
N ILE D 115 -14.41 17.68 31.31
CA ILE D 115 -14.01 16.36 30.83
C ILE D 115 -12.54 16.35 30.45
N PHE D 116 -12.11 17.37 29.71
CA PHE D 116 -10.73 17.44 29.26
C PHE D 116 -9.78 17.59 30.44
N LYS D 117 -10.26 18.15 31.54
CA LYS D 117 -9.41 18.32 32.71
C LYS D 117 -9.01 16.97 33.30
N PHE D 118 -9.79 15.95 32.97
CA PHE D 118 -9.45 14.58 33.37
CA PHE D 118 -9.44 14.59 33.38
C PHE D 118 -8.57 13.94 32.30
N ILE D 119 -9.02 14.01 31.06
CA ILE D 119 -8.33 13.34 29.96
C ILE D 119 -6.93 13.86 29.70
N ILE D 120 -6.80 15.17 29.51
CA ILE D 120 -5.56 15.73 28.99
C ILE D 120 -4.35 15.58 29.94
N PRO D 121 -4.54 15.89 31.24
CA PRO D 121 -3.40 15.70 32.15
C PRO D 121 -2.94 14.25 32.21
N ASN D 122 -3.85 13.30 32.04
CA ASN D 122 -3.47 11.89 31.98
C ASN D 122 -2.69 11.53 30.71
N VAL D 123 -3.10 12.12 29.59
CA VAL D 123 -2.39 11.88 28.33
C VAL D 123 -0.95 12.42 28.44
N VAL D 124 -0.83 13.62 29.01
CA VAL D 124 0.46 14.30 29.12
C VAL D 124 1.38 13.58 30.09
N LYS D 125 0.80 13.03 31.14
CA LYS D 125 1.58 12.27 32.09
C LYS D 125 2.34 11.17 31.38
N TYR D 126 1.65 10.44 30.50
CA TYR D 126 2.20 9.24 29.92
C TYR D 126 2.92 9.43 28.58
N SER D 127 2.56 10.51 27.86
CA SER D 127 3.21 10.84 26.59
C SER D 127 3.46 12.32 26.53
N PRO D 128 4.39 12.82 27.35
CA PRO D 128 4.59 14.28 27.46
C PRO D 128 5.07 14.90 26.17
N ASN D 129 5.61 14.10 25.25
CA ASN D 129 6.16 14.62 24.01
C ASN D 129 5.29 14.38 22.74
N CYS D 130 4.08 13.87 22.94
CA CYS D 130 3.22 13.53 21.81
C CYS D 130 2.68 14.75 21.11
N LYS D 131 2.18 14.56 19.89
CA LYS D 131 1.30 15.55 19.28
C LYS D 131 -0.13 15.19 19.65
N LEU D 132 -0.95 16.20 19.91
CA LEU D 132 -2.36 16.02 20.22
C LEU D 132 -3.18 16.43 19.02
N LEU D 133 -4.05 15.53 18.56
CA LEU D 133 -4.96 15.86 17.47
C LEU D 133 -6.39 15.79 18.00
N ILE D 134 -7.08 16.93 18.00
CA ILE D 134 -8.41 17.03 18.59
C ILE D 134 -9.47 16.92 17.52
N VAL D 135 -10.40 15.98 17.72
CA VAL D 135 -11.44 15.74 16.74
C VAL D 135 -12.81 16.11 17.31
N SER D 136 -12.94 16.01 18.64
CA SER D 136 -14.18 16.35 19.34
C SER D 136 -14.70 17.74 18.99
N ASN D 137 -16.01 17.86 18.80
CA ASN D 137 -16.64 19.15 18.54
C ASN D 137 -17.19 19.84 19.78
N PRO D 138 -17.28 21.19 19.75
CA PRO D 138 -16.82 22.06 18.65
C PRO D 138 -15.32 22.13 18.61
N VAL D 139 -14.75 21.64 17.51
CA VAL D 139 -13.32 21.36 17.45
C VAL D 139 -12.42 22.58 17.71
N ASP D 140 -12.82 23.73 17.20
CA ASP D 140 -11.95 24.90 17.32
C ASP D 140 -11.80 25.31 18.79
N ILE D 141 -12.92 25.37 19.50
CA ILE D 141 -12.89 25.69 20.91
C ILE D 141 -12.20 24.58 21.72
N LEU D 142 -12.54 23.33 21.43
CA LEU D 142 -11.96 22.22 22.19
C LEU D 142 -10.46 22.08 21.95
N THR D 143 -9.98 22.52 20.79
CA THR D 143 -8.54 22.54 20.54
C THR D 143 -7.86 23.61 21.41
N TYR D 144 -8.51 24.77 21.56
CA TYR D 144 -8.07 25.79 22.52
C TYR D 144 -8.02 25.21 23.93
N VAL D 145 -9.08 24.50 24.29
CA VAL D 145 -9.16 23.89 25.61
C VAL D 145 -7.99 22.92 25.86
N ALA D 146 -7.72 22.04 24.89
CA ALA D 146 -6.62 21.08 25.00
C ALA D 146 -5.25 21.78 25.11
N TRP D 147 -5.08 22.83 24.31
CA TRP D 147 -3.85 23.62 24.36
C TRP D 147 -3.65 24.24 25.74
N LYS D 148 -4.71 24.80 26.29
CA LYS D 148 -4.69 25.45 27.60
C LYS D 148 -4.36 24.47 28.73
N ILE D 149 -5.10 23.35 28.78
CA ILE D 149 -4.87 22.35 29.82
C ILE D 149 -3.53 21.63 29.67
N SER D 150 -3.14 21.31 28.44
CA SER D 150 -1.94 20.52 28.22
C SER D 150 -0.65 21.27 28.56
N GLY D 151 -0.63 22.58 28.33
CA GLY D 151 0.59 23.36 28.41
C GLY D 151 1.52 23.16 27.22
N PHE D 152 1.11 22.32 26.27
CA PHE D 152 1.95 22.08 25.09
C PHE D 152 2.21 23.38 24.30
N PRO D 153 3.36 23.44 23.62
CA PRO D 153 3.62 24.50 22.65
C PRO D 153 2.59 24.43 21.51
N LYS D 154 2.39 25.54 20.80
CA LYS D 154 1.35 25.63 19.77
CA LYS D 154 1.35 25.63 19.77
C LYS D 154 1.45 24.55 18.69
N ASN D 155 2.67 24.27 18.24
CA ASN D 155 2.88 23.29 17.15
C ASN D 155 2.34 21.89 17.44
N ARG D 156 2.24 21.51 18.71
CA ARG D 156 1.87 20.14 19.07
C ARG D 156 0.39 19.95 19.43
N VAL D 157 -0.42 20.98 19.20
CA VAL D 157 -1.83 20.83 19.45
C VAL D 157 -2.61 21.22 18.21
N ILE D 158 -3.23 20.20 17.59
CA ILE D 158 -3.81 20.34 16.26
C ILE D 158 -5.28 20.00 16.29
N GLY D 159 -6.11 20.85 15.68
CA GLY D 159 -7.53 20.57 15.59
C GLY D 159 -7.84 20.05 14.21
N SER D 160 -8.61 18.96 14.09
CA SER D 160 -8.95 18.48 12.75
C SER D 160 -9.61 19.58 11.90
N GLY D 161 -10.30 20.51 12.55
CA GLY D 161 -10.73 21.74 11.90
C GLY D 161 -11.51 21.55 10.61
N CYS D 162 -11.08 22.22 9.54
CA CYS D 162 -11.78 22.16 8.25
C CYS D 162 -11.21 21.10 7.31
N ASN D 163 -10.51 20.12 7.87
CA ASN D 163 -9.86 19.10 7.04
C ASN D 163 -10.87 18.26 6.27
N LEU D 164 -11.89 17.77 6.96
CA LEU D 164 -12.95 17.01 6.33
C LEU D 164 -13.85 17.90 5.45
N ASP D 165 -14.07 19.14 5.88
CA ASP D 165 -14.88 20.07 5.07
C ASP D 165 -14.25 20.29 3.71
N SER D 166 -12.93 20.48 3.69
CA SER D 166 -12.25 20.67 2.42
C SER D 166 -12.29 19.39 1.56
N ALA D 167 -12.25 18.22 2.19
CA ALA D 167 -12.30 16.96 1.43
C ALA D 167 -13.67 16.80 0.78
N ARG D 168 -14.71 17.14 1.54
CA ARG D 168 -16.08 17.11 1.03
C ARG D 168 -16.24 18.08 -0.14
N PHE D 169 -15.69 19.28 0.02
CA PHE D 169 -15.73 20.28 -1.03
C PHE D 169 -15.09 19.76 -2.31
N ARG D 170 -13.92 19.14 -2.17
CA ARG D 170 -13.21 18.63 -3.33
C ARG D 170 -13.97 17.48 -4.02
N TYR D 171 -14.60 16.63 -3.23
CA TYR D 171 -15.47 15.59 -3.77
C TYR D 171 -16.62 16.18 -4.60
N LEU D 172 -17.28 17.19 -4.06
CA LEU D 172 -18.41 17.83 -4.75
C LEU D 172 -17.92 18.51 -6.02
N MET D 173 -16.80 19.21 -5.90
CA MET D 173 -16.17 19.84 -7.05
CA MET D 173 -16.13 19.83 -7.04
C MET D 173 -15.86 18.80 -8.12
N GLY D 174 -15.30 17.67 -7.70
CA GLY D 174 -14.96 16.58 -8.60
C GLY D 174 -16.18 16.05 -9.32
N GLU D 175 -17.28 15.92 -8.58
CA GLU D 175 -18.53 15.45 -9.15
C GLU D 175 -19.07 16.40 -10.22
N ARG D 176 -19.01 17.70 -9.95
CA ARG D 176 -19.47 18.69 -10.91
C ARG D 176 -18.60 18.72 -12.17
N LEU D 177 -17.29 18.55 -11.99
CA LEU D 177 -16.37 18.71 -13.11
C LEU D 177 -15.97 17.41 -13.82
N GLY D 178 -16.30 16.27 -13.24
CA GLY D 178 -15.93 14.98 -13.82
C GLY D 178 -14.45 14.70 -13.68
N VAL D 179 -13.86 15.13 -12.56
CA VAL D 179 -12.43 14.96 -12.32
C VAL D 179 -12.23 14.33 -10.94
N HIS D 180 -11.17 13.54 -10.77
CA HIS D 180 -10.92 12.97 -9.43
C HIS D 180 -10.65 14.10 -8.41
N PRO D 181 -11.18 13.96 -7.18
CA PRO D 181 -10.95 14.97 -6.13
C PRO D 181 -9.47 15.29 -5.89
N LEU D 182 -8.58 14.33 -6.12
CA LEU D 182 -7.15 14.57 -5.97
C LEU D 182 -6.65 15.68 -6.89
N SER D 183 -7.33 15.84 -8.02
CA SER D 183 -6.94 16.84 -9.02
C SER D 183 -7.83 18.08 -8.96
N CYS D 184 -8.79 18.11 -8.04
CA CYS D 184 -9.59 19.32 -7.81
C CYS D 184 -9.09 19.98 -6.54
N HIS D 185 -8.67 21.23 -6.65
CA HIS D 185 -8.11 21.91 -5.48
C HIS D 185 -9.05 23.03 -5.06
N GLY D 186 -9.27 23.09 -3.74
CA GLY D 186 -10.20 24.04 -3.17
C GLY D 186 -10.07 23.99 -1.66
N TRP D 187 -10.22 25.14 -1.00
CA TRP D 187 -9.96 25.23 0.43
C TRP D 187 -11.14 25.84 1.19
N VAL D 188 -11.51 25.16 2.28
CA VAL D 188 -12.52 25.64 3.22
C VAL D 188 -11.77 25.92 4.51
N LEU D 189 -11.82 27.17 4.95
CA LEU D 189 -11.03 27.62 6.09
C LEU D 189 -11.87 28.28 7.19
N GLY D 190 -11.18 28.74 8.24
CA GLY D 190 -11.82 29.44 9.35
C GLY D 190 -12.41 28.52 10.40
N GLU D 191 -13.60 28.87 10.88
CA GLU D 191 -14.26 28.11 11.94
C GLU D 191 -15.00 26.91 11.36
N HIS D 192 -14.67 25.72 11.84
CA HIS D 192 -15.32 24.51 11.36
C HIS D 192 -16.83 24.59 11.61
N GLY D 193 -17.61 24.33 10.57
CA GLY D 193 -19.06 24.36 10.71
C GLY D 193 -19.74 25.40 9.85
N ASP D 194 -20.89 25.86 10.32
CA ASP D 194 -21.75 26.71 9.51
C ASP D 194 -21.10 28.03 9.13
N SER D 195 -20.09 28.43 9.89
CA SER D 195 -19.41 29.70 9.63
C SER D 195 -18.13 29.57 8.82
N SER D 196 -17.84 28.38 8.30
CA SER D 196 -16.62 28.18 7.53
C SER D 196 -16.63 29.00 6.23
N VAL D 197 -15.44 29.17 5.65
CA VAL D 197 -15.25 30.02 4.48
C VAL D 197 -14.64 29.26 3.29
N PRO D 198 -15.39 29.18 2.18
CA PRO D 198 -14.93 28.61 0.91
C PRO D 198 -14.10 29.62 0.12
N VAL D 199 -12.80 29.39 0.00
CA VAL D 199 -11.92 30.38 -0.62
C VAL D 199 -11.94 30.28 -2.16
N TRP D 200 -12.92 30.94 -2.76
CA TRP D 200 -13.15 30.88 -4.20
C TRP D 200 -11.92 31.14 -5.05
N SER D 201 -11.11 32.10 -4.62
CA SER D 201 -9.90 32.49 -5.36
C SER D 201 -8.92 31.33 -5.55
N GLY D 202 -9.00 30.31 -4.70
CA GLY D 202 -8.00 29.25 -4.74
C GLY D 202 -8.45 28.00 -5.48
N MET D 203 -9.72 27.95 -5.85
CA MET D 203 -10.28 26.77 -6.50
CA MET D 203 -10.25 26.76 -6.48
C MET D 203 -9.75 26.66 -7.91
N ASN D 204 -9.15 25.52 -8.23
CA ASN D 204 -8.52 25.36 -9.52
C ASN D 204 -8.38 23.91 -9.89
N VAL D 205 -8.21 23.67 -11.19
CA VAL D 205 -7.78 22.40 -11.70
C VAL D 205 -6.52 22.69 -12.53
N ALA D 206 -5.48 21.89 -12.31
CA ALA D 206 -4.22 22.08 -13.03
C ALA D 206 -3.75 23.54 -13.02
N GLY D 207 -4.01 24.22 -11.92
CA GLY D 207 -3.57 25.60 -11.73
C GLY D 207 -4.37 26.62 -12.51
N VAL D 208 -5.44 26.17 -13.16
CA VAL D 208 -6.39 27.09 -13.81
C VAL D 208 -7.46 27.53 -12.82
N SER D 209 -7.47 28.81 -12.48
CA SER D 209 -8.39 29.34 -11.48
C SER D 209 -9.83 29.38 -12.00
N LEU D 210 -10.73 28.70 -11.31
CA LEU D 210 -12.14 28.71 -11.70
C LEU D 210 -12.71 30.12 -11.62
N LYS D 211 -12.28 30.89 -10.62
CA LYS D 211 -12.80 32.25 -10.40
C LYS D 211 -12.45 33.14 -11.59
N THR D 212 -11.26 32.94 -12.14
CA THR D 212 -10.80 33.75 -13.26
C THR D 212 -11.63 33.47 -14.51
N LEU D 213 -11.83 32.20 -14.82
CA LEU D 213 -12.67 31.77 -15.95
C LEU D 213 -14.10 32.25 -15.80
N HIS D 214 -14.56 32.33 -14.53
CA HIS D 214 -15.95 32.53 -14.22
C HIS D 214 -16.09 33.55 -13.08
N PRO D 215 -15.98 34.84 -13.40
CA PRO D 215 -15.89 35.86 -12.34
C PRO D 215 -17.06 35.87 -11.34
N ASP D 216 -18.26 35.47 -11.72
CA ASP D 216 -19.38 35.42 -10.76
C ASP D 216 -19.30 34.21 -9.83
N LEU D 217 -18.31 33.34 -10.02
CA LEU D 217 -18.18 32.16 -9.18
C LEU D 217 -18.40 32.49 -7.72
N GLY D 218 -19.37 31.80 -7.10
CA GLY D 218 -19.53 31.89 -5.66
C GLY D 218 -20.39 33.04 -5.18
N THR D 219 -20.80 33.91 -6.10
CA THR D 219 -21.67 35.04 -5.76
C THR D 219 -23.13 34.69 -6.01
N ASP D 220 -24.02 35.64 -5.75
CA ASP D 220 -25.44 35.44 -5.99
C ASP D 220 -25.76 35.53 -7.48
N LYS D 221 -24.86 36.12 -8.26
CA LYS D 221 -25.05 36.24 -9.70
C LYS D 221 -24.54 35.01 -10.47
N ASP D 222 -24.01 34.03 -9.73
CA ASP D 222 -23.50 32.79 -10.32
C ASP D 222 -24.63 31.94 -10.91
N LYS D 223 -24.71 31.88 -12.23
CA LYS D 223 -25.76 31.11 -12.88
C LYS D 223 -25.66 29.62 -12.54
N GLU D 224 -24.47 29.16 -12.15
CA GLU D 224 -24.29 27.76 -11.79
C GLU D 224 -24.35 27.52 -10.29
N GLN D 225 -24.58 28.59 -9.52
CA GLN D 225 -24.75 28.49 -8.06
C GLN D 225 -23.72 27.59 -7.36
N TRP D 226 -22.44 27.89 -7.55
CA TRP D 226 -21.37 27.18 -6.85
C TRP D 226 -21.41 27.39 -5.34
N LYS D 227 -22.11 28.44 -4.90
CA LYS D 227 -22.26 28.71 -3.48
C LYS D 227 -22.95 27.54 -2.78
N GLU D 228 -23.78 26.80 -3.51
CA GLU D 228 -24.51 25.65 -2.99
C GLU D 228 -23.59 24.47 -2.64
N VAL D 229 -22.42 24.44 -3.24
CA VAL D 229 -21.44 23.41 -2.91
C VAL D 229 -20.99 23.62 -1.47
N HIS D 230 -20.65 24.85 -1.12
CA HIS D 230 -20.28 25.13 0.27
C HIS D 230 -21.45 24.88 1.22
N LYS D 231 -22.67 25.14 0.74
CA LYS D 231 -23.85 24.93 1.58
C LYS D 231 -24.00 23.43 1.86
N GLN D 232 -23.77 22.61 0.84
CA GLN D 232 -23.79 21.16 0.99
C GLN D 232 -22.69 20.71 1.95
N VAL D 233 -21.50 21.27 1.78
CA VAL D 233 -20.41 20.95 2.69
C VAL D 233 -20.89 21.16 4.15
N VAL D 234 -21.41 22.35 4.43
CA VAL D 234 -21.86 22.71 5.79
C VAL D 234 -23.00 21.84 6.34
N GLU D 235 -23.84 21.31 5.46
CA GLU D 235 -25.02 20.54 5.88
C GLU D 235 -24.76 19.04 5.87
N SER D 236 -23.57 18.64 5.46
CA SER D 236 -23.23 17.23 5.27
C SER D 236 -23.38 16.37 6.52
N ALA D 237 -22.75 16.78 7.62
CA ALA D 237 -22.86 16.01 8.85
C ALA D 237 -24.32 15.76 9.17
N TYR D 238 -25.12 16.83 9.13
CA TYR D 238 -26.54 16.75 9.44
C TYR D 238 -27.30 15.83 8.49
N GLU D 239 -27.02 15.94 7.20
CA GLU D 239 -27.71 15.12 6.22
C GLU D 239 -27.39 13.64 6.45
N VAL D 240 -26.11 13.34 6.62
CA VAL D 240 -25.67 11.97 6.89
C VAL D 240 -26.21 11.45 8.21
N ILE D 241 -26.10 12.26 9.25
CA ILE D 241 -26.68 11.90 10.54
C ILE D 241 -28.17 11.55 10.43
N LYS D 242 -28.92 12.37 9.73
CA LYS D 242 -30.35 12.13 9.54
C LYS D 242 -30.59 10.79 8.85
N LEU D 243 -29.65 10.36 8.01
CA LEU D 243 -29.80 9.14 7.21
C LEU D 243 -29.33 7.87 7.94
N LYS D 244 -28.11 7.91 8.48
CA LYS D 244 -27.54 6.71 9.13
C LYS D 244 -27.42 6.84 10.67
N GLY D 245 -27.64 8.03 11.21
CA GLY D 245 -27.69 8.21 12.66
C GLY D 245 -26.41 8.76 13.28
N TYR D 246 -25.32 8.73 12.50
CA TYR D 246 -24.05 9.30 12.91
C TYR D 246 -23.22 9.41 11.63
N THR D 247 -21.97 9.85 11.75
CA THR D 247 -21.02 9.77 10.66
C THR D 247 -19.77 9.13 11.19
N SER D 248 -18.99 8.50 10.32
CA SER D 248 -17.80 7.78 10.77
C SER D 248 -16.70 7.67 9.71
N TRP D 249 -17.05 7.13 8.54
CA TRP D 249 -16.02 6.73 7.60
C TRP D 249 -15.18 7.89 7.07
N ALA D 250 -15.82 8.95 6.61
CA ALA D 250 -15.10 10.08 6.04
C ALA D 250 -14.20 10.76 7.08
N ILE D 251 -14.73 10.93 8.28
CA ILE D 251 -13.90 11.53 9.32
C ILE D 251 -12.69 10.65 9.63
N GLY D 252 -12.91 9.33 9.73
CA GLY D 252 -11.83 8.38 9.98
C GLY D 252 -10.76 8.42 8.89
N LEU D 253 -11.19 8.39 7.63
CA LEU D 253 -10.25 8.53 6.52
C LEU D 253 -9.45 9.83 6.59
N SER D 254 -10.14 10.94 6.87
CA SER D 254 -9.48 12.24 6.91
CA SER D 254 -9.50 12.25 6.94
C SER D 254 -8.47 12.30 8.05
N VAL D 255 -8.82 11.73 9.18
CA VAL D 255 -7.92 11.77 10.34
C VAL D 255 -6.64 10.98 10.05
N ALA D 256 -6.80 9.83 9.39
CA ALA D 256 -5.68 8.95 9.02
C ALA D 256 -4.72 9.64 8.05
N ASP D 257 -5.26 10.48 7.17
CA ASP D 257 -4.41 11.25 6.27
C ASP D 257 -3.57 12.23 7.08
N LEU D 258 -4.18 12.87 8.07
CA LEU D 258 -3.42 13.81 8.90
C LEU D 258 -2.33 13.02 9.65
N ALA D 259 -2.70 11.87 10.19
CA ALA D 259 -1.77 11.06 10.95
C ALA D 259 -0.61 10.64 10.07
N GLU D 260 -0.92 10.34 8.82
CA GLU D 260 0.11 9.96 7.85
C GLU D 260 1.17 11.04 7.72
N SER D 261 0.76 12.27 7.45
CA SER D 261 1.72 13.37 7.35
C SER D 261 2.57 13.49 8.61
N ILE D 262 1.92 13.39 9.76
CA ILE D 262 2.61 13.56 11.04
C ILE D 262 3.62 12.46 11.31
N MET D 263 3.18 11.21 11.20
CA MET D 263 4.00 10.05 11.51
C MET D 263 5.16 9.89 10.52
N LYS D 264 4.92 10.23 9.26
CA LYS D 264 5.96 10.08 8.24
C LYS D 264 6.71 11.39 7.98
N ASN D 265 6.41 12.41 8.78
CA ASN D 265 7.08 13.70 8.64
C ASN D 265 7.01 14.26 7.22
N LEU D 266 5.85 14.19 6.57
CA LEU D 266 5.79 14.49 5.13
C LEU D 266 5.89 15.99 4.81
N ARG D 267 5.50 16.82 5.76
CA ARG D 267 5.35 18.26 5.50
C ARG D 267 4.38 18.56 4.35
N ARG D 268 3.28 17.80 4.27
CA ARG D 268 2.16 18.17 3.42
C ARG D 268 1.32 19.29 4.05
N VAL D 269 0.55 19.99 3.22
CA VAL D 269 -0.27 21.09 3.71
C VAL D 269 -1.73 20.64 3.85
N HIS D 270 -2.29 20.84 5.02
CA HIS D 270 -3.68 20.46 5.32
C HIS D 270 -4.40 21.62 5.99
N PRO D 271 -5.73 21.73 5.79
CA PRO D 271 -6.47 22.77 6.52
C PRO D 271 -6.89 22.22 7.87
N VAL D 272 -6.21 22.66 8.92
CA VAL D 272 -6.48 22.18 10.26
C VAL D 272 -6.49 23.38 11.20
N SER D 273 -7.01 23.19 12.41
CA SER D 273 -7.20 24.29 13.34
C SER D 273 -5.94 24.56 14.15
N THR D 274 -5.49 25.82 14.14
CA THR D 274 -4.24 26.20 14.82
C THR D 274 -4.39 27.58 15.46
N MET D 275 -3.59 27.86 16.49
CA MET D 275 -3.55 29.15 17.21
C MET D 275 -3.31 30.26 16.19
N ILE D 276 -4.32 31.08 15.94
CA ILE D 276 -4.24 31.99 14.80
C ILE D 276 -4.01 33.46 15.20
N LYS D 277 -3.80 33.67 16.50
CA LYS D 277 -3.48 34.99 17.04
C LYS D 277 -2.35 35.63 16.25
N GLY D 278 -2.55 36.88 15.84
CA GLY D 278 -1.50 37.65 15.20
C GLY D 278 -1.63 37.71 13.69
N LEU D 279 -2.44 36.82 13.14
CA LEU D 279 -2.57 36.72 11.71
C LEU D 279 -4.00 37.01 11.29
N TYR D 280 -4.22 37.02 9.99
CA TYR D 280 -5.52 37.36 9.42
C TYR D 280 -6.25 38.47 10.21
N GLY D 281 -5.53 39.16 11.09
CA GLY D 281 -6.03 40.34 11.79
C GLY D 281 -6.59 40.14 13.20
N ILE D 282 -6.38 38.95 13.74
CA ILE D 282 -6.98 38.53 15.01
C ILE D 282 -6.02 38.76 16.19
N LYS D 283 -6.56 39.21 17.32
CA LYS D 283 -5.74 39.59 18.46
C LYS D 283 -5.93 38.70 19.71
N ASP D 284 -6.92 37.80 19.68
CA ASP D 284 -7.17 36.90 20.81
C ASP D 284 -6.60 35.49 20.61
N ASP D 285 -6.48 34.73 21.70
CA ASP D 285 -6.02 33.33 21.66
C ASP D 285 -7.10 32.37 21.15
N VAL D 286 -7.27 32.33 19.84
CA VAL D 286 -8.27 31.48 19.21
C VAL D 286 -7.70 30.57 18.11
N PHE D 287 -8.28 29.40 17.96
CA PHE D 287 -7.87 28.45 16.92
C PHE D 287 -8.87 28.49 15.78
N LEU D 288 -8.35 28.63 14.56
CA LEU D 288 -9.16 28.52 13.36
C LEU D 288 -8.37 27.78 12.31
N SER D 289 -9.05 27.24 11.30
CA SER D 289 -8.35 26.50 10.24
C SER D 289 -7.71 27.41 9.18
N VAL D 290 -6.44 27.14 8.88
CA VAL D 290 -5.70 27.74 7.78
C VAL D 290 -4.85 26.60 7.24
N PRO D 291 -4.26 26.76 6.04
CA PRO D 291 -3.45 25.63 5.59
C PRO D 291 -2.17 25.55 6.42
N CYS D 292 -1.89 24.35 6.95
CA CYS D 292 -0.75 24.13 7.82
C CYS D 292 0.20 23.05 7.30
N ILE D 293 1.49 23.26 7.47
CA ILE D 293 2.48 22.24 7.13
CA ILE D 293 2.48 22.24 7.13
C ILE D 293 2.62 21.25 8.29
N LEU D 294 2.27 19.99 8.03
CA LEU D 294 2.24 18.97 9.07
C LEU D 294 3.41 17.99 8.95
N GLY D 295 4.05 17.69 10.06
CA GLY D 295 5.17 16.75 10.07
C GLY D 295 5.39 16.22 11.47
N GLN D 296 6.60 15.75 11.74
CA GLN D 296 6.90 15.08 12.99
C GLN D 296 6.82 15.98 14.24
N ASN D 297 6.88 17.30 14.05
CA ASN D 297 6.72 18.26 15.17
C ASN D 297 5.31 18.83 15.24
N GLY D 298 4.38 18.22 14.52
CA GLY D 298 3.03 18.76 14.41
C GLY D 298 3.01 19.87 13.36
N ILE D 299 2.46 21.01 13.72
CA ILE D 299 2.38 22.14 12.79
C ILE D 299 3.65 22.96 12.91
N SER D 300 4.52 22.90 11.90
CA SER D 300 5.76 23.67 11.99
C SER D 300 5.65 25.03 11.31
N ASP D 301 4.67 25.17 10.43
CA ASP D 301 4.49 26.39 9.65
C ASP D 301 3.05 26.49 9.20
N LEU D 302 2.63 27.69 8.83
CA LEU D 302 1.32 27.84 8.21
C LEU D 302 1.38 28.76 7.02
N VAL D 303 0.42 28.62 6.14
CA VAL D 303 0.39 29.39 4.91
C VAL D 303 -0.47 30.64 5.13
N LYS D 304 0.01 31.78 4.64
CA LYS D 304 -0.76 33.03 4.75
C LYS D 304 -1.58 33.22 3.48
N VAL D 305 -2.88 32.95 3.57
CA VAL D 305 -3.77 33.02 2.43
C VAL D 305 -4.34 34.43 2.31
N THR D 306 -4.32 34.99 1.10
CA THR D 306 -4.93 36.29 0.86
C THR D 306 -6.44 36.10 0.80
N LEU D 307 -7.14 36.81 1.67
CA LEU D 307 -8.60 36.72 1.75
C LEU D 307 -9.22 38.00 1.24
N THR D 308 -10.45 37.90 0.75
CA THR D 308 -11.21 39.08 0.37
C THR D 308 -11.67 39.78 1.64
N SER D 309 -12.16 41.02 1.50
CA SER D 309 -12.69 41.76 2.64
C SER D 309 -13.74 40.95 3.39
N GLU D 310 -14.72 40.44 2.64
CA GLU D 310 -15.78 39.62 3.22
C GLU D 310 -15.24 38.37 3.90
N GLU D 311 -14.28 37.69 3.26
CA GLU D 311 -13.72 36.47 3.83
C GLU D 311 -12.99 36.78 5.12
N GLU D 312 -12.24 37.87 5.10
CA GLU D 312 -11.51 38.31 6.28
C GLU D 312 -12.49 38.65 7.42
N ALA D 313 -13.59 39.32 7.08
CA ALA D 313 -14.61 39.69 8.06
C ALA D 313 -15.23 38.47 8.73
N ARG D 314 -15.49 37.44 7.95
CA ARG D 314 -16.09 36.22 8.48
C ARG D 314 -15.18 35.54 9.48
N LEU D 315 -13.88 35.45 9.17
CA LEU D 315 -12.92 34.87 10.11
C LEU D 315 -12.82 35.68 11.39
N LYS D 316 -12.85 37.00 11.23
CA LYS D 316 -12.73 37.93 12.35
C LYS D 316 -13.96 37.79 13.24
N LYS D 317 -15.12 37.68 12.61
CA LYS D 317 -16.37 37.47 13.35
C LYS D 317 -16.32 36.18 14.18
N SER D 318 -15.81 35.10 13.57
CA SER D 318 -15.72 33.83 14.28
C SER D 318 -14.78 33.94 15.48
N ALA D 319 -13.62 34.54 15.27
CA ALA D 319 -12.68 34.78 16.36
C ALA D 319 -13.33 35.54 17.53
N ASP D 320 -14.11 36.57 17.22
CA ASP D 320 -14.83 37.34 18.24
C ASP D 320 -15.77 36.44 19.04
N THR D 321 -16.58 35.67 18.34
CA THR D 321 -17.56 34.78 18.97
C THR D 321 -16.87 33.72 19.83
N LEU D 322 -15.85 33.07 19.26
CA LEU D 322 -15.10 32.05 20.00
C LEU D 322 -14.46 32.62 21.26
N TRP D 323 -13.80 33.77 21.13
CA TRP D 323 -13.18 34.37 22.31
C TRP D 323 -14.23 34.79 23.34
N GLY D 324 -15.37 35.33 22.88
CA GLY D 324 -16.45 35.70 23.78
C GLY D 324 -16.81 34.53 24.69
N ILE D 325 -16.73 33.33 24.14
CA ILE D 325 -17.04 32.12 24.89
C ILE D 325 -15.86 31.68 25.75
N GLN D 326 -14.68 31.63 25.15
CA GLN D 326 -13.50 31.13 25.82
C GLN D 326 -13.17 31.94 27.06
N LYS D 327 -13.43 33.24 26.98
CA LYS D 327 -13.07 34.12 28.08
C LYS D 327 -13.94 33.88 29.31
N GLU D 328 -15.05 33.16 29.14
CA GLU D 328 -15.96 32.88 30.26
C GLU D 328 -15.81 31.44 30.78
N LEU D 329 -14.89 30.70 30.16
CA LEU D 329 -14.62 29.33 30.58
C LEU D 329 -13.92 29.28 31.93
N GLN D 330 -14.24 28.25 32.70
CA GLN D 330 -13.60 28.05 33.99
C GLN D 330 -12.71 26.83 33.92
N PHE D 331 -11.41 27.05 34.08
CA PHE D 331 -10.45 25.97 34.00
C PHE D 331 -10.12 25.42 35.38
PA NAI E . 28.49 -3.85 -7.78
O1A NAI E . 29.98 -4.03 -8.02
O2A NAI E . 27.74 -3.49 -9.05
O5B NAI E . 28.32 -2.72 -6.69
C5B NAI E . 29.04 -2.69 -5.52
C4B NAI E . 29.27 -1.38 -4.98
O4B NAI E . 30.05 -1.42 -3.81
C3B NAI E . 30.02 -0.59 -5.99
O3B NAI E . 29.26 0.51 -6.39
C2B NAI E . 31.19 -0.19 -5.33
O2B NAI E . 31.57 1.10 -5.68
C1B NAI E . 30.80 -0.26 -3.88
N9A NAI E . 31.91 -0.16 -2.95
C8A NAI E . 33.12 -0.75 -3.06
N7A NAI E . 33.89 -0.39 -2.02
C5A NAI E . 33.18 0.44 -1.22
C6A NAI E . 33.42 1.12 -0.01
N6A NAI E . 34.71 1.01 0.68
N1A NAI E . 32.45 1.90 0.54
C2A NAI E . 31.26 2.00 -0.08
N3A NAI E . 30.99 1.37 -1.22
C4A NAI E . 31.92 0.59 -1.82
O3 NAI E . 27.97 -5.21 -7.09
PN NAI E . 26.42 -5.65 -7.00
O1N NAI E . 25.59 -4.45 -6.54
O2N NAI E . 25.90 -6.27 -8.28
O5D NAI E . 26.41 -6.74 -5.85
C5D NAI E . 26.83 -6.36 -4.58
C4D NAI E . 26.98 -7.37 -3.58
O4D NAI E . 25.66 -7.96 -3.33
C3D NAI E . 27.85 -8.45 -4.06
O3D NAI E . 28.72 -8.84 -3.05
C2D NAI E . 26.90 -9.55 -4.38
O2D NAI E . 27.41 -10.79 -4.26
C1D NAI E . 25.87 -9.34 -3.35
N1N NAI E . 24.69 -10.19 -3.59
C2N NAI E . 24.23 -10.93 -2.54
C3N NAI E . 23.12 -11.76 -2.69
C7N NAI E . 22.59 -12.54 -1.53
O7N NAI E . 21.65 -13.34 -1.73
N7N NAI E . 23.11 -12.42 -0.20
C4N NAI E . 22.46 -11.81 -3.92
C5N NAI E . 22.95 -11.04 -4.99
C6N NAI E . 24.08 -10.22 -4.80
N1 EPE F . 29.69 -8.67 21.57
C2 EPE F . 30.98 -9.11 22.10
C3 EPE F . 31.82 -7.88 22.43
N4 EPE F . 31.08 -6.90 23.22
C5 EPE F . 29.70 -6.64 22.88
C6 EPE F . 28.93 -7.92 22.57
C7 EPE F . 31.82 -5.89 23.96
C8 EPE F . 31.99 -4.59 23.17
O8 EPE F . 32.44 -4.86 21.86
C9 EPE F . 28.90 -9.77 21.01
C10 EPE F . 28.82 -10.94 21.98
S EPE F . 27.56 -12.12 21.41
O1S EPE F . 26.34 -11.95 22.19
O2S EPE F . 27.28 -11.86 20.00
O3S EPE F . 28.07 -13.48 21.57
C1 22Y G . 29.53 -7.91 -8.72
C2 22Y G . 28.81 -9.25 -8.54
C4 22Y G . 29.06 -10.11 -9.75
C5 22Y G . 28.17 -10.10 -10.81
C6 22Y G . 28.41 -10.88 -11.93
C7 22Y G . 29.53 -11.69 -11.98
C8 22Y G . 30.42 -11.70 -10.93
C9 22Y G . 30.18 -10.91 -9.82
N10 22Y G . 27.38 -8.98 -8.37
C11 22Y G . 26.46 -10.02 -8.19
C12 22Y G . 25.08 -9.76 -8.32
N13 22Y G . 24.21 -10.75 -8.15
C14 22Y G . 24.64 -11.97 -7.83
C15 22Y G . 25.99 -12.23 -7.71
N16 22Y G . 26.88 -11.24 -7.87
C17 22Y G . 26.44 -13.60 -7.34
C18 22Y G . 25.72 -14.24 -6.34
C19 22Y G . 26.09 -15.51 -5.92
C20 22Y G . 27.19 -16.16 -6.52
C21 22Y G . 27.90 -15.51 -7.51
C22 22Y G . 27.55 -14.24 -7.91
CL1 22Y G . 28.47 -13.48 -9.17
C24 22Y G . 25.31 -16.19 -4.87
O25 22Y G . 25.84 -17.24 -4.22
O26 22Y G . 24.21 -15.77 -4.57
N27 22Y G . 24.63 -8.48 -8.63
H4 22Y G . 29.20 -9.76 -7.65
S SO4 H . 5.73 -18.17 5.60
O1 SO4 H . 6.92 -17.35 5.39
O2 SO4 H . 5.30 -18.06 6.99
O3 SO4 H . 4.64 -17.69 4.76
O4 SO4 H . 6.06 -19.58 5.28
PA NAI I . 18.67 0.99 -22.63
O1A NAI I . 19.81 1.01 -23.60
O2A NAI I . 19.09 0.72 -21.18
O5B NAI I . 17.58 -0.05 -23.05
C5B NAI I . 16.93 -0.03 -24.26
C4B NAI I . 16.37 -1.30 -24.69
O4B NAI I . 15.65 -1.15 -25.88
C3B NAI I . 17.46 -2.28 -24.98
O3B NAI I . 17.36 -3.35 -24.08
C2B NAI I . 17.25 -2.65 -26.33
O2B NAI I . 17.54 -3.97 -26.69
C1B NAI I . 15.79 -2.37 -26.51
N9A NAI I . 15.38 -2.39 -27.90
C8A NAI I . 16.05 -1.81 -28.92
N7A NAI I . 15.40 -2.06 -30.08
C5A NAI I . 14.30 -2.80 -29.81
C6A NAI I . 13.27 -3.35 -30.57
N6A NAI I . 13.26 -3.15 -32.01
N1A NAI I . 12.29 -4.08 -29.98
C2A NAI I . 12.33 -4.26 -28.64
N3A NAI I . 13.31 -3.76 -27.87
C4A NAI I . 14.30 -3.02 -28.43
O3 NAI I . 18.03 2.47 -22.74
PN NAI I . 17.15 3.15 -21.59
O1N NAI I . 16.15 2.11 -21.05
O2N NAI I . 18.01 3.78 -20.53
O5D NAI I . 16.33 4.27 -22.37
C5D NAI I . 15.24 3.90 -23.14
C4D NAI I . 14.57 4.94 -23.87
O4D NAI I . 13.74 5.67 -22.91
C3D NAI I . 15.52 5.92 -24.42
O3D NAI I . 15.04 6.42 -25.62
C2D NAI I . 15.53 7.00 -23.45
O2D NAI I . 15.95 8.19 -23.98
C1D NAI I . 14.10 7.02 -23.03
N1N NAI I . 13.89 7.81 -21.80
C2N NAI I . 12.75 8.58 -21.71
C3N NAI I . 12.49 9.33 -20.56
C7N NAI I . 11.23 10.16 -20.54
O7N NAI I . 11.13 11.01 -19.65
N7N NAI I . 10.21 10.00 -21.52
C4N NAI I . 13.39 9.32 -19.48
C5N NAI I . 14.55 8.52 -19.58
C6N NAI I . 14.78 7.77 -20.76
N1 EPE J . -8.15 7.25 -35.86
C2 EPE J . -7.92 7.28 -37.32
C3 EPE J . -7.39 5.95 -37.85
N4 EPE J . -8.33 4.90 -37.51
C5 EPE J . -9.37 5.22 -36.59
C6 EPE J . -8.88 6.04 -35.41
C7 EPE J . -8.02 3.51 -37.79
C8 EPE J . -7.01 3.33 -38.93
O8 EPE J . -6.82 1.96 -39.19
C9 EPE J . -9.05 8.35 -35.48
C10 EPE J . -8.50 9.67 -35.90
S EPE J . -8.33 10.77 -34.48
O1S EPE J . -8.11 12.13 -34.97
O2S EPE J . -9.55 10.74 -33.66
O3S EPE J . -7.18 10.38 -33.67
C LAC K . 14.73 12.44 -18.90
CA LAC K . 15.15 12.17 -20.32
CB LAC K . 16.18 11.09 -20.36
O LAC K . 14.02 13.47 -18.75
OHN LAC K . 14.04 11.86 -21.08
OXT LAC K . 15.04 11.72 -17.90
HA LAC K . 15.59 13.07 -20.71
HB1 LAC K . 16.03 10.49 -21.26
HB2 LAC K . 16.09 10.46 -19.49
HB3 LAC K . 17.17 11.53 -20.40
H LAC K . 14.01 12.50 -21.95
PA NAI L . -27.18 -6.71 10.58
O1A NAI L . -28.61 -7.11 10.90
O2A NAI L . -26.70 -5.61 11.49
O5B NAI L . -27.14 -6.26 9.07
C5B NAI L . -27.80 -6.98 8.11
C4B NAI L . -28.37 -6.26 6.99
O4B NAI L . -29.09 -7.13 6.17
C3B NAI L . -29.36 -5.26 7.46
O3B NAI L . -28.90 -3.98 7.14
C2B NAI L . -30.55 -5.56 6.77
O2B NAI L . -31.26 -4.45 6.34
C1B NAI L . -30.06 -6.35 5.60
N9A NAI L . -31.09 -7.12 4.90
C8A NAI L . -31.98 -7.96 5.46
N7A NAI L . -32.76 -8.49 4.49
C5A NAI L . -32.36 -8.00 3.31
C6A NAI L . -32.74 -8.16 1.96
N6A NAI L . -33.85 -9.05 1.63
N1A NAI L . -32.10 -7.49 0.99
C2A NAI L . -31.07 -6.67 1.28
N3A NAI L . -30.67 -6.49 2.54
C4A NAI L . -31.28 -7.13 3.57
O3 NAI L . -26.27 -8.05 10.71
PN NAI L . -24.67 -8.01 10.70
O1N NAI L . -24.20 -6.92 9.72
O2N NAI L . -24.12 -7.76 12.10
O5D NAI L . -24.12 -9.37 10.15
C5D NAI L . -24.80 -10.08 9.15
C4D NAI L . -24.46 -11.46 8.95
O4D NAI L . -23.01 -11.66 9.00
C3D NAI L . -25.02 -12.28 10.04
O3D NAI L . -25.84 -13.27 9.53
C2D NAI L . -23.85 -12.83 10.74
O2D NAI L . -24.08 -14.05 11.28
C1D NAI L . -22.81 -12.88 9.67
N1N NAI L . -21.46 -13.14 10.21
C2N NAI L . -20.75 -14.16 9.67
C3N NAI L . -19.45 -14.48 10.09
C7N NAI L . -18.70 -15.61 9.44
O7N NAI L . -17.57 -15.93 9.88
N7N NAI L . -19.28 -16.31 8.34
C4N NAI L . -18.87 -13.74 11.15
C5N NAI L . -19.62 -12.69 11.70
C6N NAI L . -20.92 -12.41 11.23
N1 EPE M . -24.67 -25.95 -11.97
C2 EPE M . -25.90 -26.57 -11.46
C3 EPE M . -27.09 -25.76 -11.96
N4 EPE M . -27.01 -25.44 -13.37
C5 EPE M . -25.72 -25.08 -13.95
C6 EPE M . -24.61 -25.99 -13.44
C7 EPE M . -28.21 -25.02 -14.07
C8 EPE M . -28.81 -23.73 -13.53
O8 EPE M . -28.36 -22.63 -14.29
C9 EPE M . -23.44 -26.45 -11.34
C10 EPE M . -23.47 -27.97 -11.12
S EPE M . -22.15 -28.48 -10.01
O1S EPE M . -22.51 -29.72 -9.31
O2S EPE M . -21.95 -27.41 -9.04
O3S EPE M . -20.92 -28.69 -10.76
C1 22Y N . -27.15 -9.52 13.69
C2 22Y N . -26.10 -10.47 14.26
C4 22Y N . -26.21 -10.52 15.76
C5 22Y N . -26.98 -11.50 16.37
C6 22Y N . -27.09 -11.54 17.74
C7 22Y N . -26.43 -10.60 18.52
C8 22Y N . -25.66 -9.62 17.91
C9 22Y N . -25.55 -9.58 16.52
N10 22Y N . -24.75 -10.00 13.91
C11 22Y N . -23.61 -10.76 14.16
C12 22Y N . -22.35 -10.13 14.12
N13 22Y N . -21.25 -10.83 14.35
C14 22Y N . -21.33 -12.12 14.63
C15 22Y N . -22.57 -12.74 14.69
N16 22Y N . -23.69 -12.05 14.44
C17 22Y N . -22.60 -14.19 15.00
C18 22Y N . -21.63 -15.01 14.44
C19 22Y N . -21.63 -16.38 14.70
C20 22Y N . -22.61 -16.93 15.54
C21 22Y N . -23.58 -16.11 16.09
C22 22Y N . -23.58 -14.76 15.82
CL1 22Y N . -24.81 -13.75 16.54
C24 22Y N . -20.59 -17.24 14.12
O25 22Y N . -20.72 -18.58 14.15
O26 22Y N . -19.62 -16.73 13.59
N27 22Y N . -22.26 -8.78 13.81
H4 22Y N . -26.25 -11.48 13.84
S SO4 O . -0.76 -19.25 5.05
O1 SO4 O . 0.30 -18.30 5.41
O2 SO4 O . -2.06 -18.57 5.05
O3 SO4 O . -0.51 -19.76 3.71
O4 SO4 O . -0.75 -20.34 6.04
PA NAI P . -19.67 8.85 20.65
O1A NAI P . -20.30 9.41 21.91
O2A NAI P . -20.46 7.71 20.08
O5B NAI P . -18.22 8.40 21.05
C5B NAI P . -17.55 9.04 22.07
C4B NAI P . -16.86 8.22 23.03
O4B NAI P . -16.22 9.03 23.98
C3B NAI P . -17.84 7.39 23.79
O3B NAI P . -17.56 6.04 23.60
C2B NAI P . -17.66 7.74 25.14
O2B NAI P . -17.73 6.66 26.00
C1B NAI P . -16.27 8.29 25.15
N9A NAI P . -15.94 9.11 26.32
C8A NAI P . -16.76 9.97 26.94
N7A NAI P . -16.11 10.54 27.98
C5A NAI P . -14.87 10.02 28.03
C6A NAI P . -13.76 10.20 28.87
N6A NAI P . -13.84 11.15 29.98
N1A NAI P . -12.62 9.51 28.63
C2A NAI P . -12.57 8.65 27.59
N3A NAI P . -13.60 8.43 26.78
C4A NAI P . -14.76 9.11 26.96
O3 NAI P . -19.54 10.07 19.60
PN NAI P . -18.91 9.87 18.14
O1N NAI P . -17.83 8.77 18.14
O2N NAI P . -20.00 9.59 17.11
O5D NAI P . -18.18 11.22 17.80
C5D NAI P . -17.33 11.82 18.70
C4D NAI P . -16.94 13.16 18.39
O4D NAI P . -16.41 13.23 17.02
C3D NAI P . -18.11 14.05 18.43
O3D NAI P . -17.84 15.14 19.23
C2D NAI P . -18.28 14.48 17.03
O2D NAI P . -18.84 15.70 16.89
C1D NAI P . -16.87 14.47 16.55
N1N NAI P . -16.83 14.71 15.09
C2N NAI P . -15.98 15.66 14.63
C3N NAI P . -15.88 15.94 13.26
C7N NAI P . -14.91 17.00 12.79
O7N NAI P . -14.79 17.24 11.57
N7N NAI P . -14.15 17.73 13.75
C4N NAI P . -16.70 15.26 12.35
C5N NAI P . -17.58 14.28 12.84
C6N NAI P . -17.64 14.04 14.22
C1 22Y Q . -22.27 11.98 19.20
C2 22Y Q . -22.39 12.73 17.88
C4 22Y Q . -23.84 12.81 17.47
C5 22Y Q . -24.34 11.88 16.59
C6 22Y Q . -25.67 11.96 16.21
C7 22Y Q . -26.49 12.96 16.70
C8 22Y Q . -25.97 13.88 17.60
C9 22Y Q . -24.64 13.82 17.97
N10 22Y Q . -21.65 12.01 16.83
C11 22Y Q . -21.41 12.65 15.62
C12 22Y Q . -20.93 11.93 14.51
N13 22Y Q . -20.72 12.55 13.36
C14 22Y Q . -20.96 13.85 13.26
C15 22Y Q . -21.46 14.57 14.35
N16 22Y Q . -21.67 13.95 15.51
C17 22Y Q . -21.70 16.03 14.22
C18 22Y Q . -20.70 16.76 13.57
C19 22Y Q . -20.86 18.14 13.41
C20 22Y Q . -21.99 18.77 13.92
C21 22Y Q . -22.97 18.04 14.57
C22 22Y Q . -22.84 16.67 14.73
CL1 22Y Q . -24.12 15.84 15.57
C24 22Y Q . -19.83 18.95 12.74
O25 22Y Q . -18.77 18.44 12.41
O26 22Y Q . -20.05 20.26 12.54
N27 22Y Q . -20.67 10.57 14.61
S SO4 R . -3.71 19.39 -2.45
O1 SO4 R . -4.56 20.47 -2.96
O2 SO4 R . -4.23 18.88 -1.18
O3 SO4 R . -2.35 19.88 -2.25
O4 SO4 R . -3.69 18.27 -3.40
#